data_9G53
#
_entry.id   9G53
#
_cell.length_a   55.670
_cell.length_b   136.770
_cell.length_c   142.550
_cell.angle_alpha   90.00
_cell.angle_beta   90.03
_cell.angle_gamma   90.00
#
_symmetry.space_group_name_H-M   'P 1 21 1'
#
loop_
_entity.id
_entity.type
_entity.pdbx_description
1 polymer 'UDP-N-acetylglucosamine diphosphorylase'
2 polymer 'UDP-N-acetylglucosamine diphosphorylase'
3 non-polymer 2-acetamido-2-deoxy-1-O-phosphono-alpha-D-glucopyranose
4 non-polymer '(3~{S})-3-azanyl-3-thiophen-2-yl-propanoic acid'
5 non-polymer 3-aminobenzonitrile
6 non-polymer 'MAGNESIUM ION'
7 non-polymer 'CHLORIDE ION'
8 water water
#
loop_
_entity_poly.entity_id
_entity_poly.type
_entity_poly.pdbx_seq_one_letter_code
_entity_poly.pdbx_strand_id
1 'polypeptide(L)'
;GPSAEEFQQLRKKYTDAGQGHVFAFVDELQTGERSQLFHQLSSFDPVRINELADKALNPPKADDGPASLEPLPDIATASI
LDSDPKDLEQWYEEGLKLVAGNKVAVVLMAGGQGTRLGSSAPKGCFDIGLPSHKSLFQIQAERIAKLQLLAQRISGKEAV
IPWYVMTSGPTRKPTEEFFEQHKYFGLNKSDVIIFEQGVLPCISNEGKILMESKFKVAVAPDGNGGIYQALLTSGVREDM
RKRGIEHIHTY(YCM)VDNCLVKVADPVFIGFAASKQVDIATKVVRKRNATESVGLILQKNGKPDVVEYSEIDKETAEAK
DPKQPDVLKFRAANIVNHYYSFKFFESIELWAHKLPHHVARKKIPCIKEGTGEFFKPEKPNGIKLEQFVFDVFPMTPLEK
FACIEVRREDEFSPLKNARGTGEDDPDTSKRDIMSQGQRWIEKAGGIVITEGDVVGVEVSPLISYGGEGLEFLKGREIKA
PAFIEKEE
;
B,A
2 'polypeptide(L)'
;GPSAEEFQQLRKKYTDAGQGHVFAFVDELQTGERSQLFHQLSSFDPVRINELADKALNPPKADDGPASLEPLPDIATASI
LDSDPKDLEQWYEEGLKLVAGNKVAVVLMAGGQGTRLGSSAPKGCFDIGLPSHKSLFQIQAERIAKLQLLAQRISGKEAV
IPWYVMTSGPTRKPTEEFFEQHKYFGLNKSDVIIFEQGVLPCISNEGKILMESKFKVAVAPDGNGGIYQALLTSGVREDM
RKRGIEHIHTYCVDNCLVKVADPVFIGFAASKQVDIATKVVRKRNATESVGLILQKNGKPDVVEYSEIDKETAEAKDPKQ
PDVLKFRAANIVNHYYSFKFFESIELWAHKLPHHVARKKIPCIKEGTGEFFKPEKPNGIKLEQFVFDVFPMTPLEKFACI
EVRREDEFSPLKNARGTGEDDPDTSKRDIMSQGQRWIEKAGGIVITEGDVVGVEVSPLISYGGEGLEFLKGREIKAPAFI
EKEE
;
C,D
#
# COMPACT_ATOMS: atom_id res chain seq x y z
N PRO A 2 2.05 -36.57 24.90
CA PRO A 2 2.81 -37.79 25.16
C PRO A 2 2.22 -38.62 26.30
N SER A 3 1.88 -38.00 27.43
CA SER A 3 1.33 -38.76 28.54
C SER A 3 -0.16 -39.03 28.33
N ALA A 4 -0.59 -40.23 28.74
CA ALA A 4 -2.01 -40.57 28.65
C ALA A 4 -2.87 -39.54 29.38
N GLU A 5 -2.36 -39.04 30.51
CA GLU A 5 -3.05 -37.97 31.23
C GLU A 5 -3.28 -36.76 30.34
N GLU A 6 -2.25 -36.33 29.61
CA GLU A 6 -2.39 -35.17 28.74
C GLU A 6 -3.21 -35.50 27.50
N PHE A 7 -2.99 -36.68 26.90
CA PHE A 7 -3.73 -37.02 25.69
C PHE A 7 -5.21 -37.17 25.98
N GLN A 8 -5.56 -37.72 27.13
CA GLN A 8 -6.97 -37.90 27.47
C GLN A 8 -7.64 -36.54 27.73
N GLN A 9 -6.96 -35.63 28.42
CA GLN A 9 -7.55 -34.30 28.67
C GLN A 9 -7.87 -33.57 27.37
N LEU A 10 -6.98 -33.64 26.38
CA LEU A 10 -7.25 -33.03 25.09
C LEU A 10 -8.39 -33.74 24.37
N ARG A 11 -8.43 -35.07 24.47
CA ARG A 11 -9.51 -35.81 23.84
C ARG A 11 -10.86 -35.44 24.47
N LYS A 12 -10.87 -35.17 25.77
CA LYS A 12 -12.10 -34.76 26.42
C LYS A 12 -12.55 -33.38 25.95
N LYS A 13 -11.61 -32.44 25.85
CA LYS A 13 -11.91 -31.09 25.35
C LYS A 13 -12.54 -31.13 23.97
N TYR A 14 -11.91 -31.87 23.04
CA TYR A 14 -12.42 -31.94 21.67
C TYR A 14 -13.73 -32.72 21.58
N THR A 15 -13.81 -33.85 22.28
CA THR A 15 -15.05 -34.64 22.25
C THR A 15 -16.21 -33.89 22.89
N ASP A 16 -15.96 -33.20 24.01
CA ASP A 16 -16.99 -32.35 24.59
C ASP A 16 -17.44 -31.27 23.63
N ALA A 17 -16.53 -30.78 22.78
CA ALA A 17 -16.82 -29.72 21.84
C ALA A 17 -17.46 -30.22 20.56
N GLY A 18 -17.84 -31.50 20.52
CA GLY A 18 -18.40 -32.08 19.31
C GLY A 18 -17.38 -32.32 18.22
N GLN A 19 -16.10 -32.38 18.55
CA GLN A 19 -15.06 -32.58 17.54
C GLN A 19 -14.30 -33.88 17.79
N GLY A 20 -14.96 -34.88 18.39
CA GLY A 20 -14.27 -36.08 18.79
C GLY A 20 -13.77 -36.92 17.64
N HIS A 21 -14.37 -36.76 16.47
CA HIS A 21 -14.00 -37.54 15.28
C HIS A 21 -12.52 -37.39 14.91
N VAL A 22 -11.84 -36.31 15.34
CA VAL A 22 -10.45 -36.17 14.96
C VAL A 22 -9.59 -37.25 15.61
N PHE A 23 -10.10 -37.92 16.65
CA PHE A 23 -9.45 -39.05 17.28
C PHE A 23 -9.89 -40.38 16.71
N ALA A 24 -10.61 -40.37 15.59
CA ALA A 24 -11.22 -41.60 15.10
C ALA A 24 -10.20 -42.67 14.75
N PHE A 25 -8.98 -42.28 14.36
CA PHE A 25 -8.01 -43.24 13.84
C PHE A 25 -6.76 -43.36 14.69
N VAL A 26 -6.80 -42.89 15.94
CA VAL A 26 -5.57 -42.86 16.73
C VAL A 26 -4.98 -44.25 16.97
N ASP A 27 -5.79 -45.31 16.90
CA ASP A 27 -5.22 -46.64 17.09
C ASP A 27 -4.41 -47.12 15.88
N GLU A 28 -4.74 -46.67 14.67
CA GLU A 28 -3.90 -46.95 13.51
C GLU A 28 -2.59 -46.19 13.52
N LEU A 29 -2.34 -45.32 14.49
CA LEU A 29 -1.29 -44.30 14.38
C LEU A 29 0.01 -44.78 15.02
N GLN A 30 1.11 -44.59 14.28
CA GLN A 30 2.44 -44.63 14.88
C GLN A 30 2.58 -43.54 15.93
N THR A 31 3.53 -43.73 16.84
CA THR A 31 3.71 -42.78 17.94
C THR A 31 4.15 -41.40 17.47
N GLY A 32 4.67 -41.28 16.25
CA GLY A 32 5.08 -39.99 15.74
C GLY A 32 3.91 -39.26 15.15
N GLU A 33 3.10 -39.99 14.37
CA GLU A 33 1.84 -39.43 13.88
C GLU A 33 0.88 -39.12 15.02
N ARG A 34 1.06 -39.76 16.17
CA ARG A 34 0.22 -39.50 17.33
C ARG A 34 0.60 -38.18 17.99
N SER A 35 1.89 -37.97 18.19
CA SER A 35 2.36 -36.73 18.79
C SER A 35 2.15 -35.54 17.84
N GLN A 36 2.16 -35.78 16.53
CA GLN A 36 1.82 -34.72 15.59
C GLN A 36 0.37 -34.31 15.74
N LEU A 37 -0.55 -35.29 15.72
CA LEU A 37 -1.96 -35.00 15.95
C LEU A 37 -2.15 -34.29 17.28
N PHE A 38 -1.50 -34.78 18.33
CA PHE A 38 -1.64 -34.17 19.66
C PHE A 38 -1.25 -32.70 19.64
N HIS A 39 -0.04 -32.39 19.16
CA HIS A 39 0.47 -31.03 19.28
C HIS A 39 -0.28 -30.07 18.37
N GLN A 40 -0.69 -30.54 17.19
CA GLN A 40 -1.49 -29.70 16.32
C GLN A 40 -2.86 -29.41 16.96
N LEU A 41 -3.50 -30.44 17.54
CA LEU A 41 -4.78 -30.25 18.21
C LEU A 41 -4.65 -29.36 19.44
N SER A 42 -3.53 -29.46 20.17
CA SER A 42 -3.28 -28.59 21.31
C SER A 42 -3.21 -27.13 20.91
N SER A 43 -2.80 -26.84 19.68
CA SER A 43 -2.62 -25.47 19.21
C SER A 43 -3.93 -24.78 18.86
N PHE A 44 -5.05 -25.51 18.84
CA PHE A 44 -6.36 -24.90 18.59
C PHE A 44 -7.24 -25.09 19.82
N ASP A 45 -8.10 -24.10 20.08
CA ASP A 45 -9.13 -24.23 21.11
C ASP A 45 -10.43 -24.67 20.43
N PRO A 46 -10.87 -25.92 20.60
CA PRO A 46 -12.05 -26.38 19.87
C PRO A 46 -13.28 -25.52 20.10
N VAL A 47 -13.42 -24.94 21.29
CA VAL A 47 -14.57 -24.09 21.53
C VAL A 47 -14.45 -22.80 20.72
N ARG A 48 -13.23 -22.26 20.62
CA ARG A 48 -13.01 -21.16 19.70
C ARG A 48 -13.32 -21.57 18.27
N ILE A 49 -12.88 -22.76 17.86
CA ILE A 49 -13.20 -23.24 16.52
C ILE A 49 -14.70 -23.28 16.31
N ASN A 50 -15.45 -23.82 17.29
CA ASN A 50 -16.91 -23.87 17.19
C ASN A 50 -17.49 -22.47 17.03
N GLU A 51 -16.96 -21.51 17.77
CA GLU A 51 -17.43 -20.11 17.67
C GLU A 51 -17.20 -19.55 16.26
N LEU A 52 -15.96 -19.68 15.74
CA LEU A 52 -15.68 -19.29 14.36
C LEU A 52 -16.64 -19.97 13.38
N ALA A 53 -16.80 -21.29 13.51
CA ALA A 53 -17.62 -22.04 12.56
C ALA A 53 -19.08 -21.61 12.63
N ASP A 54 -19.61 -21.48 13.85
CA ASP A 54 -20.98 -21.03 14.01
C ASP A 54 -21.21 -19.68 13.34
N LYS A 55 -20.30 -18.72 13.57
CA LYS A 55 -20.51 -17.39 12.98
C LYS A 55 -20.36 -17.45 11.46
N ALA A 56 -19.47 -18.31 10.95
CA ALA A 56 -19.30 -18.43 9.50
C ALA A 56 -20.49 -19.15 8.86
N LEU A 57 -21.02 -20.18 9.52
CA LEU A 57 -22.03 -21.04 8.90
C LEU A 57 -23.46 -20.63 9.22
N ASN A 58 -23.70 -19.94 10.34
CA ASN A 58 -24.98 -19.30 10.62
C ASN A 58 -24.77 -17.85 11.04
N PRO A 59 -24.39 -16.99 10.10
CA PRO A 59 -24.09 -15.61 10.46
C PRO A 59 -25.35 -14.84 10.77
N PRO A 60 -25.30 -13.88 11.71
CA PRO A 60 -26.42 -12.96 11.94
C PRO A 60 -26.55 -11.93 10.84
N ALA A 67 -26.40 -1.15 5.33
CA ALA A 67 -25.60 -0.10 5.93
C ALA A 67 -25.16 0.94 4.89
N SER A 68 -24.84 2.14 5.37
CA SER A 68 -24.72 3.33 4.51
C SER A 68 -23.35 3.43 3.85
N LEU A 69 -23.35 3.55 2.50
CA LEU A 69 -22.16 3.46 1.67
C LEU A 69 -22.04 4.72 0.80
N GLU A 70 -20.95 5.45 0.94
CA GLU A 70 -20.70 6.59 0.07
C GLU A 70 -19.22 6.66 -0.28
N PRO A 71 -18.86 7.43 -1.32
CA PRO A 71 -17.43 7.61 -1.61
C PRO A 71 -16.73 8.32 -0.46
N LEU A 72 -15.41 8.17 -0.39
CA LEU A 72 -14.67 8.87 0.65
C LEU A 72 -14.83 10.38 0.47
N PRO A 73 -14.92 11.14 1.56
CA PRO A 73 -15.01 12.59 1.43
C PRO A 73 -13.68 13.15 0.96
N ASP A 74 -13.76 14.21 0.15
CA ASP A 74 -12.57 14.78 -0.46
C ASP A 74 -11.51 15.17 0.55
N ILE A 75 -11.91 15.40 1.81
CA ILE A 75 -10.95 15.75 2.85
C ILE A 75 -10.03 14.58 3.16
N ALA A 76 -10.46 13.36 2.85
CA ALA A 76 -9.64 12.17 3.05
C ALA A 76 -8.95 11.67 1.78
N THR A 77 -9.12 12.34 0.63
CA THR A 77 -8.56 11.83 -0.62
C THR A 77 -7.56 12.81 -1.23
N ALA A 78 -6.70 12.24 -2.08
CA ALA A 78 -5.77 13.02 -2.90
C ALA A 78 -5.55 12.26 -4.20
N SER A 79 -4.87 12.89 -5.14
CA SER A 79 -4.56 12.21 -6.40
C SER A 79 -3.26 12.76 -6.95
N ILE A 80 -2.32 11.85 -7.24
CA ILE A 80 -1.11 12.19 -7.97
C ILE A 80 -1.47 12.88 -9.28
N LEU A 81 -2.61 12.49 -9.87
CA LEU A 81 -3.00 12.99 -11.18
C LEU A 81 -3.37 14.47 -11.17
N ASP A 82 -3.67 15.05 -10.00
CA ASP A 82 -3.92 16.48 -9.98
C ASP A 82 -3.38 17.17 -8.74
N SER A 83 -2.47 16.55 -8.00
CA SER A 83 -1.81 17.29 -6.92
C SER A 83 -0.99 18.44 -7.48
N ASP A 84 -0.91 19.51 -6.70
CA ASP A 84 0.01 20.61 -6.95
C ASP A 84 1.42 20.04 -7.14
N PRO A 85 2.06 20.31 -8.28
CA PRO A 85 3.43 19.84 -8.47
C PRO A 85 4.39 20.22 -7.36
N LYS A 86 4.12 21.32 -6.64
CA LYS A 86 4.96 21.68 -5.50
C LYS A 86 4.76 20.71 -4.34
N ASP A 87 3.53 20.20 -4.19
CA ASP A 87 3.29 19.18 -3.17
C ASP A 87 3.97 17.88 -3.54
N LEU A 88 3.90 17.50 -4.82
CA LEU A 88 4.55 16.26 -5.26
C LEU A 88 6.04 16.31 -4.96
N GLU A 89 6.68 17.44 -5.26
CA GLU A 89 8.11 17.56 -5.00
C GLU A 89 8.40 17.53 -3.51
N GLN A 90 7.63 18.29 -2.72
CA GLN A 90 7.81 18.29 -1.27
C GLN A 90 7.61 16.90 -0.68
N TRP A 91 6.55 16.21 -1.10
CA TRP A 91 6.29 14.85 -0.59
C TRP A 91 7.39 13.89 -1.00
N TYR A 92 7.87 13.98 -2.25
CA TYR A 92 8.97 13.13 -2.67
C TYR A 92 10.19 13.37 -1.79
N GLU A 93 10.58 14.64 -1.64
CA GLU A 93 11.78 14.98 -0.87
C GLU A 93 11.65 14.53 0.58
N GLU A 94 10.50 14.79 1.20
CA GLU A 94 10.34 14.39 2.59
C GLU A 94 10.34 12.88 2.73
N GLY A 95 9.65 12.17 1.84
CA GLY A 95 9.78 10.71 1.77
C GLY A 95 11.23 10.24 1.71
N LEU A 96 12.05 10.87 0.84
CA LEU A 96 13.43 10.39 0.73
C LEU A 96 14.24 10.70 1.97
N LYS A 97 13.90 11.80 2.65
CA LYS A 97 14.54 12.13 3.91
C LYS A 97 14.19 11.12 4.98
N LEU A 98 12.95 10.64 5.00
CA LEU A 98 12.61 9.60 5.96
C LEU A 98 13.38 8.33 5.67
N VAL A 99 13.51 7.95 4.39
CA VAL A 99 14.34 6.80 4.03
C VAL A 99 15.76 7.01 4.51
N ALA A 100 16.30 8.21 4.26
CA ALA A 100 17.67 8.54 4.64
C ALA A 100 17.89 8.52 6.14
N GLY A 101 16.87 8.89 6.91
CA GLY A 101 16.93 8.74 8.35
C GLY A 101 16.74 7.33 8.89
N ASN A 102 16.59 6.33 8.02
CA ASN A 102 16.46 4.92 8.42
C ASN A 102 15.19 4.69 9.24
N LYS A 103 14.12 5.36 8.85
CA LYS A 103 12.84 5.26 9.56
C LYS A 103 11.79 4.51 8.77
N VAL A 104 12.09 4.04 7.56
CA VAL A 104 11.10 3.46 6.68
C VAL A 104 11.37 1.96 6.59
N ALA A 105 10.35 1.16 6.90
CA ALA A 105 10.37 -0.29 6.77
C ALA A 105 9.36 -0.73 5.71
N VAL A 106 9.63 -1.88 5.10
CA VAL A 106 8.73 -2.51 4.15
C VAL A 106 8.30 -3.86 4.69
N VAL A 107 7.01 -4.16 4.61
CA VAL A 107 6.44 -5.47 4.87
C VAL A 107 5.88 -5.96 3.56
N LEU A 108 6.43 -7.06 3.05
CA LEU A 108 5.98 -7.69 1.83
C LEU A 108 5.00 -8.82 2.18
N MET A 109 3.79 -8.76 1.61
CA MET A 109 2.82 -9.82 1.81
C MET A 109 2.97 -10.84 0.69
N ALA A 110 3.54 -12.00 1.03
CA ALA A 110 3.86 -13.03 0.05
C ALA A 110 3.48 -14.41 0.59
N GLY A 111 2.31 -14.52 1.23
CA GLY A 111 1.88 -15.81 1.74
C GLY A 111 0.73 -16.40 0.94
N GLY A 112 0.65 -16.06 -0.35
CA GLY A 112 -0.33 -16.63 -1.24
C GLY A 112 0.28 -17.75 -2.08
N GLN A 113 -0.48 -18.82 -2.27
CA GLN A 113 0.01 -20.03 -2.96
C GLN A 113 0.33 -19.75 -4.44
N THR A 115 -3.35 -19.04 -6.20
CA THR A 115 -3.76 -20.33 -6.74
C THR A 115 -4.15 -20.23 -8.22
N ARG A 116 -4.70 -19.08 -8.61
CA ARG A 116 -5.18 -18.85 -9.96
C ARG A 116 -4.05 -18.94 -10.99
N LEU A 117 -2.82 -19.18 -10.51
CA LEU A 117 -1.63 -19.14 -11.34
C LEU A 117 -1.09 -20.53 -11.71
N GLY A 118 -1.43 -21.55 -10.92
CA GLY A 118 -0.98 -22.92 -11.21
C GLY A 118 0.52 -23.10 -11.26
N SER A 119 1.25 -22.34 -10.46
CA SER A 119 2.69 -22.51 -10.29
C SER A 119 2.97 -23.22 -8.97
N SER A 120 4.00 -24.07 -8.96
CA SER A 120 4.32 -24.79 -7.73
C SER A 120 5.01 -23.88 -6.71
N ALA A 121 5.81 -22.93 -7.20
CA ALA A 121 6.66 -22.11 -6.37
C ALA A 121 5.91 -20.90 -5.84
N PRO A 122 6.44 -20.23 -4.82
CA PRO A 122 5.85 -18.96 -4.39
C PRO A 122 5.67 -18.01 -5.56
N LYS A 123 4.62 -17.18 -5.49
CA LYS A 123 4.33 -16.29 -6.60
C LYS A 123 5.46 -15.29 -6.85
N GLY A 124 6.24 -14.96 -5.80
CA GLY A 124 7.32 -14.00 -5.94
C GLY A 124 8.47 -14.48 -6.79
N CYS A 125 8.66 -15.79 -6.90
CA CYS A 125 9.70 -16.41 -7.71
C CYS A 125 9.40 -16.37 -9.19
N PHE A 126 8.16 -16.08 -9.58
CA PHE A 126 7.73 -16.24 -10.97
C PHE A 126 8.50 -15.33 -11.91
N ASP A 127 8.95 -15.92 -13.01
CA ASP A 127 9.64 -15.21 -14.09
C ASP A 127 8.61 -14.87 -15.15
N ILE A 128 8.29 -13.58 -15.28
CA ILE A 128 7.22 -13.16 -16.17
C ILE A 128 7.73 -13.05 -17.60
N GLY A 129 8.98 -13.44 -17.81
CA GLY A 129 9.52 -13.55 -19.16
C GLY A 129 10.20 -12.29 -19.64
N LEU A 130 10.63 -11.43 -18.73
CA LEU A 130 11.39 -10.26 -19.10
C LEU A 130 12.75 -10.69 -19.66
N PRO A 131 13.36 -9.87 -20.53
CA PRO A 131 14.71 -10.17 -21.03
C PRO A 131 15.71 -10.51 -19.93
N SER A 132 15.58 -9.91 -18.75
CA SER A 132 16.45 -10.25 -17.64
C SER A 132 16.08 -11.57 -16.98
N HIS A 133 14.86 -12.06 -17.20
CA HIS A 133 14.30 -13.19 -16.47
C HIS A 133 14.40 -13.01 -14.96
N LYS A 134 14.26 -11.77 -14.50
CA LYS A 134 14.22 -11.50 -13.07
C LYS A 134 12.86 -11.90 -12.52
N SER A 135 12.87 -12.41 -11.29
CA SER A 135 11.63 -12.72 -10.58
C SER A 135 11.03 -11.45 -9.99
N LEU A 136 9.75 -11.54 -9.64
CA LEU A 136 9.08 -10.45 -8.93
C LEU A 136 9.85 -10.08 -7.67
N PHE A 137 10.27 -11.07 -6.89
CA PHE A 137 11.08 -10.79 -5.71
C PHE A 137 12.28 -9.92 -6.06
N GLN A 138 13.03 -10.33 -7.09
CA GLN A 138 14.28 -9.65 -7.38
C GLN A 138 14.04 -8.21 -7.82
N ILE A 139 13.07 -8.00 -8.72
CA ILE A 139 12.69 -6.65 -9.11
C ILE A 139 12.37 -5.81 -7.88
N GLN A 140 11.63 -6.40 -6.93
CA GLN A 140 11.23 -5.63 -5.76
C GLN A 140 12.43 -5.30 -4.88
N ALA A 141 13.32 -6.28 -4.68
CA ALA A 141 14.54 -6.02 -3.91
C ALA A 141 15.38 -4.93 -4.56
N GLU A 142 15.37 -4.87 -5.89
CA GLU A 142 16.24 -3.91 -6.58
C GLU A 142 15.69 -2.49 -6.48
N ARG A 143 14.36 -2.36 -6.40
CA ARG A 143 13.77 -1.06 -6.08
C ARG A 143 14.19 -0.62 -4.69
N ILE A 144 14.19 -1.53 -3.74
CA ILE A 144 14.72 -1.25 -2.42
C ILE A 144 16.16 -0.78 -2.52
N ALA A 145 17.01 -1.56 -3.22
CA ALA A 145 18.42 -1.20 -3.34
C ALA A 145 18.57 0.19 -3.95
N LYS A 146 17.81 0.47 -5.01
CA LYS A 146 17.90 1.75 -5.70
C LYS A 146 17.42 2.89 -4.82
N LEU A 147 16.31 2.69 -4.11
CA LEU A 147 15.80 3.73 -3.22
C LEU A 147 16.81 4.07 -2.15
N GLN A 148 17.43 3.06 -1.53
CA GLN A 148 18.48 3.33 -0.55
C GLN A 148 19.62 4.16 -1.16
N LEU A 149 19.94 3.95 -2.44
CA LEU A 149 20.99 4.73 -3.09
C LEU A 149 20.55 6.17 -3.32
N LEU A 150 19.36 6.36 -3.92
CA LEU A 150 18.82 7.71 -4.09
C LEU A 150 18.78 8.49 -2.78
N ALA A 151 18.47 7.83 -1.66
CA ALA A 151 18.37 8.56 -0.40
C ALA A 151 19.74 8.97 0.12
N GLN A 152 20.75 8.14 -0.13
CA GLN A 152 22.13 8.52 0.17
C GLN A 152 22.57 9.75 -0.62
N ARG A 153 22.02 9.96 -1.81
CA ARG A 153 22.38 11.12 -2.60
C ARG A 153 22.02 12.42 -1.88
N ILE A 154 21.08 12.39 -0.93
CA ILE A 154 20.64 13.56 -0.19
C ILE A 154 21.08 13.49 1.28
N SER A 155 21.94 12.55 1.63
CA SER A 155 22.53 12.56 2.98
C SER A 155 24.02 12.31 2.99
N GLY A 156 24.58 11.70 1.95
CA GLY A 156 25.95 11.23 2.03
C GLY A 156 26.17 10.18 3.09
N LYS A 157 25.11 9.46 3.49
CA LYS A 157 25.23 8.38 4.46
C LYS A 157 24.40 7.19 4.02
N GLU A 158 24.82 6.00 4.45
CA GLU A 158 24.05 4.79 4.16
C GLU A 158 22.60 4.97 4.60
N ALA A 159 21.68 4.50 3.76
CA ALA A 159 20.26 4.42 4.07
C ALA A 159 19.82 2.95 4.06
N VAL A 160 18.99 2.57 5.02
CA VAL A 160 18.57 1.18 5.20
C VAL A 160 17.04 1.12 5.27
N ILE A 161 16.44 0.37 4.35
CA ILE A 161 15.02 0.04 4.39
C ILE A 161 14.90 -1.44 4.74
N PRO A 162 14.64 -1.81 5.99
CA PRO A 162 14.49 -3.24 6.30
C PRO A 162 13.31 -3.82 5.52
N TRP A 163 13.51 -5.05 5.04
CA TRP A 163 12.55 -5.79 4.22
C TRP A 163 12.03 -6.98 5.03
N TYR A 164 10.79 -6.88 5.52
CA TYR A 164 10.12 -7.94 6.26
C TYR A 164 9.20 -8.69 5.31
N VAL A 165 9.49 -9.97 5.07
CA VAL A 165 8.82 -10.78 4.05
C VAL A 165 7.89 -11.78 4.73
N MET A 166 6.58 -11.57 4.62
CA MET A 166 5.60 -12.43 5.26
C MET A 166 5.21 -13.54 4.32
N THR A 167 5.49 -14.76 4.72
CA THR A 167 5.18 -15.96 3.97
C THR A 167 4.11 -16.76 4.70
N SER A 168 3.73 -17.86 4.10
CA SER A 168 2.83 -18.81 4.73
C SER A 168 3.54 -20.14 4.84
N GLY A 169 2.99 -21.04 5.65
CA GLY A 169 3.45 -22.41 5.71
C GLY A 169 3.80 -22.95 4.33
N PRO A 170 2.84 -22.92 3.42
CA PRO A 170 3.11 -23.35 2.03
C PRO A 170 4.32 -22.68 1.37
N THR A 171 4.53 -21.38 1.55
CA THR A 171 5.57 -20.68 0.78
C THR A 171 6.85 -20.40 1.56
N ARG A 172 6.84 -20.54 2.89
CA ARG A 172 7.98 -20.07 3.68
C ARG A 172 9.29 -20.70 3.23
N LYS A 173 9.41 -22.03 3.33
CA LYS A 173 10.68 -22.68 3.03
C LYS A 173 11.19 -22.41 1.62
N PRO A 174 10.38 -22.55 0.56
CA PRO A 174 10.90 -22.21 -0.79
C PRO A 174 11.29 -20.75 -0.93
N THR A 175 10.57 -19.84 -0.28
CA THR A 175 10.96 -18.43 -0.31
C THR A 175 12.35 -18.24 0.27
N GLU A 176 12.60 -18.82 1.44
CA GLU A 176 13.91 -18.64 2.08
C GLU A 176 15.03 -19.20 1.21
N GLU A 177 14.84 -20.41 0.67
CA GLU A 177 15.85 -20.99 -0.22
C GLU A 177 16.11 -20.07 -1.40
N PHE A 178 15.03 -19.58 -2.03
CA PHE A 178 15.14 -18.70 -3.20
C PHE A 178 15.95 -17.45 -2.89
N PHE A 179 15.64 -16.80 -1.77
CA PHE A 179 16.43 -15.62 -1.37
C PHE A 179 17.88 -16.00 -1.16
N GLU A 180 18.11 -17.13 -0.49
CA GLU A 180 19.48 -17.53 -0.18
C GLU A 180 20.26 -17.87 -1.45
N GLN A 181 19.60 -18.53 -2.41
CA GLN A 181 20.26 -18.88 -3.65
C GLN A 181 20.65 -17.64 -4.45
N HIS A 182 19.88 -16.56 -4.34
CA HIS A 182 20.18 -15.31 -5.00
C HIS A 182 20.97 -14.37 -4.13
N LYS A 183 21.47 -14.85 -2.99
CA LYS A 183 22.22 -14.02 -2.05
C LYS A 183 21.46 -12.74 -1.73
N TYR A 184 20.14 -12.88 -1.53
CA TYR A 184 19.28 -11.79 -1.10
C TYR A 184 19.29 -10.63 -2.08
N PHE A 185 19.58 -10.93 -3.36
CA PHE A 185 19.47 -9.97 -4.46
C PHE A 185 20.39 -8.77 -4.26
N GLY A 186 21.44 -8.97 -3.47
CA GLY A 186 22.41 -7.92 -3.24
C GLY A 186 22.11 -7.04 -2.07
N LEU A 187 21.00 -7.27 -1.37
CA LEU A 187 20.79 -6.60 -0.10
C LEU A 187 21.62 -7.28 0.97
N ASN A 188 21.71 -6.65 2.13
CA ASN A 188 22.35 -7.28 3.27
C ASN A 188 21.40 -8.28 3.92
N LYS A 189 21.87 -9.53 4.07
CA LYS A 189 21.04 -10.57 4.67
C LYS A 189 20.48 -10.13 6.02
N SER A 190 21.22 -9.34 6.78
CA SER A 190 20.78 -8.90 8.10
C SER A 190 19.71 -7.81 8.05
N ASP A 191 19.32 -7.36 6.86
CA ASP A 191 18.24 -6.38 6.74
C ASP A 191 17.03 -6.95 6.01
N VAL A 192 17.02 -8.27 5.76
CA VAL A 192 15.89 -8.96 5.16
C VAL A 192 15.47 -10.06 6.12
N ILE A 193 14.22 -10.01 6.57
CA ILE A 193 13.68 -10.98 7.54
C ILE A 193 12.49 -11.67 6.88
N ILE A 194 12.54 -13.01 6.84
CA ILE A 194 11.41 -13.80 6.39
C ILE A 194 10.68 -14.29 7.62
N PHE A 195 9.36 -14.12 7.64
CA PHE A 195 8.56 -14.62 8.74
C PHE A 195 7.28 -15.20 8.16
N GLU A 196 6.46 -15.78 9.04
CA GLU A 196 5.33 -16.56 8.60
C GLU A 196 4.08 -16.08 9.30
N GLN A 197 2.99 -15.94 8.54
CA GLN A 197 1.66 -15.78 9.11
C GLN A 197 1.18 -17.12 9.68
N GLY A 198 0.09 -17.08 10.45
CA GLY A 198 -0.48 -18.27 11.06
C GLY A 198 -1.56 -18.93 10.21
N VAL A 199 -2.29 -19.85 10.84
CA VAL A 199 -3.28 -20.67 10.14
C VAL A 199 -4.55 -20.75 10.95
N LEU A 200 -5.64 -21.11 10.26
CA LEU A 200 -6.87 -21.58 10.89
C LEU A 200 -7.28 -22.91 10.29
N PRO A 201 -7.94 -23.77 11.07
CA PRO A 201 -8.37 -25.06 10.53
C PRO A 201 -9.48 -24.85 9.51
N CYS A 202 -9.47 -25.70 8.49
CA CYS A 202 -10.58 -25.73 7.54
C CYS A 202 -11.77 -26.46 8.15
N ILE A 203 -12.98 -25.99 7.85
CA ILE A 203 -14.21 -26.38 8.55
C ILE A 203 -15.18 -26.94 7.52
N SER A 204 -15.79 -28.09 7.83
CA SER A 204 -16.76 -28.68 6.92
C SER A 204 -18.04 -27.86 6.91
N ASN A 205 -18.91 -28.16 5.93
CA ASN A 205 -20.21 -27.50 5.87
C ASN A 205 -21.07 -27.78 7.11
N GLU A 206 -20.77 -28.83 7.87
CA GLU A 206 -21.53 -29.11 9.09
C GLU A 206 -20.84 -28.59 10.34
N GLY A 207 -19.72 -27.89 10.19
CA GLY A 207 -19.04 -27.33 11.34
C GLY A 207 -17.99 -28.21 11.95
N LYS A 208 -17.56 -29.26 11.25
CA LYS A 208 -16.60 -30.22 11.79
C LYS A 208 -15.20 -29.89 11.28
N ILE A 209 -14.21 -30.09 12.15
CA ILE A 209 -12.82 -29.94 11.74
C ILE A 209 -12.52 -30.96 10.67
N LEU A 210 -11.93 -30.51 9.56
CA LEU A 210 -11.59 -31.41 8.47
C LEU A 210 -10.20 -32.00 8.69
N MET A 211 -10.07 -33.29 8.37
CA MET A 211 -8.84 -34.04 8.60
C MET A 211 -8.12 -34.25 7.28
N GLU A 212 -6.85 -33.82 7.20
CA GLU A 212 -6.13 -33.96 5.95
C GLU A 212 -5.57 -35.36 5.80
N SER A 213 -4.98 -35.91 6.86
CA SER A 213 -4.66 -37.31 7.00
C SER A 213 -5.33 -37.84 8.26
N LYS A 214 -5.12 -39.13 8.55
CA LYS A 214 -5.62 -39.68 9.80
C LYS A 214 -4.91 -39.10 11.01
N PHE A 215 -3.86 -38.29 10.83
CA PHE A 215 -3.14 -37.71 11.97
C PHE A 215 -2.91 -36.21 11.83
N LYS A 216 -3.50 -35.55 10.82
CA LYS A 216 -3.25 -34.13 10.60
C LYS A 216 -4.55 -33.42 10.24
N VAL A 217 -4.83 -32.33 10.97
CA VAL A 217 -5.95 -31.45 10.66
C VAL A 217 -5.62 -30.63 9.43
N ALA A 218 -6.59 -30.50 8.53
CA ALA A 218 -6.50 -29.58 7.40
C ALA A 218 -6.58 -28.15 7.90
N VAL A 219 -5.56 -27.35 7.59
CA VAL A 219 -5.48 -25.93 7.95
C VAL A 219 -5.11 -25.13 6.71
N ALA A 220 -5.27 -23.82 6.81
CA ALA A 220 -4.99 -22.92 5.70
C ALA A 220 -4.50 -21.60 6.26
N PRO A 221 -3.62 -20.89 5.54
CA PRO A 221 -3.20 -19.56 5.97
C PRO A 221 -4.38 -18.66 6.29
N ASP A 222 -4.21 -17.83 7.31
CA ASP A 222 -5.32 -17.07 7.89
C ASP A 222 -5.58 -15.72 7.18
N GLY A 223 -5.19 -15.58 5.92
CA GLY A 223 -5.47 -14.37 5.17
C GLY A 223 -4.41 -13.31 5.41
N ASN A 224 -4.34 -12.35 4.49
CA ASN A 224 -3.30 -11.34 4.67
C ASN A 224 -3.58 -10.48 5.90
N GLY A 225 -4.82 -10.44 6.37
CA GLY A 225 -5.12 -9.81 7.65
C GLY A 225 -4.38 -10.43 8.81
N GLY A 226 -3.90 -11.67 8.65
CA GLY A 226 -3.03 -12.26 9.67
C GLY A 226 -1.72 -11.53 9.87
N ILE A 227 -1.38 -10.56 9.00
CA ILE A 227 -0.11 -9.85 9.12
C ILE A 227 0.08 -9.29 10.52
N TYR A 228 -0.97 -8.72 11.12
CA TYR A 228 -0.81 -7.96 12.36
C TYR A 228 -0.43 -8.87 13.53
N GLN A 229 -1.17 -9.95 13.74
CA GLN A 229 -0.76 -10.89 14.78
C GLN A 229 0.59 -11.51 14.45
N ALA A 230 0.88 -11.75 13.17
CA ALA A 230 2.19 -12.26 12.80
C ALA A 230 3.32 -11.28 13.10
N LEU A 231 3.04 -9.97 13.03
CA LEU A 231 4.09 -8.99 13.36
C LEU A 231 4.53 -9.11 14.81
N LEU A 232 3.64 -9.55 15.69
CA LEU A 232 3.97 -9.65 17.10
C LEU A 232 4.72 -10.94 17.40
N THR A 233 4.11 -12.09 17.09
CA THR A 233 4.70 -13.34 17.54
C THR A 233 6.00 -13.66 16.80
N SER A 234 6.17 -13.14 15.57
CA SER A 234 7.43 -13.33 14.86
C SER A 234 8.57 -12.48 15.41
N GLY A 235 8.26 -11.38 16.10
CA GLY A 235 9.28 -10.48 16.56
C GLY A 235 9.58 -9.32 15.64
N VAL A 236 8.88 -9.21 14.49
CA VAL A 236 9.16 -8.15 13.54
C VAL A 236 8.89 -6.78 14.14
N ARG A 237 7.74 -6.63 14.82
CA ARG A 237 7.45 -5.33 15.42
C ARG A 237 8.57 -4.92 16.37
N GLU A 238 9.03 -5.85 17.20
CA GLU A 238 10.13 -5.59 18.11
C GLU A 238 11.39 -5.18 17.35
N ASP A 239 11.68 -5.86 16.24
CA ASP A 239 12.84 -5.47 15.44
C ASP A 239 12.68 -4.07 14.87
N MET A 240 11.49 -3.75 14.37
CA MET A 240 11.20 -2.42 13.87
C MET A 240 11.44 -1.37 14.95
N ARG A 241 10.94 -1.64 16.16
CA ARG A 241 11.17 -0.74 17.29
C ARG A 241 12.66 -0.57 17.55
N LYS A 242 13.42 -1.66 17.48
CA LYS A 242 14.86 -1.56 17.75
C LYS A 242 15.55 -0.71 16.69
N ARG A 243 15.11 -0.81 15.43
CA ARG A 243 15.69 -0.04 14.34
C ARG A 243 15.22 1.41 14.32
N GLY A 244 14.32 1.80 15.23
CA GLY A 244 13.76 3.14 15.22
C GLY A 244 12.82 3.41 14.06
N ILE A 245 12.19 2.36 13.52
CA ILE A 245 11.27 2.56 12.40
C ILE A 245 10.09 3.43 12.85
N GLU A 246 9.63 4.31 11.97
CA GLU A 246 8.42 5.06 12.24
C GLU A 246 7.39 5.01 11.11
N HIS A 247 7.76 4.53 9.93
CA HIS A 247 6.85 4.49 8.78
C HIS A 247 7.00 3.13 8.09
N ILE A 248 5.88 2.48 7.75
CA ILE A 248 5.90 1.16 7.16
C ILE A 248 5.08 1.17 5.87
N HIS A 249 5.66 0.63 4.80
CA HIS A 249 4.95 0.39 3.56
C HIS A 249 4.65 -1.10 3.45
N THR A 250 3.39 -1.45 3.26
CA THR A 250 2.97 -2.84 3.08
C THR A 250 2.35 -2.99 1.72
N TYR A 251 2.65 -4.10 1.04
CA TYR A 251 2.15 -4.26 -0.30
C TYR A 251 2.07 -5.75 -0.67
N VAL A 253 2.83 -9.09 -3.06
CA VAL A 253 3.91 -9.60 -3.90
C VAL A 253 3.59 -9.63 -5.41
N ASP A 254 2.32 -9.67 -5.79
CA ASP A 254 1.99 -10.03 -7.17
C ASP A 254 1.99 -8.86 -8.15
N ASN A 255 2.28 -7.65 -7.70
CA ASN A 255 2.18 -6.43 -8.52
C ASN A 255 3.58 -6.10 -9.03
N CYS A 256 3.85 -6.41 -10.30
CA CYS A 256 5.21 -6.17 -10.81
C CYS A 256 5.57 -4.69 -10.93
N LEU A 257 4.60 -3.79 -10.89
CA LEU A 257 4.90 -2.36 -10.95
C LEU A 257 5.03 -1.73 -9.57
N VAL A 258 4.90 -2.50 -8.48
CA VAL A 258 4.83 -1.89 -7.15
C VAL A 258 6.04 -0.98 -6.93
N LYS A 259 5.75 0.29 -6.61
CA LYS A 259 6.79 1.23 -6.20
C LYS A 259 7.08 0.99 -4.72
N VAL A 260 8.06 0.13 -4.47
CA VAL A 260 8.36 -0.27 -3.10
C VAL A 260 8.84 0.94 -2.33
N ALA A 261 8.23 1.17 -1.17
CA ALA A 261 8.66 2.22 -0.25
C ALA A 261 8.63 3.59 -0.92
N ASP A 262 7.65 3.77 -1.82
CA ASP A 262 7.50 4.93 -2.69
C ASP A 262 7.69 6.24 -1.91
N PRO A 263 8.72 7.03 -2.20
CA PRO A 263 8.97 8.25 -1.41
C PRO A 263 7.84 9.24 -1.45
N VAL A 264 7.11 9.35 -2.57
CA VAL A 264 6.02 10.29 -2.62
C VAL A 264 4.89 9.84 -1.69
N PHE A 265 4.58 8.53 -1.72
CA PHE A 265 3.55 7.97 -0.85
C PHE A 265 3.90 8.18 0.60
N ILE A 266 5.13 7.84 0.98
CA ILE A 266 5.56 7.99 2.36
C ILE A 266 5.52 9.46 2.77
N GLY A 267 6.16 10.34 1.98
CA GLY A 267 6.15 11.76 2.32
C GLY A 267 4.75 12.31 2.45
N PHE A 268 3.86 11.88 1.56
CA PHE A 268 2.48 12.33 1.58
C PHE A 268 1.78 11.93 2.88
N ALA A 269 1.96 10.68 3.31
CA ALA A 269 1.27 10.21 4.52
C ALA A 269 1.89 10.84 5.76
N ALA A 270 3.21 10.89 5.81
CA ALA A 270 3.88 11.42 7.01
C ALA A 270 3.60 12.90 7.19
N SER A 271 3.47 13.66 6.10
CA SER A 271 3.16 15.08 6.22
C SER A 271 1.69 15.31 6.57
N LYS A 272 0.80 14.43 6.13
CA LYS A 272 -0.58 14.52 6.63
C LYS A 272 -0.72 13.94 8.01
N GLN A 273 0.30 13.23 8.50
CA GLN A 273 0.31 12.69 9.85
C GLN A 273 -0.81 11.68 10.09
N VAL A 274 -1.09 10.85 9.08
CA VAL A 274 -2.14 9.83 9.25
C VAL A 274 -1.57 8.61 9.97
N ASP A 275 -2.47 7.88 10.63
CA ASP A 275 -2.17 6.50 11.05
C ASP A 275 -2.03 5.59 9.84
N ILE A 276 -2.84 5.80 8.82
CA ILE A 276 -2.99 4.85 7.73
C ILE A 276 -3.24 5.61 6.46
N ALA A 277 -2.52 5.25 5.39
CA ALA A 277 -2.82 5.70 4.05
C ALA A 277 -2.80 4.49 3.11
N THR A 278 -3.44 4.64 1.96
CA THR A 278 -3.62 3.53 1.04
C THR A 278 -3.71 4.10 -0.37
N LYS A 279 -3.23 3.33 -1.36
CA LYS A 279 -3.28 3.73 -2.75
C LYS A 279 -4.43 3.06 -3.50
N VAL A 280 -5.00 3.80 -4.45
CA VAL A 280 -6.06 3.30 -5.32
C VAL A 280 -5.73 3.71 -6.74
N VAL A 281 -6.39 3.02 -7.67
CA VAL A 281 -6.41 3.41 -9.08
C VAL A 281 -7.87 3.37 -9.50
N ARG A 282 -8.17 4.06 -10.59
CA ARG A 282 -9.53 4.06 -11.13
CA ARG A 282 -9.53 4.05 -11.08
C ARG A 282 -9.91 2.65 -11.55
N LYS A 283 -11.04 2.16 -11.03
CA LYS A 283 -11.50 0.81 -11.36
C LYS A 283 -11.73 0.68 -12.86
N ARG A 284 -11.22 -0.42 -13.45
CA ARG A 284 -11.24 -0.50 -14.91
C ARG A 284 -12.65 -0.75 -15.46
N ASN A 285 -13.48 -1.49 -14.73
CA ASN A 285 -14.89 -1.67 -15.10
C ASN A 285 -15.61 -2.29 -13.91
N ALA A 286 -16.90 -2.55 -14.09
CA ALA A 286 -17.74 -2.90 -12.95
C ALA A 286 -17.36 -4.26 -12.36
N THR A 287 -16.82 -5.18 -13.16
CA THR A 287 -16.57 -6.55 -12.72
C THR A 287 -15.13 -6.81 -12.31
N GLU A 288 -14.27 -5.79 -12.27
CA GLU A 288 -12.87 -6.01 -11.92
C GLU A 288 -12.76 -6.56 -10.49
N SER A 289 -11.87 -7.54 -10.32
CA SER A 289 -11.75 -8.27 -9.06
C SER A 289 -10.86 -7.48 -8.10
N VAL A 290 -11.40 -6.35 -7.65
CA VAL A 290 -10.69 -5.48 -6.71
C VAL A 290 -11.65 -5.03 -5.61
N GLY A 291 -11.13 -4.89 -4.40
CA GLY A 291 -11.87 -4.19 -3.36
C GLY A 291 -12.02 -2.72 -3.68
N LEU A 292 -13.15 -2.15 -3.24
CA LEU A 292 -13.46 -0.75 -3.47
C LEU A 292 -13.34 0.02 -2.17
N ILE A 293 -12.52 1.06 -2.17
CA ILE A 293 -12.28 1.88 -0.99
C ILE A 293 -13.32 3.00 -0.98
N LEU A 294 -13.98 3.17 0.18
CA LEU A 294 -15.17 3.99 0.27
C LEU A 294 -15.41 4.36 1.73
N GLN A 295 -16.54 5.03 1.98
CA GLN A 295 -16.95 5.46 3.30
C GLN A 295 -18.15 4.63 3.70
N LYS A 296 -18.01 3.86 4.78
CA LYS A 296 -19.07 2.99 5.28
C LYS A 296 -19.41 3.40 6.71
N ASN A 297 -20.66 3.77 6.94
CA ASN A 297 -21.10 4.22 8.27
C ASN A 297 -20.22 5.35 8.79
N GLY A 298 -19.83 6.24 7.88
CA GLY A 298 -18.97 7.37 8.23
C GLY A 298 -17.52 7.05 8.50
N LYS A 299 -17.06 5.85 8.18
CA LYS A 299 -15.67 5.45 8.43
C LYS A 299 -15.02 4.95 7.14
N PRO A 300 -13.69 5.04 7.04
CA PRO A 300 -13.01 4.48 5.85
C PRO A 300 -13.16 2.97 5.84
N ASP A 301 -13.47 2.43 4.66
CA ASP A 301 -13.69 0.99 4.61
C ASP A 301 -13.40 0.48 3.20
N VAL A 302 -13.42 -0.84 3.05
CA VAL A 302 -13.20 -1.56 1.80
C VAL A 302 -14.26 -2.65 1.70
N VAL A 303 -15.01 -2.66 0.59
CA VAL A 303 -15.86 -3.80 0.24
C VAL A 303 -15.09 -4.65 -0.76
N GLU A 304 -14.83 -5.90 -0.40
CA GLU A 304 -14.09 -6.79 -1.28
C GLU A 304 -14.97 -7.21 -2.46
N TYR A 305 -14.31 -7.52 -3.60
CA TYR A 305 -15.07 -7.81 -4.81
C TYR A 305 -15.91 -9.06 -4.66
N SER A 306 -15.52 -9.95 -3.74
CA SER A 306 -16.23 -11.21 -3.50
C SER A 306 -17.42 -11.03 -2.58
N GLU A 307 -17.61 -9.85 -2.02
CA GLU A 307 -18.68 -9.61 -1.06
C GLU A 307 -19.63 -8.52 -1.47
N ILE A 308 -19.32 -7.78 -2.54
CA ILE A 308 -20.12 -6.64 -2.95
C ILE A 308 -21.33 -7.13 -3.73
N ASP A 309 -22.45 -6.41 -3.59
CA ASP A 309 -23.64 -6.70 -4.37
C ASP A 309 -23.48 -6.20 -5.80
N LYS A 310 -24.23 -6.81 -6.71
CA LYS A 310 -24.24 -6.36 -8.10
C LYS A 310 -24.73 -4.93 -8.19
N GLU A 311 -25.76 -4.58 -7.42
CA GLU A 311 -26.31 -3.22 -7.45
C GLU A 311 -25.26 -2.20 -7.02
N THR A 312 -24.43 -2.53 -6.03
CA THR A 312 -23.41 -1.60 -5.59
C THR A 312 -22.31 -1.46 -6.64
N ALA A 313 -21.87 -2.58 -7.22
CA ALA A 313 -20.82 -2.56 -8.22
C ALA A 313 -21.21 -1.75 -9.46
N GLU A 314 -22.51 -1.67 -9.78
CA GLU A 314 -22.96 -1.02 -11.00
C GLU A 314 -23.55 0.38 -10.77
N ALA A 315 -23.67 0.82 -9.52
CA ALA A 315 -24.19 2.16 -9.27
C ALA A 315 -23.38 3.19 -10.06
N LYS A 316 -24.05 4.30 -10.41
CA LYS A 316 -23.46 5.31 -11.30
C LYS A 316 -23.45 6.68 -10.63
N ASP A 317 -22.40 7.46 -10.92
CA ASP A 317 -22.37 8.85 -10.48
C ASP A 317 -23.48 9.63 -11.16
N PRO A 318 -24.18 10.51 -10.44
CA PRO A 318 -25.38 11.14 -11.01
C PRO A 318 -25.11 11.91 -12.29
N LYS A 319 -24.28 12.94 -12.22
CA LYS A 319 -24.02 13.76 -13.41
C LYS A 319 -23.12 13.07 -14.41
N GLN A 320 -22.68 11.84 -14.14
CA GLN A 320 -21.87 11.05 -15.07
C GLN A 320 -22.48 9.65 -15.16
N PRO A 321 -23.44 9.45 -16.07
CA PRO A 321 -24.21 8.19 -16.08
C PRO A 321 -23.41 6.99 -16.58
N ASP A 322 -22.25 7.20 -17.18
CA ASP A 322 -21.42 6.10 -17.64
C ASP A 322 -20.21 5.86 -16.73
N VAL A 323 -20.17 6.48 -15.55
CA VAL A 323 -19.06 6.24 -14.64
C VAL A 323 -19.60 5.60 -13.37
N LEU A 324 -18.78 4.73 -12.79
CA LEU A 324 -19.18 4.00 -11.59
C LEU A 324 -19.14 4.92 -10.38
N LYS A 325 -20.16 4.78 -9.52
CA LYS A 325 -20.18 5.58 -8.30
C LYS A 325 -19.01 5.23 -7.38
N PHE A 326 -18.69 3.94 -7.29
CA PHE A 326 -17.58 3.45 -6.49
C PHE A 326 -16.52 2.93 -7.45
N ARG A 327 -15.44 3.67 -7.59
CA ARG A 327 -14.40 3.26 -8.54
C ARG A 327 -13.00 3.45 -7.96
N ALA A 328 -12.86 3.56 -6.64
CA ALA A 328 -11.54 3.61 -5.99
C ALA A 328 -11.06 2.18 -5.74
N ALA A 329 -10.36 1.61 -6.73
CA ALA A 329 -9.90 0.24 -6.65
C ALA A 329 -8.67 0.11 -5.75
N ASN A 330 -8.75 -0.80 -4.78
CA ASN A 330 -7.66 -1.09 -3.84
C ASN A 330 -6.52 -1.80 -4.56
N ILE A 331 -5.31 -1.22 -4.52
CA ILE A 331 -4.16 -1.90 -5.12
C ILE A 331 -3.21 -2.44 -4.06
N VAL A 332 -3.69 -2.60 -2.82
CA VAL A 332 -2.92 -3.26 -1.76
C VAL A 332 -1.57 -2.59 -1.61
N ASN A 333 -1.58 -1.27 -1.41
CA ASN A 333 -0.36 -0.52 -1.10
C ASN A 333 -0.73 0.37 0.07
N HIS A 334 -0.24 0.01 1.25
CA HIS A 334 -0.71 0.58 2.50
C HIS A 334 0.44 1.24 3.23
N TYR A 335 0.16 2.35 3.91
CA TYR A 335 1.08 3.00 4.82
C TYR A 335 0.59 2.86 6.25
N TYR A 336 1.51 2.61 7.18
CA TYR A 336 1.22 2.68 8.61
C TYR A 336 2.25 3.55 9.33
N SER A 337 1.80 4.27 10.34
CA SER A 337 2.74 4.77 11.33
C SER A 337 3.16 3.61 12.24
N PHE A 338 4.34 3.73 12.82
CA PHE A 338 4.73 2.74 13.81
C PHE A 338 3.83 2.80 15.03
N LYS A 339 3.41 4.01 15.42
CA LYS A 339 2.50 4.15 16.55
C LYS A 339 1.28 3.24 16.40
N PHE A 340 0.76 3.11 15.17
CA PHE A 340 -0.41 2.27 14.95
C PHE A 340 -0.09 0.79 15.20
N PHE A 341 1.05 0.30 14.69
CA PHE A 341 1.45 -1.08 14.99
C PHE A 341 1.63 -1.30 16.47
N GLU A 342 1.97 -0.25 17.22
CA GLU A 342 2.16 -0.44 18.65
C GLU A 342 0.85 -0.74 19.39
N SER A 343 -0.29 -0.61 18.72
CA SER A 343 -1.60 -0.88 19.32
C SER A 343 -2.18 -2.24 18.91
N ILE A 344 -1.44 -3.07 18.17
CA ILE A 344 -2.01 -4.28 17.59
C ILE A 344 -2.74 -5.14 18.63
N GLU A 345 -2.14 -5.29 19.82
CA GLU A 345 -2.73 -6.20 20.82
C GLU A 345 -4.14 -5.78 21.23
N LEU A 346 -4.50 -4.50 21.12
CA LEU A 346 -5.83 -4.06 21.53
C LEU A 346 -6.92 -4.48 20.56
N TRP A 347 -6.60 -4.71 19.30
CA TRP A 347 -7.65 -4.90 18.32
C TRP A 347 -7.42 -6.04 17.34
N ALA A 348 -6.34 -6.80 17.47
CA ALA A 348 -6.10 -7.88 16.52
C ALA A 348 -7.23 -8.90 16.53
N HIS A 349 -7.91 -9.05 17.67
CA HIS A 349 -9.00 -9.99 17.81
C HIS A 349 -10.32 -9.46 17.24
N LYS A 350 -10.42 -8.15 16.98
CA LYS A 350 -11.64 -7.59 16.41
C LYS A 350 -11.76 -7.78 14.91
N LEU A 351 -10.72 -8.33 14.28
CA LEU A 351 -10.72 -8.48 12.82
C LEU A 351 -11.72 -9.57 12.41
N PRO A 352 -12.62 -9.27 11.48
CA PRO A 352 -13.61 -10.27 11.06
C PRO A 352 -12.94 -11.42 10.32
N HIS A 353 -13.66 -12.56 10.28
CA HIS A 353 -13.25 -13.71 9.49
C HIS A 353 -14.15 -13.80 8.26
N HIS A 354 -13.56 -13.57 7.09
CA HIS A 354 -14.24 -13.74 5.82
C HIS A 354 -14.25 -15.21 5.45
N VAL A 355 -15.28 -15.63 4.70
CA VAL A 355 -15.61 -17.03 4.51
C VAL A 355 -15.64 -17.33 3.02
N ALA A 356 -14.90 -18.35 2.60
CA ALA A 356 -14.91 -18.85 1.24
C ALA A 356 -15.28 -20.33 1.24
N ARG A 357 -16.20 -20.71 0.36
CA ARG A 357 -16.54 -22.11 0.18
C ARG A 357 -15.51 -22.80 -0.71
N LYS A 358 -14.93 -23.90 -0.21
CA LYS A 358 -13.82 -24.58 -0.86
C LYS A 358 -14.09 -26.06 -1.02
N LYS A 359 -13.38 -26.66 -1.98
CA LYS A 359 -13.23 -28.10 -2.09
C LYS A 359 -11.92 -28.47 -1.40
N ILE A 360 -12.03 -29.09 -0.23
CA ILE A 360 -10.86 -29.40 0.60
C ILE A 360 -10.72 -30.93 0.65
N PRO A 361 -9.70 -31.50 0.02
CA PRO A 361 -9.53 -32.96 0.09
C PRO A 361 -9.23 -33.39 1.51
N CYS A 362 -9.91 -34.45 1.95
CA CYS A 362 -9.86 -34.85 3.35
C CYS A 362 -10.14 -36.34 3.48
N ILE A 363 -10.21 -36.78 4.73
CA ILE A 363 -10.55 -38.14 5.10
C ILE A 363 -12.03 -38.18 5.47
N LYS A 364 -12.79 -39.09 4.86
CA LYS A 364 -14.19 -39.26 5.23
C LYS A 364 -14.26 -39.74 6.67
N GLU A 365 -15.10 -39.07 7.47
CA GLU A 365 -15.15 -39.36 8.91
C GLU A 365 -15.41 -40.84 9.17
N GLY A 366 -16.29 -41.46 8.38
CA GLY A 366 -16.59 -42.86 8.58
C GLY A 366 -15.46 -43.80 8.19
N THR A 367 -15.34 -44.07 6.89
CA THR A 367 -14.41 -45.09 6.42
C THR A 367 -12.96 -44.67 6.58
N GLY A 368 -12.67 -43.38 6.36
CA GLY A 368 -11.31 -42.90 6.42
C GLY A 368 -10.57 -42.87 5.11
N GLU A 369 -11.26 -43.05 3.99
CA GLU A 369 -10.61 -43.01 2.68
C GLU A 369 -10.37 -41.57 2.28
N PHE A 370 -9.11 -41.23 2.00
CA PHE A 370 -8.78 -39.91 1.49
C PHE A 370 -9.43 -39.71 0.14
N PHE A 371 -10.17 -38.61 -0.02
CA PHE A 371 -10.92 -38.36 -1.23
C PHE A 371 -10.91 -36.87 -1.59
N LYS A 372 -10.98 -36.60 -2.89
CA LYS A 372 -11.17 -35.26 -3.42
C LYS A 372 -12.66 -34.99 -3.60
N PRO A 373 -13.20 -33.93 -3.00
CA PRO A 373 -14.65 -33.72 -3.04
C PRO A 373 -15.13 -33.27 -4.41
N GLU A 374 -16.34 -33.70 -4.75
CA GLU A 374 -17.01 -33.26 -5.98
C GLU A 374 -17.34 -31.78 -5.90
N LYS A 375 -18.25 -31.43 -5.00
CA LYS A 375 -18.78 -30.11 -4.71
C LYS A 375 -18.12 -29.52 -3.47
N PRO A 376 -18.12 -28.17 -3.31
CA PRO A 376 -17.53 -27.57 -2.13
C PRO A 376 -18.04 -28.21 -0.84
N ASN A 377 -17.13 -28.76 -0.04
CA ASN A 377 -17.47 -29.52 1.15
C ASN A 377 -17.18 -28.78 2.45
N GLY A 378 -16.55 -27.62 2.39
CA GLY A 378 -16.26 -26.89 3.60
C GLY A 378 -15.94 -25.43 3.30
N ILE A 379 -15.27 -24.79 4.26
CA ILE A 379 -14.99 -23.36 4.20
C ILE A 379 -13.58 -23.09 4.67
N LYS A 380 -13.03 -21.98 4.19
CA LYS A 380 -11.78 -21.42 4.66
C LYS A 380 -12.06 -20.04 5.22
N LEU A 381 -11.39 -19.69 6.31
CA LEU A 381 -11.54 -18.37 6.94
C LEU A 381 -10.30 -17.52 6.71
N GLU A 382 -10.51 -16.22 6.45
CA GLU A 382 -9.42 -15.28 6.20
C GLU A 382 -9.79 -13.92 6.77
N GLN A 383 -8.87 -13.36 7.57
CA GLN A 383 -8.90 -11.95 7.91
C GLN A 383 -8.23 -11.12 6.80
N PHE A 384 -8.71 -9.90 6.60
CA PHE A 384 -8.26 -9.05 5.51
C PHE A 384 -7.46 -7.86 6.05
N VAL A 385 -6.32 -7.55 5.41
CA VAL A 385 -5.41 -6.52 5.90
C VAL A 385 -6.12 -5.18 6.08
N PHE A 386 -7.08 -4.87 5.19
CA PHE A 386 -7.70 -3.55 5.20
C PHE A 386 -8.84 -3.41 6.21
N ASP A 387 -9.22 -4.50 6.89
CA ASP A 387 -10.28 -4.39 7.90
C ASP A 387 -9.87 -3.57 9.11
N VAL A 388 -8.63 -3.04 9.16
CA VAL A 388 -8.31 -2.03 10.16
C VAL A 388 -8.75 -0.64 9.75
N PHE A 389 -9.15 -0.45 8.48
CA PHE A 389 -9.54 0.89 8.02
C PHE A 389 -10.68 1.48 8.84
N PRO A 390 -11.78 0.75 9.11
CA PRO A 390 -12.85 1.34 9.95
C PRO A 390 -12.48 1.50 11.42
N MET A 391 -11.33 1.02 11.85
CA MET A 391 -10.86 1.38 13.18
C MET A 391 -10.22 2.76 13.23
N THR A 392 -10.09 3.44 12.09
CA THR A 392 -9.23 4.62 11.92
C THR A 392 -10.10 5.80 11.56
N PRO A 393 -10.04 6.90 12.29
CA PRO A 393 -10.89 8.05 11.98
C PRO A 393 -10.52 8.60 10.61
N LEU A 394 -11.51 9.18 9.93
CA LEU A 394 -11.26 9.80 8.64
C LEU A 394 -10.09 10.79 8.71
N GLU A 395 -9.99 11.57 9.78
CA GLU A 395 -8.92 12.55 9.90
C GLU A 395 -7.55 11.91 10.06
N LYS A 396 -7.48 10.61 10.29
CA LYS A 396 -6.19 9.91 10.40
C LYS A 396 -6.01 8.90 9.28
N PHE A 397 -6.73 9.09 8.18
CA PHE A 397 -6.72 8.19 7.04
C PHE A 397 -6.53 9.01 5.78
N ALA A 398 -5.77 8.47 4.81
CA ALA A 398 -5.60 9.14 3.52
C ALA A 398 -5.64 8.11 2.40
N CYS A 399 -6.40 8.43 1.36
CA CYS A 399 -6.50 7.62 0.16
C CYS A 399 -6.02 8.44 -1.04
N ILE A 400 -4.98 7.98 -1.72
CA ILE A 400 -4.38 8.73 -2.82
C ILE A 400 -4.40 7.92 -4.11
N GLU A 401 -5.01 8.51 -5.14
CA GLU A 401 -5.08 7.89 -6.45
C GLU A 401 -3.72 7.95 -7.14
N VAL A 402 -3.30 6.83 -7.73
CA VAL A 402 -2.13 6.75 -8.59
C VAL A 402 -2.53 6.28 -9.99
N ARG A 403 -1.53 6.16 -10.85
CA ARG A 403 -1.69 5.78 -12.24
C ARG A 403 -1.50 4.28 -12.35
N ARG A 404 -2.51 3.59 -12.90
CA ARG A 404 -2.44 2.15 -13.01
C ARG A 404 -1.23 1.72 -13.84
N GLU A 405 -1.05 2.34 -15.01
CA GLU A 405 0.04 2.04 -15.95
C GLU A 405 1.43 2.14 -15.34
N ASP A 406 1.60 2.94 -14.28
CA ASP A 406 2.88 3.06 -13.60
C ASP A 406 2.96 2.28 -12.29
N GLU A 407 1.82 1.90 -11.71
CA GLU A 407 1.78 1.46 -10.32
C GLU A 407 1.04 0.16 -10.07
N PHE A 408 0.22 -0.32 -11.00
CA PHE A 408 -0.61 -1.51 -10.73
C PHE A 408 -0.66 -2.43 -11.92
N SER A 409 0.04 -3.56 -11.84
CA SER A 409 -0.01 -4.60 -12.87
C SER A 409 0.07 -5.94 -12.16
N PRO A 410 -1.06 -6.47 -11.68
CA PRO A 410 -1.01 -7.66 -10.84
C PRO A 410 -0.88 -8.95 -11.63
N LEU A 411 -0.17 -9.90 -11.03
CA LEU A 411 -0.06 -11.27 -11.56
C LEU A 411 -1.04 -12.18 -10.82
N LYS A 412 -2.24 -12.35 -11.40
CA LYS A 412 -3.26 -13.19 -10.80
C LYS A 412 -3.48 -14.53 -11.51
N ASN A 413 -3.23 -14.61 -12.81
CA ASN A 413 -3.65 -15.71 -13.66
C ASN A 413 -2.48 -16.24 -14.49
N ALA A 414 -2.66 -17.47 -14.99
CA ALA A 414 -1.60 -18.13 -15.73
C ALA A 414 -1.44 -17.55 -17.14
N ARG A 415 -0.23 -17.71 -17.69
CA ARG A 415 0.06 -17.37 -19.07
C ARG A 415 -1.02 -17.91 -20.00
N GLY A 416 -1.56 -17.03 -20.84
CA GLY A 416 -2.61 -17.40 -21.75
C GLY A 416 -3.99 -16.92 -21.34
N THR A 417 -4.13 -16.38 -20.12
CA THR A 417 -5.43 -15.88 -19.70
C THR A 417 -5.83 -14.67 -20.53
N GLY A 418 -4.92 -13.71 -20.67
CA GLY A 418 -5.19 -12.49 -21.40
C GLY A 418 -5.40 -11.26 -20.54
N GLU A 419 -5.45 -11.42 -19.22
CA GLU A 419 -5.46 -10.25 -18.33
C GLU A 419 -4.84 -10.65 -16.99
N ASP A 420 -4.20 -9.67 -16.35
CA ASP A 420 -3.58 -9.85 -15.04
C ASP A 420 -2.78 -11.16 -14.97
N ASP A 421 -1.88 -11.33 -15.95
CA ASP A 421 -1.16 -12.59 -16.13
C ASP A 421 0.29 -12.26 -16.53
N PRO A 422 1.17 -13.24 -16.76
CA PRO A 422 2.58 -12.89 -17.02
C PRO A 422 2.79 -12.05 -18.25
N ASP A 423 1.89 -12.14 -19.25
CA ASP A 423 2.11 -11.38 -20.47
C ASP A 423 1.71 -9.92 -20.30
N THR A 424 0.56 -9.65 -19.67
CA THR A 424 0.22 -8.27 -19.35
C THR A 424 1.23 -7.67 -18.37
N SER A 425 1.71 -8.47 -17.42
CA SER A 425 2.75 -7.98 -16.51
C SER A 425 4.01 -7.54 -17.28
N LYS A 426 4.61 -8.44 -18.04
CA LYS A 426 5.80 -8.10 -18.83
C LYS A 426 5.55 -6.90 -19.73
N ARG A 427 4.42 -6.88 -20.42
CA ARG A 427 4.09 -5.78 -21.32
C ARG A 427 3.97 -4.46 -20.58
N ASP A 428 3.48 -4.47 -19.34
CA ASP A 428 3.35 -3.23 -18.58
C ASP A 428 4.71 -2.72 -18.12
N ILE A 429 5.59 -3.61 -17.66
CA ILE A 429 6.91 -3.17 -17.25
C ILE A 429 7.67 -2.58 -18.44
N MET A 430 7.56 -3.23 -19.60
CA MET A 430 8.35 -2.78 -20.74
C MET A 430 7.75 -1.56 -21.42
N SER A 431 6.41 -1.42 -21.41
CA SER A 431 5.81 -0.16 -21.83
C SER A 431 6.25 0.98 -20.93
N GLN A 432 6.36 0.69 -19.63
CA GLN A 432 6.84 1.69 -18.70
C GLN A 432 8.27 2.09 -19.00
N GLY A 433 9.12 1.11 -19.32
CA GLY A 433 10.53 1.41 -19.55
C GLY A 433 10.72 2.28 -20.78
N GLN A 434 10.01 1.96 -21.86
CA GLN A 434 10.04 2.79 -23.06
C GLN A 434 9.57 4.21 -22.76
N ARG A 435 8.43 4.34 -22.08
CA ARG A 435 7.91 5.65 -21.69
C ARG A 435 8.98 6.46 -20.95
N TRP A 436 9.63 5.84 -19.98
CA TRP A 436 10.65 6.56 -19.21
C TRP A 436 11.77 7.06 -20.12
N ILE A 437 12.30 6.17 -20.97
CA ILE A 437 13.42 6.51 -21.84
C ILE A 437 13.03 7.64 -22.79
N GLU A 438 11.86 7.53 -23.42
CA GLU A 438 11.42 8.56 -24.36
C GLU A 438 11.34 9.92 -23.69
N LYS A 439 10.76 9.97 -22.49
CA LYS A 439 10.71 11.24 -21.76
C LYS A 439 12.11 11.76 -21.46
N ALA A 440 13.07 10.86 -21.21
CA ALA A 440 14.43 11.31 -20.95
C ALA A 440 15.17 11.76 -22.22
N GLY A 441 14.60 11.51 -23.39
CA GLY A 441 15.22 11.87 -24.66
C GLY A 441 15.69 10.70 -25.52
N GLY A 442 15.47 9.45 -25.10
CA GLY A 442 15.88 8.33 -25.92
C GLY A 442 14.87 8.03 -27.01
N ILE A 443 15.28 7.23 -27.98
CA ILE A 443 14.42 6.83 -29.09
C ILE A 443 14.36 5.31 -29.11
N VAL A 444 13.14 4.77 -29.22
CA VAL A 444 12.92 3.33 -29.20
C VAL A 444 12.37 2.93 -30.56
N ILE A 445 13.17 2.24 -31.36
CA ILE A 445 12.76 1.76 -32.66
C ILE A 445 12.22 0.35 -32.51
N THR A 446 10.95 0.17 -32.86
CA THR A 446 10.27 -1.11 -32.68
C THR A 446 10.01 -1.73 -34.05
N GLU A 447 10.56 -2.92 -34.28
CA GLU A 447 10.29 -3.68 -35.50
C GLU A 447 9.72 -5.05 -35.16
N GLY A 448 8.52 -5.07 -34.56
CA GLY A 448 7.89 -6.32 -34.17
C GLY A 448 6.86 -6.15 -33.06
N VAL A 451 8.40 -6.07 -27.67
CA VAL A 451 8.03 -4.65 -27.69
C VAL A 451 8.36 -3.99 -26.35
N GLY A 452 8.68 -2.69 -26.39
CA GLY A 452 9.05 -1.95 -25.19
C GLY A 452 10.48 -2.23 -24.76
N VAL A 453 10.83 -1.71 -23.58
CA VAL A 453 12.18 -1.79 -23.05
C VAL A 453 12.12 -2.05 -21.55
N GLU A 454 12.87 -3.05 -21.09
CA GLU A 454 12.99 -3.32 -19.66
C GLU A 454 14.11 -2.47 -19.06
N VAL A 455 13.75 -1.53 -18.18
CA VAL A 455 14.74 -0.75 -17.45
C VAL A 455 14.93 -1.35 -16.07
N SER A 456 16.16 -1.75 -15.76
CA SER A 456 16.47 -2.29 -14.46
C SER A 456 16.16 -1.27 -13.36
N PRO A 457 15.59 -1.70 -12.24
CA PRO A 457 15.45 -0.78 -11.09
C PRO A 457 16.78 -0.21 -10.64
N LEU A 458 17.88 -0.95 -10.80
CA LEU A 458 19.17 -0.41 -10.39
C LEU A 458 19.62 0.74 -11.29
N ILE A 459 19.05 0.86 -12.48
CA ILE A 459 19.30 1.99 -13.36
C ILE A 459 18.35 3.14 -13.05
N SER A 460 17.08 2.83 -12.81
CA SER A 460 16.07 3.85 -12.55
C SER A 460 14.99 3.27 -11.63
N TYR A 461 14.74 3.95 -10.50
CA TYR A 461 13.64 3.58 -9.63
C TYR A 461 12.30 3.94 -10.25
N GLY A 462 12.16 5.17 -10.73
CA GLY A 462 10.89 5.60 -11.27
C GLY A 462 10.98 6.52 -12.48
N GLY A 463 12.04 6.38 -13.28
CA GLY A 463 12.20 7.20 -14.47
C GLY A 463 13.35 8.19 -14.40
N GLU A 464 13.98 8.36 -13.24
CA GLU A 464 15.13 9.25 -13.12
C GLU A 464 16.40 8.58 -13.62
N GLY A 465 17.45 9.38 -13.78
CA GLY A 465 18.76 8.85 -14.06
C GLY A 465 18.92 8.27 -15.44
N LEU A 466 18.01 8.59 -16.36
CA LEU A 466 18.10 8.07 -17.71
C LEU A 466 18.65 9.08 -18.72
N GLU A 467 19.26 10.18 -18.26
CA GLU A 467 19.79 11.17 -19.21
C GLU A 467 20.83 10.55 -20.14
N PHE A 468 21.62 9.59 -19.66
CA PHE A 468 22.69 9.03 -20.48
C PHE A 468 22.18 8.38 -21.75
N LEU A 469 20.86 8.24 -21.90
CA LEU A 469 20.25 7.74 -23.13
C LEU A 469 19.68 8.85 -24.01
N LYS A 470 19.87 10.12 -23.65
CA LYS A 470 19.34 11.19 -24.49
C LYS A 470 19.95 11.11 -25.88
N GLY A 471 19.12 11.28 -26.90
CA GLY A 471 19.53 11.20 -28.29
C GLY A 471 19.91 9.81 -28.78
N ARG A 472 19.99 8.81 -27.91
CA ARG A 472 20.42 7.48 -28.33
C ARG A 472 19.22 6.61 -28.72
N GLU A 473 19.39 5.85 -29.79
CA GLU A 473 18.33 4.98 -30.30
C GLU A 473 18.44 3.60 -29.65
N ILE A 474 17.29 2.99 -29.37
CA ILE A 474 17.22 1.71 -28.69
C ILE A 474 16.32 0.79 -29.49
N LYS A 475 16.80 -0.42 -29.79
CA LYS A 475 16.06 -1.40 -30.57
C LYS A 475 15.25 -2.27 -29.61
N ALA A 476 13.93 -2.10 -29.62
CA ALA A 476 13.09 -2.93 -28.77
C ALA A 476 12.93 -4.32 -29.40
N PRO A 477 12.85 -5.38 -28.57
CA PRO A 477 12.96 -5.35 -27.10
C PRO A 477 14.40 -5.14 -26.64
N ALA A 478 14.59 -4.44 -25.52
CA ALA A 478 15.91 -4.16 -24.98
C ALA A 478 15.88 -4.29 -23.46
N PHE A 479 17.07 -4.42 -22.87
CA PHE A 479 17.25 -4.49 -21.43
C PHE A 479 18.37 -3.53 -21.03
N ILE A 480 18.05 -2.59 -20.16
CA ILE A 480 19.00 -1.58 -19.69
C ILE A 480 19.43 -1.95 -18.28
N GLU A 481 20.72 -2.21 -18.09
CA GLU A 481 21.23 -2.68 -16.80
C GLU A 481 22.55 -1.99 -16.51
N LYS A 482 22.99 -2.07 -15.26
CA LYS A 482 24.31 -1.55 -14.88
C LYS A 482 25.47 -2.31 -15.53
N PRO B 2 32.30 58.25 -26.96
CA PRO B 2 32.54 58.22 -28.41
C PRO B 2 33.49 59.32 -28.84
N SER B 3 34.74 58.95 -29.16
CA SER B 3 35.71 59.97 -29.52
C SER B 3 35.32 60.64 -30.85
N ALA B 4 35.99 61.77 -31.13
CA ALA B 4 35.83 62.40 -32.43
C ALA B 4 36.34 61.50 -33.54
N GLU B 5 37.36 60.68 -33.25
CA GLU B 5 37.85 59.72 -34.23
C GLU B 5 36.75 58.72 -34.61
N GLU B 6 36.07 58.16 -33.62
CA GLU B 6 35.00 57.21 -33.90
C GLU B 6 33.79 57.89 -34.53
N PHE B 7 33.46 59.11 -34.06
CA PHE B 7 32.33 59.83 -34.64
C PHE B 7 32.61 60.20 -36.09
N GLN B 8 33.86 60.49 -36.43
CA GLN B 8 34.20 60.84 -37.80
C GLN B 8 34.13 59.63 -38.73
N GLN B 9 34.66 58.49 -38.29
CA GLN B 9 34.58 57.29 -39.13
C GLN B 9 33.14 56.94 -39.48
N LEU B 10 32.22 57.03 -38.50
CA LEU B 10 30.83 56.70 -38.78
C LEU B 10 30.20 57.69 -39.75
N ARG B 11 30.53 58.97 -39.58
CA ARG B 11 29.99 59.99 -40.49
C ARG B 11 30.51 59.80 -41.91
N LYS B 12 31.77 59.40 -42.06
CA LYS B 12 32.26 59.08 -43.40
C LYS B 12 31.50 57.91 -44.02
N LYS B 13 31.26 56.86 -43.23
CA LYS B 13 30.52 55.70 -43.73
C LYS B 13 29.13 56.09 -44.23
N TYR B 14 28.42 56.92 -43.46
CA TYR B 14 27.06 57.29 -43.81
C TYR B 14 27.04 58.30 -44.97
N THR B 15 27.93 59.30 -44.91
CA THR B 15 28.02 60.27 -45.99
C THR B 15 28.44 59.61 -47.30
N ASP B 16 29.40 58.69 -47.23
CA ASP B 16 29.78 57.97 -48.43
C ASP B 16 28.63 57.16 -49.00
N ALA B 17 27.73 56.68 -48.13
CA ALA B 17 26.60 55.87 -48.55
C ALA B 17 25.43 56.71 -49.05
N GLY B 18 25.61 58.03 -49.19
CA GLY B 18 24.51 58.88 -49.56
C GLY B 18 23.51 59.07 -48.45
N GLN B 19 23.94 58.93 -47.20
CA GLN B 19 23.05 59.09 -46.04
C GLN B 19 23.56 60.16 -45.09
N GLY B 20 24.33 61.13 -45.60
CA GLY B 20 24.95 62.10 -44.72
C GLY B 20 23.98 63.01 -43.99
N HIS B 21 22.79 63.24 -44.55
CA HIS B 21 21.79 64.07 -43.91
C HIS B 21 21.45 63.67 -42.48
N VAL B 22 21.69 62.42 -42.07
CA VAL B 22 21.32 62.04 -40.71
C VAL B 22 22.15 62.84 -39.71
N PHE B 23 23.29 63.37 -40.13
CA PHE B 23 24.15 64.18 -39.28
C PHE B 23 23.83 65.66 -39.36
N ALA B 24 22.76 66.04 -40.08
CA ALA B 24 22.53 67.44 -40.42
C ALA B 24 22.37 68.34 -39.20
N PHE B 25 22.06 67.78 -38.02
CA PHE B 25 21.73 68.59 -36.85
C PHE B 25 22.64 68.33 -35.66
N VAL B 26 23.77 67.66 -35.85
CA VAL B 26 24.60 67.33 -34.69
C VAL B 26 25.10 68.58 -33.97
N ASP B 27 25.06 69.75 -34.63
CA ASP B 27 25.47 70.98 -33.98
C ASP B 27 24.48 71.40 -32.89
N GLU B 28 23.18 71.21 -33.12
CA GLU B 28 22.17 71.58 -32.14
C GLU B 28 22.06 70.60 -30.98
N LEU B 29 22.77 69.47 -31.03
CA LEU B 29 22.50 68.35 -30.12
C LEU B 29 23.25 68.49 -28.80
N GLN B 30 22.60 68.02 -27.73
CA GLN B 30 23.28 67.79 -26.47
C GLN B 30 24.22 66.60 -26.59
N THR B 31 25.16 66.51 -25.65
CA THR B 31 26.14 65.42 -25.71
C THR B 31 25.47 64.05 -25.57
N GLY B 32 24.37 63.96 -24.84
CA GLY B 32 23.66 62.69 -24.74
C GLY B 32 22.89 62.36 -26.00
N GLU B 33 22.20 63.36 -26.56
CA GLU B 33 21.57 63.21 -27.86
C GLU B 33 22.59 62.88 -28.96
N ARG B 34 23.85 63.24 -28.76
CA ARG B 34 24.89 62.86 -29.72
C ARG B 34 25.18 61.36 -29.64
N SER B 35 25.44 60.84 -28.44
CA SER B 35 25.78 59.43 -28.28
C SER B 35 24.63 58.53 -28.68
N GLN B 36 23.39 58.94 -28.41
CA GLN B 36 22.24 58.17 -28.88
C GLN B 36 22.28 58.03 -30.39
N LEU B 37 22.44 59.15 -31.11
CA LEU B 37 22.53 59.08 -32.56
C LEU B 37 23.74 58.25 -32.99
N PHE B 38 24.87 58.42 -32.31
CA PHE B 38 26.05 57.64 -32.66
C PHE B 38 25.79 56.14 -32.55
N HIS B 39 25.15 55.71 -31.47
CA HIS B 39 25.03 54.26 -31.23
C HIS B 39 23.93 53.64 -32.07
N GLN B 40 22.83 54.36 -32.29
CA GLN B 40 21.79 53.85 -33.16
C GLN B 40 22.31 53.72 -34.59
N LEU B 41 22.99 54.77 -35.10
CA LEU B 41 23.60 54.71 -36.43
C LEU B 41 24.65 53.61 -36.53
N SER B 42 25.42 53.41 -35.47
CA SER B 42 26.42 52.34 -35.43
C SER B 42 25.78 50.96 -35.50
N SER B 43 24.50 50.84 -35.19
CA SER B 43 23.83 49.55 -35.20
C SER B 43 23.26 49.19 -36.56
N PHE B 44 23.31 50.09 -37.55
CA PHE B 44 22.94 49.78 -38.91
C PHE B 44 24.15 49.93 -39.83
N ASP B 45 24.19 49.11 -40.87
CA ASP B 45 25.20 49.22 -41.91
C ASP B 45 24.58 49.99 -43.07
N PRO B 46 24.97 51.25 -43.31
CA PRO B 46 24.26 52.05 -44.33
C PRO B 46 24.27 51.44 -45.71
N VAL B 47 25.34 50.73 -46.08
CA VAL B 47 25.36 50.05 -47.38
C VAL B 47 24.31 48.94 -47.42
N ARG B 48 24.12 48.24 -46.30
CA ARG B 48 23.02 47.29 -46.22
C ARG B 48 21.68 48.00 -46.33
N ILE B 49 21.54 49.14 -45.65
CA ILE B 49 20.30 49.90 -45.75
C ILE B 49 20.01 50.26 -47.20
N ASN B 50 21.04 50.76 -47.92
CA ASN B 50 20.87 51.09 -49.33
C ASN B 50 20.46 49.86 -50.15
N GLU B 51 21.06 48.70 -49.85
CA GLU B 51 20.66 47.48 -50.54
C GLU B 51 19.17 47.19 -50.33
N LEU B 52 18.73 47.17 -49.07
CA LEU B 52 17.31 46.95 -48.77
C LEU B 52 16.43 47.94 -49.51
N ALA B 53 16.82 49.23 -49.47
CA ALA B 53 15.99 50.28 -50.04
C ALA B 53 15.87 50.12 -51.55
N ASP B 54 17.01 49.86 -52.22
CA ASP B 54 17.02 49.68 -53.66
C ASP B 54 16.12 48.53 -54.10
N LYS B 55 16.23 47.37 -53.42
CA LYS B 55 15.35 46.26 -53.73
C LYS B 55 13.88 46.62 -53.50
N ALA B 56 13.59 47.31 -52.40
CA ALA B 56 12.21 47.68 -52.09
C ALA B 56 11.68 48.73 -53.06
N LEU B 57 12.52 49.71 -53.43
CA LEU B 57 12.06 50.86 -54.21
C LEU B 57 12.21 50.69 -55.72
N ASN B 58 13.13 49.83 -56.17
CA ASN B 58 13.23 49.42 -57.58
C ASN B 58 13.38 47.90 -57.66
N PRO B 59 12.30 47.15 -57.41
CA PRO B 59 12.42 45.70 -57.38
C PRO B 59 12.56 45.14 -58.79
N PRO B 60 13.21 43.98 -58.96
CA PRO B 60 13.19 43.29 -60.25
C PRO B 60 11.93 42.48 -60.48
N ALA B 67 4.33 33.11 -61.53
CA ALA B 67 4.85 31.80 -61.15
C ALA B 67 3.71 30.81 -60.91
N SER B 68 4.04 29.51 -60.98
CA SER B 68 3.05 28.44 -60.94
C SER B 68 2.42 28.28 -59.56
N LEU B 69 1.08 28.33 -59.52
CA LEU B 69 0.31 28.42 -58.28
C LEU B 69 -0.81 27.38 -58.29
N GLU B 70 -0.77 26.44 -57.36
CA GLU B 70 -1.83 25.44 -57.23
C GLU B 70 -2.11 25.18 -55.77
N PRO B 71 -3.28 24.62 -55.44
CA PRO B 71 -3.53 24.21 -54.05
C PRO B 71 -2.53 23.15 -53.64
N LEU B 72 -2.29 23.04 -52.34
CA LEU B 72 -1.40 22.00 -51.84
C LEU B 72 -1.90 20.61 -52.26
N PRO B 73 -0.99 19.69 -52.55
CA PRO B 73 -1.42 18.32 -52.88
C PRO B 73 -1.87 17.58 -51.63
N ASP B 74 -2.94 16.80 -51.78
CA ASP B 74 -3.57 16.11 -50.65
C ASP B 74 -2.59 15.35 -49.78
N ILE B 75 -1.40 15.07 -50.31
CA ILE B 75 -0.38 14.38 -49.56
C ILE B 75 0.13 15.24 -48.42
N ALA B 76 0.08 16.56 -48.57
CA ALA B 76 0.54 17.48 -47.53
C ALA B 76 -0.60 18.06 -46.70
N THR B 77 -1.84 17.58 -46.87
CA THR B 77 -2.98 18.18 -46.19
C THR B 77 -3.74 17.16 -45.36
N ALA B 78 -4.43 17.69 -44.35
CA ALA B 78 -5.35 16.92 -43.50
C ALA B 78 -6.45 17.86 -43.06
N SER B 79 -7.53 17.30 -42.51
CA SER B 79 -8.60 18.13 -41.98
C SER B 79 -9.18 17.49 -40.74
N ILE B 80 -9.25 18.26 -39.66
CA ILE B 80 -9.98 17.82 -38.47
C ILE B 80 -11.41 17.46 -38.85
N LEU B 81 -11.97 18.14 -39.86
CA LEU B 81 -13.38 17.95 -40.20
C LEU B 81 -13.67 16.56 -40.73
N ASP B 82 -12.68 15.90 -41.34
CA ASP B 82 -12.92 14.54 -41.82
C ASP B 82 -11.77 13.59 -41.52
N SER B 83 -10.97 13.87 -40.50
CA SER B 83 -9.99 12.86 -40.13
C SER B 83 -10.67 11.67 -39.46
N ASP B 84 -10.08 10.49 -39.67
CA ASP B 84 -10.50 9.30 -38.96
C ASP B 84 -10.53 9.59 -37.46
N PRO B 85 -11.68 9.43 -36.80
CA PRO B 85 -11.73 9.62 -35.35
C PRO B 85 -10.68 8.85 -34.57
N LYS B 86 -10.18 7.73 -35.10
CA LYS B 86 -9.08 7.05 -34.42
C LYS B 86 -7.77 7.83 -34.54
N ASP B 87 -7.56 8.53 -35.66
CA ASP B 87 -6.37 9.38 -35.77
C ASP B 87 -6.46 10.55 -34.81
N LEU B 88 -7.65 11.17 -34.69
CA LEU B 88 -7.82 12.30 -33.79
C LEU B 88 -7.48 11.91 -32.36
N GLU B 89 -7.98 10.76 -31.90
CA GLU B 89 -7.68 10.33 -30.54
C GLU B 89 -6.19 10.05 -30.38
N GLN B 90 -5.62 9.31 -31.32
CA GLN B 90 -4.19 9.02 -31.28
C GLN B 90 -3.37 10.30 -31.30
N TRP B 91 -3.70 11.24 -32.17
CA TRP B 91 -2.94 12.50 -32.20
C TRP B 91 -3.09 13.26 -30.89
N TYR B 92 -4.31 13.35 -30.34
CA TYR B 92 -4.49 14.04 -29.07
C TYR B 92 -3.66 13.42 -27.98
N GLU B 93 -3.79 12.09 -27.80
CA GLU B 93 -3.03 11.37 -26.77
CA GLU B 93 -3.04 11.43 -26.74
C GLU B 93 -1.54 11.58 -26.95
N GLU B 94 -1.06 11.44 -28.19
CA GLU B 94 0.37 11.63 -28.45
C GLU B 94 0.80 13.06 -28.13
N GLY B 95 0.01 14.05 -28.56
CA GLY B 95 0.27 15.43 -28.15
C GLY B 95 0.35 15.61 -26.64
N LEU B 96 -0.58 15.00 -25.89
CA LEU B 96 -0.58 15.24 -24.45
C LEU B 96 0.62 14.57 -23.80
N LYS B 97 1.06 13.45 -24.37
CA LYS B 97 2.24 12.77 -23.85
C LYS B 97 3.48 13.59 -24.12
N LEU B 98 3.56 14.23 -25.28
CA LEU B 98 4.67 15.15 -25.56
C LEU B 98 4.69 16.32 -24.56
N VAL B 99 3.53 16.88 -24.23
CA VAL B 99 3.45 17.91 -23.20
C VAL B 99 3.94 17.37 -21.86
N ALA B 100 3.46 16.17 -21.48
CA ALA B 100 3.84 15.57 -20.22
C ALA B 100 5.31 15.22 -20.16
N GLY B 101 5.94 14.93 -21.30
CA GLY B 101 7.38 14.83 -21.38
C GLY B 101 8.17 16.13 -21.30
N ASN B 102 7.50 17.27 -21.06
CA ASN B 102 8.16 18.58 -20.98
C ASN B 102 8.94 18.89 -22.26
N LYS B 103 8.38 18.48 -23.39
CA LYS B 103 9.03 18.61 -24.69
C LYS B 103 8.42 19.70 -25.55
N VAL B 104 7.38 20.38 -25.07
CA VAL B 104 6.58 21.28 -25.88
C VAL B 104 6.77 22.70 -25.37
N ALA B 105 7.13 23.60 -26.27
CA ALA B 105 7.28 25.03 -25.98
C ALA B 105 6.32 25.84 -26.83
N VAL B 106 5.97 27.02 -26.32
CA VAL B 106 5.08 27.94 -27.00
C VAL B 106 5.82 29.24 -27.25
N VAL B 107 5.74 29.76 -28.47
CA VAL B 107 6.23 31.09 -28.80
C VAL B 107 5.03 31.92 -29.21
N LEU B 108 4.75 32.95 -28.44
CA LEU B 108 3.64 33.84 -28.68
C LEU B 108 4.16 35.07 -29.45
N MET B 109 3.58 35.32 -30.61
CA MET B 109 3.95 36.51 -31.40
C MET B 109 3.03 37.66 -30.99
N ALA B 110 3.59 38.60 -30.21
CA ALA B 110 2.87 39.72 -29.61
C ALA B 110 3.64 41.03 -29.83
N GLY B 111 4.29 41.18 -30.99
CA GLY B 111 5.13 42.34 -31.23
C GLY B 111 4.53 43.38 -32.15
N GLY B 112 3.21 43.51 -32.10
CA GLY B 112 2.49 44.44 -32.97
C GLY B 112 1.75 45.48 -32.18
N GLN B 113 1.70 46.70 -32.72
CA GLN B 113 1.09 47.83 -32.02
C GLN B 113 -0.42 47.68 -31.89
N GLY B 114 -1.09 47.39 -33.01
CA GLY B 114 -2.54 47.35 -33.06
C GLY B 114 -3.08 48.54 -33.82
N THR B 115 -2.55 48.75 -35.04
CA THR B 115 -2.86 49.95 -35.82
C THR B 115 -4.34 50.00 -36.16
N ARG B 116 -4.88 48.90 -36.72
CA ARG B 116 -6.30 48.85 -37.03
C ARG B 116 -7.18 48.90 -35.79
N LEU B 117 -6.59 48.90 -34.58
CA LEU B 117 -7.32 48.81 -33.33
C LEU B 117 -7.35 50.12 -32.53
N GLY B 118 -6.35 50.99 -32.68
CA GLY B 118 -6.31 52.27 -31.98
C GLY B 118 -6.37 52.16 -30.46
N SER B 119 -5.53 51.29 -29.89
CA SER B 119 -5.39 51.13 -28.45
C SER B 119 -3.98 51.48 -28.03
N SER B 120 -3.84 52.00 -26.81
CA SER B 120 -2.51 52.38 -26.32
C SER B 120 -1.69 51.17 -25.92
N ALA B 121 -2.32 50.13 -25.42
CA ALA B 121 -1.62 49.03 -24.77
C ALA B 121 -1.30 47.92 -25.78
N PRO B 122 -0.42 47.00 -25.40
CA PRO B 122 -0.25 45.78 -26.21
C PRO B 122 -1.61 45.16 -26.52
N LYS B 123 -1.73 44.60 -27.71
CA LYS B 123 -2.99 43.97 -28.11
C LYS B 123 -3.38 42.86 -27.16
N GLY B 124 -2.39 42.16 -26.59
CA GLY B 124 -2.69 41.10 -25.64
C GLY B 124 -3.39 41.58 -24.38
N CYS B 125 -3.21 42.85 -24.01
CA CYS B 125 -3.82 43.39 -22.79
C CYS B 125 -5.31 43.67 -22.95
N PHE B 126 -5.82 43.65 -24.17
CA PHE B 126 -7.15 44.16 -24.44
C PHE B 126 -8.24 43.32 -23.77
N ASP B 127 -9.18 44.01 -23.11
CA ASP B 127 -10.35 43.38 -22.50
C ASP B 127 -11.48 43.44 -23.50
N ILE B 128 -11.82 42.29 -24.10
CA ILE B 128 -12.91 42.24 -25.07
C ILE B 128 -14.29 42.28 -24.43
N GLY B 129 -14.37 42.42 -23.11
CA GLY B 129 -15.65 42.60 -22.46
C GLY B 129 -16.31 41.31 -22.02
N LEU B 130 -15.56 40.21 -21.93
CA LEU B 130 -16.07 39.01 -21.32
C LEU B 130 -16.50 39.28 -19.88
N PRO B 131 -17.50 38.55 -19.37
CA PRO B 131 -17.90 38.69 -17.97
C PRO B 131 -16.75 38.59 -16.97
N SER B 132 -15.69 37.87 -17.31
CA SER B 132 -14.53 37.84 -16.44
C SER B 132 -13.66 39.08 -16.62
N HIS B 133 -13.85 39.80 -17.72
CA HIS B 133 -12.93 40.86 -18.15
C HIS B 133 -11.48 40.40 -18.24
N LYS B 134 -11.25 39.13 -18.60
CA LYS B 134 -9.89 38.66 -18.82
C LYS B 134 -9.35 39.19 -20.13
N SER B 135 -8.06 39.56 -20.12
CA SER B 135 -7.33 39.90 -21.33
C SER B 135 -7.01 38.66 -22.15
N LEU B 136 -6.64 38.90 -23.40
CA LEU B 136 -6.18 37.82 -24.28
C LEU B 136 -4.98 37.10 -23.69
N PHE B 137 -4.02 37.85 -23.14
CA PHE B 137 -2.88 37.22 -22.47
C PHE B 137 -3.35 36.24 -21.41
N GLN B 138 -4.24 36.70 -20.52
CA GLN B 138 -4.62 35.85 -19.40
C GLN B 138 -5.34 34.60 -19.89
N ILE B 139 -6.23 34.75 -20.86
CA ILE B 139 -6.94 33.59 -21.41
C ILE B 139 -5.94 32.60 -22.00
N GLN B 140 -4.95 33.10 -22.73
CA GLN B 140 -3.93 32.23 -23.32
C GLN B 140 -3.09 31.56 -22.24
N ALA B 141 -2.72 32.30 -21.20
CA ALA B 141 -1.97 31.70 -20.09
C ALA B 141 -2.79 30.61 -19.40
N GLU B 142 -4.11 30.79 -19.32
CA GLU B 142 -4.92 29.82 -18.59
C GLU B 142 -5.13 28.55 -19.40
N ARG B 143 -5.10 28.64 -20.75
CA ARG B 143 -5.06 27.43 -21.56
C ARG B 143 -3.77 26.67 -21.33
N ILE B 144 -2.66 27.39 -21.24
CA ILE B 144 -1.39 26.75 -20.90
C ILE B 144 -1.49 26.06 -19.54
N ALA B 145 -1.93 26.79 -18.52
CA ALA B 145 -2.09 26.21 -17.19
C ALA B 145 -2.93 24.94 -17.23
N LYS B 146 -4.01 24.97 -18.02
CA LYS B 146 -4.96 23.87 -18.07
C LYS B 146 -4.38 22.69 -18.81
N LEU B 147 -3.63 22.95 -19.89
CA LEU B 147 -3.05 21.86 -20.65
C LEU B 147 -2.00 21.13 -19.83
N GLN B 148 -1.19 21.88 -19.07
CA GLN B 148 -0.24 21.26 -18.15
C GLN B 148 -0.94 20.39 -17.10
N LEU B 149 -2.18 20.75 -16.72
CA LEU B 149 -2.91 19.93 -15.75
C LEU B 149 -3.43 18.66 -16.41
N LEU B 150 -4.10 18.79 -17.55
CA LEU B 150 -4.54 17.63 -18.33
C LEU B 150 -3.40 16.65 -18.60
N ALA B 151 -2.22 17.17 -18.95
CA ALA B 151 -1.09 16.28 -19.24
C ALA B 151 -0.63 15.53 -17.99
N GLN B 152 -0.61 16.21 -16.84
CA GLN B 152 -0.34 15.52 -15.58
C GLN B 152 -1.34 14.39 -15.33
N ARG B 153 -2.59 14.56 -15.76
CA ARG B 153 -3.60 13.52 -15.53
C ARG B 153 -3.19 12.20 -16.16
N ILE B 154 -2.26 12.21 -17.11
CA ILE B 154 -1.80 11.01 -17.82
C ILE B 154 -0.33 10.68 -17.49
N SER B 155 0.27 11.35 -16.52
CA SER B 155 1.62 10.97 -16.13
C SER B 155 1.84 10.94 -14.63
N GLY B 156 1.03 11.63 -13.83
CA GLY B 156 1.31 11.78 -12.42
C GLY B 156 2.52 12.60 -12.11
N LYS B 157 3.04 13.36 -13.06
CA LYS B 157 4.18 14.25 -12.88
C LYS B 157 3.81 15.64 -13.41
N GLU B 158 4.44 16.65 -12.82
CA GLU B 158 4.31 18.01 -13.34
C GLU B 158 4.64 18.04 -14.83
N ALA B 159 3.85 18.79 -15.60
CA ALA B 159 4.18 19.10 -16.99
C ALA B 159 4.48 20.59 -17.12
N VAL B 160 5.47 20.94 -17.93
CA VAL B 160 5.86 22.35 -18.10
C VAL B 160 5.86 22.69 -19.59
N ILE B 161 5.07 23.70 -19.96
CA ILE B 161 5.11 24.27 -21.30
C ILE B 161 5.74 25.66 -21.18
N PRO B 162 7.01 25.85 -21.56
CA PRO B 162 7.58 27.20 -21.49
C PRO B 162 6.92 28.12 -22.50
N TRP B 163 6.69 29.37 -22.05
CA TRP B 163 5.93 30.39 -22.78
C TRP B 163 6.91 31.53 -23.14
N TYR B 164 7.32 31.57 -24.40
CA TYR B 164 8.23 32.60 -24.90
C TYR B 164 7.40 33.67 -25.61
N VAL B 165 7.37 34.87 -25.04
CA VAL B 165 6.50 35.95 -25.48
C VAL B 165 7.33 36.96 -26.27
N MET B 166 7.14 37.01 -27.59
CA MET B 166 7.89 37.88 -28.46
C MET B 166 7.17 39.21 -28.59
N THR B 167 7.82 40.27 -28.11
CA THR B 167 7.28 41.63 -28.17
C THR B 167 8.13 42.47 -29.12
N SER B 168 7.73 43.72 -29.25
CA SER B 168 8.56 44.69 -29.97
C SER B 168 8.95 45.79 -29.01
N GLY B 169 9.90 46.62 -29.45
CA GLY B 169 10.25 47.84 -28.75
C GLY B 169 9.06 48.57 -28.18
N PRO B 170 8.05 48.85 -29.01
CA PRO B 170 6.85 49.52 -28.50
C PRO B 170 6.03 48.71 -27.50
N THR B 171 6.03 47.36 -27.54
CA THR B 171 5.16 46.61 -26.64
C THR B 171 5.89 45.99 -25.45
N ARG B 172 7.22 45.96 -25.46
CA ARG B 172 7.95 45.13 -24.51
C ARG B 172 7.69 45.55 -23.07
N LYS B 173 7.97 46.82 -22.76
CA LYS B 173 7.85 47.29 -21.39
C LYS B 173 6.44 47.17 -20.84
N PRO B 174 5.39 47.61 -21.54
CA PRO B 174 4.04 47.42 -20.97
C PRO B 174 3.65 45.97 -20.86
N THR B 175 4.11 45.10 -21.77
CA THR B 175 3.83 43.67 -21.67
C THR B 175 4.42 43.10 -20.40
N GLU B 176 5.69 43.42 -20.12
CA GLU B 176 6.34 42.88 -18.93
C GLU B 176 5.66 43.35 -17.65
N GLU B 177 5.32 44.65 -17.57
CA GLU B 177 4.62 45.17 -16.40
C GLU B 177 3.26 44.50 -16.21
N PHE B 178 2.53 44.29 -17.32
CA PHE B 178 1.22 43.68 -17.26
C PHE B 178 1.30 42.25 -16.73
N PHE B 179 2.29 41.50 -17.20
CA PHE B 179 2.50 40.13 -16.73
C PHE B 179 2.87 40.15 -15.26
N GLU B 180 3.75 41.06 -14.88
CA GLU B 180 4.18 41.16 -13.49
C GLU B 180 3.00 41.58 -12.59
N GLN B 181 2.16 42.51 -13.06
CA GLN B 181 1.04 42.94 -12.24
C GLN B 181 0.05 41.81 -12.01
N HIS B 182 -0.02 40.86 -12.95
CA HIS B 182 -0.96 39.75 -12.85
C HIS B 182 -0.29 38.51 -12.28
N LYS B 183 0.90 38.66 -11.72
CA LYS B 183 1.70 37.55 -11.22
C LYS B 183 1.74 36.42 -12.25
N TYR B 184 1.95 36.79 -13.51
CA TYR B 184 2.12 35.85 -14.62
C TYR B 184 0.93 34.91 -14.77
N PHE B 185 -0.24 35.35 -14.31
CA PHE B 185 -1.51 34.68 -14.52
C PHE B 185 -1.55 33.30 -13.86
N GLY B 186 -0.68 33.08 -12.88
CA GLY B 186 -0.66 31.82 -12.16
C GLY B 186 0.39 30.85 -12.63
N LEU B 187 1.02 31.11 -13.78
CA LEU B 187 2.15 30.29 -14.20
C LEU B 187 3.37 30.64 -13.35
N ASN B 188 4.41 29.84 -13.48
CA ASN B 188 5.66 30.15 -12.79
C ASN B 188 6.45 31.18 -13.60
N LYS B 189 6.93 32.22 -12.93
CA LYS B 189 7.65 33.28 -13.63
C LYS B 189 8.86 32.73 -14.38
N SER B 190 9.51 31.71 -13.82
CA SER B 190 10.71 31.15 -14.43
C SER B 190 10.42 30.28 -15.64
N ASP B 191 9.16 30.07 -15.99
CA ASP B 191 8.81 29.39 -17.24
C ASP B 191 8.16 30.33 -18.24
N VAL B 192 8.16 31.64 -17.97
CA VAL B 192 7.66 32.64 -18.91
C VAL B 192 8.80 33.62 -19.21
N ILE B 193 9.16 33.74 -20.49
CA ILE B 193 10.28 34.56 -20.92
C ILE B 193 9.75 35.58 -21.92
N ILE B 194 9.90 36.85 -21.61
CA ILE B 194 9.54 37.93 -22.53
C ILE B 194 10.81 38.36 -23.24
N PHE B 195 10.77 38.34 -24.57
CA PHE B 195 11.88 38.80 -25.38
C PHE B 195 11.34 39.72 -26.47
N GLU B 196 12.25 40.28 -27.25
CA GLU B 196 11.93 41.35 -28.18
C GLU B 196 12.49 41.02 -29.55
N GLN B 197 11.68 41.24 -30.59
CA GLN B 197 12.16 41.16 -31.96
C GLN B 197 12.97 42.41 -32.32
N GLY B 198 13.63 42.39 -33.48
CA GLY B 198 14.47 43.49 -33.92
C GLY B 198 13.71 44.59 -34.66
N VAL B 199 14.49 45.53 -35.22
CA VAL B 199 13.92 46.65 -35.97
C VAL B 199 14.70 46.85 -37.25
N LEU B 200 14.08 47.54 -38.19
CA LEU B 200 14.74 48.09 -39.37
C LEU B 200 14.40 49.57 -39.48
N PRO B 201 15.26 50.35 -40.15
CA PRO B 201 14.96 51.78 -40.31
C PRO B 201 13.86 51.99 -41.34
N CYS B 202 13.02 52.99 -41.09
CA CYS B 202 12.05 53.43 -42.08
C CYS B 202 12.77 54.26 -43.16
N ILE B 203 12.32 54.11 -44.41
CA ILE B 203 13.04 54.58 -45.59
C ILE B 203 12.11 55.48 -46.38
N SER B 204 12.63 56.64 -46.82
CA SER B 204 11.82 57.56 -47.60
C SER B 204 11.58 56.98 -48.99
N ASN B 205 10.65 57.60 -49.73
CA ASN B 205 10.44 57.19 -51.11
C ASN B 205 11.67 57.43 -51.98
N GLU B 206 12.59 58.30 -51.57
CA GLU B 206 13.82 58.54 -52.34
C GLU B 206 14.99 57.71 -51.82
N GLY B 207 14.74 56.80 -50.90
CA GLY B 207 15.78 55.91 -50.43
C GLY B 207 16.57 56.42 -49.25
N LYS B 208 16.07 57.43 -48.55
CA LYS B 208 16.83 58.07 -47.49
C LYS B 208 16.35 57.61 -46.13
N ILE B 209 17.29 57.48 -45.20
CA ILE B 209 16.93 57.13 -43.84
C ILE B 209 16.07 58.25 -43.28
N LEU B 210 14.91 57.90 -42.74
CA LEU B 210 14.02 58.89 -42.17
C LEU B 210 14.38 59.13 -40.71
N MET B 211 14.24 60.38 -40.27
CA MET B 211 14.68 60.82 -38.96
C MET B 211 13.47 61.18 -38.12
N GLU B 212 13.28 60.47 -37.01
CA GLU B 212 12.12 60.74 -36.17
C GLU B 212 12.29 62.06 -35.41
N SER B 213 13.52 62.33 -34.95
CA SER B 213 13.89 63.59 -34.33
C SER B 213 15.23 64.02 -34.92
N LYS B 214 15.78 65.12 -34.41
CA LYS B 214 17.09 65.54 -34.90
C LYS B 214 18.20 64.61 -34.45
N PHE B 215 17.94 63.71 -33.49
CA PHE B 215 18.98 62.82 -32.98
C PHE B 215 18.56 61.34 -33.00
N LYS B 216 17.51 60.98 -33.73
CA LYS B 216 16.99 59.62 -33.68
C LYS B 216 16.44 59.19 -35.03
N VAL B 217 16.94 58.05 -35.52
CA VAL B 217 16.44 57.47 -36.76
C VAL B 217 15.08 56.83 -36.50
N ALA B 218 14.14 57.06 -37.41
CA ALA B 218 12.86 56.36 -37.40
C ALA B 218 13.08 54.90 -37.73
N VAL B 219 12.56 54.01 -36.88
CA VAL B 219 12.67 52.56 -37.05
C VAL B 219 11.31 51.93 -36.75
N ALA B 220 11.18 50.66 -37.15
CA ALA B 220 9.94 49.92 -36.95
C ALA B 220 10.28 48.45 -36.75
N PRO B 221 9.47 47.71 -35.98
CA PRO B 221 9.70 46.27 -35.83
C PRO B 221 9.84 45.57 -37.18
N ASP B 222 10.69 44.55 -37.22
CA ASP B 222 11.07 43.91 -38.47
C ASP B 222 10.11 42.78 -38.90
N GLY B 223 8.85 42.81 -38.46
CA GLY B 223 7.85 41.85 -38.90
C GLY B 223 7.89 40.57 -38.08
N ASN B 224 6.78 39.82 -38.10
CA ASN B 224 6.80 38.58 -37.31
C ASN B 224 7.83 37.59 -37.85
N GLY B 225 8.22 37.75 -39.13
CA GLY B 225 9.36 37.02 -39.64
C GLY B 225 10.63 37.22 -38.86
N GLY B 226 10.74 38.34 -38.12
CA GLY B 226 11.88 38.56 -37.26
C GLY B 226 12.01 37.58 -36.11
N ILE B 227 11.01 36.70 -35.90
CA ILE B 227 11.04 35.76 -34.78
C ILE B 227 12.33 34.94 -34.79
N TYR B 228 12.76 34.49 -35.96
CA TYR B 228 13.84 33.50 -36.04
C TYR B 228 15.15 34.08 -35.54
N GLN B 229 15.54 35.26 -36.02
CA GLN B 229 16.76 35.90 -35.52
C GLN B 229 16.64 36.23 -34.04
N ALA B 230 15.47 36.72 -33.63
CA ALA B 230 15.26 37.06 -32.21
C ALA B 230 15.39 35.83 -31.32
N LEU B 231 14.98 34.66 -31.81
CA LEU B 231 15.17 33.44 -31.02
C LEU B 231 16.66 33.20 -30.74
N LEU B 232 17.51 33.55 -31.70
CA LEU B 232 18.95 33.36 -31.51
C LEU B 232 19.54 34.41 -30.57
N THR B 233 19.27 35.68 -30.83
CA THR B 233 19.94 36.72 -30.06
C THR B 233 19.36 36.86 -28.65
N SER B 234 18.07 36.58 -28.47
CA SER B 234 17.46 36.64 -27.14
C SER B 234 17.92 35.53 -26.21
N GLY B 235 18.52 34.46 -26.75
CA GLY B 235 18.84 33.31 -25.94
C GLY B 235 17.71 32.33 -25.76
N VAL B 236 16.59 32.52 -26.47
CA VAL B 236 15.43 31.65 -26.31
C VAL B 236 15.72 30.26 -26.87
N ARG B 237 16.37 30.19 -28.04
CA ARG B 237 16.69 28.87 -28.59
C ARG B 237 17.60 28.09 -27.63
N GLU B 238 18.62 28.78 -27.09
CA GLU B 238 19.49 28.14 -26.11
C GLU B 238 18.70 27.66 -24.89
N ASP B 239 17.72 28.45 -24.44
CA ASP B 239 16.88 28.02 -23.33
C ASP B 239 16.06 26.79 -23.69
N MET B 240 15.40 26.84 -24.86
CA MET B 240 14.70 25.68 -25.38
C MET B 240 15.60 24.43 -25.38
N ARG B 241 16.85 24.59 -25.84
CA ARG B 241 17.76 23.47 -25.92
C ARG B 241 18.10 22.94 -24.53
N LYS B 242 18.28 23.84 -23.56
CA LYS B 242 18.56 23.41 -22.19
C LYS B 242 17.39 22.66 -21.58
N ARG B 243 16.16 23.02 -21.96
CA ARG B 243 14.99 22.35 -21.42
C ARG B 243 14.66 21.04 -22.12
N GLY B 244 15.41 20.69 -23.17
CA GLY B 244 15.10 19.50 -23.95
C GLY B 244 13.90 19.63 -24.86
N ILE B 245 13.55 20.85 -25.26
CA ILE B 245 12.36 21.04 -26.10
C ILE B 245 12.59 20.41 -27.46
N GLU B 246 11.54 19.79 -28.00
CA GLU B 246 11.60 19.24 -29.35
C GLU B 246 10.45 19.68 -30.24
N HIS B 247 9.41 20.30 -29.68
CA HIS B 247 8.22 20.70 -30.44
C HIS B 247 7.80 22.11 -30.03
N ILE B 248 7.51 22.97 -30.99
CA ILE B 248 7.21 24.37 -30.70
C ILE B 248 5.93 24.77 -31.41
N HIS B 249 4.99 25.33 -30.65
CA HIS B 249 3.79 25.95 -31.19
C HIS B 249 3.96 27.48 -31.22
N THR B 250 3.77 28.07 -32.38
CA THR B 250 3.91 29.50 -32.55
C THR B 250 2.58 30.05 -33.03
N TYR B 251 2.15 31.15 -32.44
CA TYR B 251 0.85 31.67 -32.79
C TYR B 251 0.77 33.20 -32.59
N VAL B 253 -0.96 36.69 -31.18
CA VAL B 253 -1.61 37.10 -29.93
C VAL B 253 -3.08 37.44 -30.12
N ASP B 254 -3.50 37.83 -31.32
CA ASP B 254 -4.78 38.50 -31.46
C ASP B 254 -5.99 37.57 -31.60
N ASN B 255 -5.77 36.25 -31.55
CA ASN B 255 -6.81 35.26 -31.82
C ASN B 255 -7.34 34.75 -30.48
N CYS B 256 -8.48 35.27 -30.08
CA CYS B 256 -9.03 34.92 -28.77
CA CYS B 256 -9.07 34.94 -28.79
C CYS B 256 -9.44 33.46 -28.66
N LEU B 257 -9.53 32.72 -29.76
CA LEU B 257 -9.88 31.30 -29.70
C LEU B 257 -8.67 30.37 -29.79
N VAL B 258 -7.45 30.91 -29.84
CA VAL B 258 -6.30 30.07 -30.17
C VAL B 258 -6.17 28.92 -29.19
N LYS B 259 -6.00 27.71 -29.73
CA LYS B 259 -5.76 26.54 -28.89
C LYS B 259 -4.25 26.47 -28.63
N VAL B 260 -3.83 27.05 -27.51
CA VAL B 260 -2.40 27.14 -27.23
C VAL B 260 -1.85 25.75 -27.03
N ALA B 261 -0.74 25.45 -27.73
CA ALA B 261 -0.07 24.15 -27.61
C ALA B 261 -1.07 23.00 -27.82
N ASP B 262 -1.96 23.16 -28.80
CA ASP B 262 -3.02 22.22 -29.11
C ASP B 262 -2.46 20.79 -29.21
N PRO B 263 -2.90 19.88 -28.35
CA PRO B 263 -2.30 18.53 -28.36
C PRO B 263 -2.60 17.74 -29.61
N VAL B 264 -3.79 17.90 -30.21
CA VAL B 264 -4.10 17.27 -31.49
C VAL B 264 -3.12 17.73 -32.55
N PHE B 265 -2.91 19.05 -32.66
CA PHE B 265 -1.99 19.62 -33.65
C PHE B 265 -0.58 19.09 -33.43
N ILE B 266 -0.12 19.17 -32.19
CA ILE B 266 1.23 18.72 -31.87
C ILE B 266 1.41 17.24 -32.18
N GLY B 267 0.50 16.39 -31.70
CA GLY B 267 0.61 14.96 -31.98
C GLY B 267 0.49 14.66 -33.47
N PHE B 268 -0.36 15.41 -34.17
CA PHE B 268 -0.47 15.23 -35.61
C PHE B 268 0.86 15.53 -36.32
N ALA B 269 1.48 16.67 -35.99
CA ALA B 269 2.73 17.04 -36.66
C ALA B 269 3.86 16.11 -36.27
N ALA B 270 3.94 15.75 -34.98
CA ALA B 270 5.04 14.92 -34.54
C ALA B 270 4.90 13.50 -35.08
N SER B 271 3.67 13.00 -35.17
CA SER B 271 3.46 11.68 -35.74
C SER B 271 3.77 11.65 -37.22
N LYS B 272 3.49 12.73 -37.94
CA LYS B 272 3.90 12.79 -39.33
C LYS B 272 5.37 13.15 -39.49
N GLN B 273 6.05 13.54 -38.40
CA GLN B 273 7.48 13.84 -38.43
C GLN B 273 7.85 14.98 -39.39
N VAL B 274 7.07 16.06 -39.37
CA VAL B 274 7.37 17.19 -40.26
C VAL B 274 8.32 18.16 -39.57
N ASP B 275 9.04 18.94 -40.39
CA ASP B 275 9.72 20.12 -39.87
C ASP B 275 8.71 21.18 -39.45
N ILE B 276 7.67 21.37 -40.25
CA ILE B 276 6.75 22.48 -40.08
C ILE B 276 5.33 21.97 -40.36
N ALA B 277 4.39 22.39 -39.51
CA ALA B 277 2.98 22.25 -39.81
C ALA B 277 2.27 23.56 -39.50
N THR B 278 1.10 23.75 -40.11
CA THR B 278 0.38 25.00 -40.00
C THR B 278 -1.11 24.71 -40.08
N LYS B 279 -1.91 25.54 -39.41
CA LYS B 279 -3.37 25.38 -39.42
C LYS B 279 -4.02 26.37 -40.37
N VAL B 280 -5.09 25.92 -41.03
CA VAL B 280 -5.89 26.76 -41.91
C VAL B 280 -7.35 26.62 -41.53
N VAL B 281 -8.14 27.61 -41.93
CA VAL B 281 -9.59 27.48 -41.94
C VAL B 281 -10.02 27.83 -43.36
N ARG B 282 -11.25 27.43 -43.71
CA ARG B 282 -11.81 27.80 -45.00
CA ARG B 282 -11.77 27.80 -45.01
C ARG B 282 -11.94 29.31 -45.08
N LYS B 283 -11.45 29.89 -46.18
CA LYS B 283 -11.54 31.33 -46.37
C LYS B 283 -13.00 31.77 -46.32
N ARG B 284 -13.26 32.85 -45.60
CA ARG B 284 -14.63 33.34 -45.40
C ARG B 284 -15.22 33.85 -46.73
N ASN B 285 -14.45 34.66 -47.46
CA ASN B 285 -14.83 35.07 -48.81
C ASN B 285 -13.58 35.59 -49.51
N ALA B 286 -13.76 36.06 -50.74
CA ALA B 286 -12.61 36.40 -51.58
C ALA B 286 -11.81 37.57 -51.03
N THR B 287 -12.44 38.49 -50.29
CA THR B 287 -11.77 39.70 -49.83
C THR B 287 -11.19 39.58 -48.42
N GLU B 288 -11.31 38.43 -47.77
CA GLU B 288 -10.83 38.30 -46.39
C GLU B 288 -9.33 38.60 -46.30
N SER B 289 -8.94 39.29 -45.23
CA SER B 289 -7.55 39.75 -45.10
C SER B 289 -6.72 38.65 -44.46
N VAL B 290 -6.53 37.58 -45.22
CA VAL B 290 -5.81 36.39 -44.77
C VAL B 290 -4.84 35.96 -45.86
N GLY B 291 -3.66 35.53 -45.45
CA GLY B 291 -2.80 34.80 -46.36
C GLY B 291 -3.41 33.47 -46.77
N LEU B 292 -3.11 33.05 -48.00
CA LEU B 292 -3.60 31.80 -48.56
C LEU B 292 -2.46 30.82 -48.70
N ILE B 293 -2.64 29.63 -48.13
CA ILE B 293 -1.59 28.62 -48.13
C ILE B 293 -1.80 27.69 -49.32
N LEU B 294 -0.73 27.48 -50.10
CA LEU B 294 -0.86 26.83 -51.39
C LEU B 294 0.50 26.27 -51.82
N GLN B 295 0.57 25.82 -53.07
CA GLN B 295 1.78 25.26 -53.66
C GLN B 295 2.28 26.25 -54.71
N LYS B 296 3.49 26.77 -54.51
CA LYS B 296 4.10 27.73 -55.40
C LYS B 296 5.41 27.16 -55.93
N ASN B 297 5.47 26.93 -57.24
CA ASN B 297 6.66 26.33 -57.85
C ASN B 297 7.02 25.02 -57.17
N GLY B 298 5.99 24.21 -56.89
CA GLY B 298 6.13 22.90 -56.25
C GLY B 298 6.53 22.90 -54.79
N LYS B 299 6.46 24.05 -54.11
CA LYS B 299 6.85 24.16 -52.71
C LYS B 299 5.71 24.73 -51.86
N PRO B 300 5.65 24.41 -50.57
CA PRO B 300 4.64 25.03 -49.72
C PRO B 300 4.92 26.52 -49.62
N ASP B 301 3.85 27.31 -49.62
CA ASP B 301 4.06 28.75 -49.62
C ASP B 301 2.78 29.41 -49.16
N VAL B 302 2.85 30.72 -48.98
CA VAL B 302 1.75 31.58 -48.54
C VAL B 302 1.79 32.84 -49.38
N VAL B 303 0.68 33.21 -50.00
CA VAL B 303 0.56 34.52 -50.62
C VAL B 303 -0.22 35.41 -49.67
N GLU B 304 0.39 36.53 -49.26
CA GLU B 304 -0.26 37.40 -48.29
C GLU B 304 -1.41 38.14 -48.97
N TYR B 305 -2.46 38.44 -48.19
CA TYR B 305 -3.63 39.12 -48.76
C TYR B 305 -3.24 40.50 -49.31
N SER B 306 -2.15 41.09 -48.81
CA SER B 306 -1.70 42.40 -49.26
C SER B 306 -0.85 42.33 -50.51
N GLU B 307 -0.52 41.12 -50.99
CA GLU B 307 0.26 40.98 -52.20
C GLU B 307 -0.44 40.21 -53.30
N ILE B 308 -1.56 39.57 -53.01
CA ILE B 308 -2.22 38.71 -53.99
C ILE B 308 -2.94 39.60 -54.99
N ASP B 309 -3.01 39.14 -56.24
CA ASP B 309 -3.75 39.87 -57.27
C ASP B 309 -5.18 39.35 -57.36
N LYS B 310 -6.11 40.25 -57.64
CA LYS B 310 -7.52 39.89 -57.55
C LYS B 310 -7.88 38.75 -58.51
N GLU B 311 -7.11 38.59 -59.59
CA GLU B 311 -7.33 37.45 -60.48
C GLU B 311 -7.28 36.14 -59.71
N THR B 312 -6.22 35.93 -58.91
CA THR B 312 -6.06 34.67 -58.21
C THR B 312 -6.91 34.60 -56.94
N ALA B 313 -7.19 35.74 -56.31
CA ALA B 313 -8.08 35.75 -55.15
C ALA B 313 -9.49 35.34 -55.55
N GLU B 314 -9.95 35.69 -56.75
CA GLU B 314 -11.30 35.37 -57.19
C GLU B 314 -11.38 34.12 -58.06
N ALA B 315 -10.25 33.48 -58.35
CA ALA B 315 -10.27 32.26 -59.15
C ALA B 315 -11.15 31.21 -58.50
N LYS B 316 -11.79 30.39 -59.33
CA LYS B 316 -12.81 29.45 -58.91
C LYS B 316 -12.37 28.01 -59.13
N ASP B 317 -12.88 27.12 -58.28
CA ASP B 317 -12.69 25.70 -58.46
C ASP B 317 -13.44 25.23 -59.71
N PRO B 318 -12.89 24.26 -60.45
CA PRO B 318 -13.54 23.80 -61.69
C PRO B 318 -14.95 23.27 -61.46
N LYS B 319 -15.08 22.12 -60.80
CA LYS B 319 -16.37 21.47 -60.62
C LYS B 319 -17.30 22.23 -59.69
N GLN B 320 -16.84 23.34 -59.09
CA GLN B 320 -17.66 24.14 -58.19
C GLN B 320 -17.50 25.60 -58.56
N PRO B 321 -18.44 26.18 -59.31
CA PRO B 321 -18.24 27.57 -59.77
C PRO B 321 -18.39 28.59 -58.66
N ASP B 322 -19.03 28.23 -57.56
CA ASP B 322 -19.27 29.10 -56.42
C ASP B 322 -18.16 29.02 -55.38
N VAL B 323 -17.16 28.18 -55.59
CA VAL B 323 -16.12 27.91 -54.59
C VAL B 323 -14.80 28.50 -55.08
N LEU B 324 -14.09 29.17 -54.16
CA LEU B 324 -12.81 29.75 -54.50
C LEU B 324 -11.75 28.65 -54.68
N LYS B 325 -10.91 28.82 -55.70
CA LYS B 325 -9.84 27.86 -55.95
C LYS B 325 -8.88 27.80 -54.77
N PHE B 326 -8.49 28.96 -54.27
CA PHE B 326 -7.57 29.07 -53.15
C PHE B 326 -8.36 29.56 -51.94
N ARG B 327 -8.52 28.68 -50.96
CA ARG B 327 -9.32 29.03 -49.79
C ARG B 327 -8.72 28.48 -48.51
N ALA B 328 -7.43 28.13 -48.50
CA ALA B 328 -6.75 27.68 -47.28
C ALA B 328 -6.22 28.92 -46.58
N ALA B 329 -7.05 29.50 -45.71
CA ALA B 329 -6.72 30.74 -45.03
C ALA B 329 -5.78 30.51 -43.85
N ASN B 330 -4.67 31.24 -43.83
CA ASN B 330 -3.66 31.14 -42.77
C ASN B 330 -4.21 31.74 -41.47
N ILE B 331 -4.18 30.97 -40.39
CA ILE B 331 -4.59 31.49 -39.09
C ILE B 331 -3.41 31.60 -38.13
N VAL B 332 -2.19 31.68 -38.67
CA VAL B 332 -1.00 32.00 -37.90
C VAL B 332 -0.91 31.06 -36.71
N ASN B 333 -0.94 29.76 -37.00
CA ASN B 333 -0.82 28.73 -35.97
C ASN B 333 0.14 27.70 -36.54
N HIS B 334 1.39 27.73 -36.07
CA HIS B 334 2.49 27.02 -36.71
C HIS B 334 3.11 26.05 -35.72
N TYR B 335 3.59 24.92 -36.26
CA TYR B 335 4.41 23.97 -35.52
C TYR B 335 5.82 23.94 -36.11
N TYR B 336 6.83 23.87 -35.25
CA TYR B 336 8.20 23.63 -35.68
C TYR B 336 8.81 22.50 -34.86
N SER B 337 9.62 21.67 -35.51
CA SER B 337 10.50 20.80 -34.74
C SER B 337 11.64 21.62 -34.18
N PHE B 338 12.21 21.17 -33.06
CA PHE B 338 13.38 21.90 -32.57
C PHE B 338 14.53 21.78 -33.55
N LYS B 339 14.64 20.62 -34.22
CA LYS B 339 15.67 20.44 -35.24
C LYS B 339 15.65 21.58 -36.26
N PHE B 340 14.46 22.06 -36.62
CA PHE B 340 14.37 23.09 -37.64
C PHE B 340 14.90 24.43 -37.12
N PHE B 341 14.54 24.79 -35.87
CA PHE B 341 15.13 25.97 -35.23
C PHE B 341 16.65 25.88 -35.15
N GLU B 342 17.21 24.67 -35.12
CA GLU B 342 18.66 24.58 -34.96
C GLU B 342 19.42 24.98 -36.21
N SER B 343 18.72 25.19 -37.33
CA SER B 343 19.32 25.58 -38.58
C SER B 343 19.21 27.08 -38.89
N ILE B 344 18.63 27.88 -37.98
CA ILE B 344 18.25 29.27 -38.29
C ILE B 344 19.43 30.07 -38.88
N GLU B 345 20.62 29.93 -38.31
CA GLU B 345 21.76 30.71 -38.82
C GLU B 345 21.95 30.54 -40.32
N LEU B 346 21.58 29.37 -40.86
CA LEU B 346 21.86 29.07 -42.27
C LEU B 346 20.93 29.81 -43.22
N TRP B 347 19.78 30.24 -42.76
CA TRP B 347 18.82 30.80 -43.70
C TRP B 347 18.07 32.00 -43.19
N ALA B 348 18.36 32.48 -41.97
CA ALA B 348 17.71 33.69 -41.49
C ALA B 348 17.86 34.85 -42.48
N HIS B 349 19.02 34.91 -43.17
CA HIS B 349 19.29 36.00 -44.09
C HIS B 349 18.58 35.86 -45.44
N LYS B 350 18.04 34.69 -45.76
CA LYS B 350 17.34 34.52 -47.04
C LYS B 350 15.89 35.00 -46.99
N LEU B 351 15.39 35.36 -45.81
CA LEU B 351 14.00 35.79 -45.70
C LEU B 351 13.80 37.14 -46.40
N PRO B 352 12.82 37.26 -47.28
CA PRO B 352 12.65 38.51 -48.03
C PRO B 352 11.99 39.59 -47.20
N HIS B 353 12.16 40.83 -47.67
CA HIS B 353 11.57 41.96 -46.99
C HIS B 353 10.34 42.42 -47.77
N HIS B 354 9.18 42.35 -47.12
CA HIS B 354 7.94 42.84 -47.67
C HIS B 354 7.84 44.34 -47.42
N VAL B 355 7.10 45.04 -48.28
CA VAL B 355 7.15 46.50 -48.33
C VAL B 355 5.76 47.07 -48.12
N ALA B 356 5.64 48.00 -47.18
CA ALA B 356 4.41 48.75 -46.96
C ALA B 356 4.68 50.24 -47.06
N ARG B 357 3.87 50.93 -47.87
CA ARG B 357 3.95 52.39 -47.96
C ARG B 357 3.26 53.01 -46.76
N LYS B 358 3.99 53.84 -46.01
CA LYS B 358 3.52 54.38 -44.74
C LYS B 358 3.59 55.90 -44.75
N LYS B 359 2.67 56.52 -44.01
CA LYS B 359 2.86 57.90 -43.55
C LYS B 359 3.68 57.85 -42.27
N ILE B 360 4.92 58.32 -42.33
CA ILE B 360 5.85 58.27 -41.21
C ILE B 360 6.20 59.70 -40.80
N PRO B 361 5.71 60.21 -39.68
CA PRO B 361 6.10 61.57 -39.26
C PRO B 361 7.60 61.61 -38.98
N CYS B 362 8.22 62.70 -39.39
CA CYS B 362 9.67 62.82 -39.32
C CYS B 362 10.06 64.29 -39.30
N ILE B 363 11.35 64.54 -39.44
CA ILE B 363 11.92 65.87 -39.52
C ILE B 363 12.22 66.17 -40.99
N LYS B 364 11.76 67.31 -41.47
CA LYS B 364 12.08 67.71 -42.84
C LYS B 364 13.58 67.78 -43.03
N GLU B 365 14.07 67.14 -44.09
CA GLU B 365 15.51 66.91 -44.22
C GLU B 365 16.30 68.21 -44.24
N GLY B 366 15.74 69.25 -44.84
CA GLY B 366 16.43 70.53 -44.89
C GLY B 366 16.15 71.43 -43.69
N THR B 367 14.87 71.76 -43.50
CA THR B 367 14.50 72.77 -42.50
C THR B 367 14.62 72.24 -41.07
N GLY B 368 14.32 70.96 -40.87
CA GLY B 368 14.25 70.39 -39.53
C GLY B 368 12.86 70.34 -38.94
N GLU B 369 11.84 70.75 -39.68
CA GLU B 369 10.48 70.79 -39.16
C GLU B 369 9.98 69.38 -38.87
N PHE B 370 9.54 69.16 -37.62
CA PHE B 370 8.97 67.89 -37.19
C PHE B 370 7.54 67.81 -37.70
N PHE B 371 7.38 67.36 -38.94
CA PHE B 371 6.10 67.40 -39.62
C PHE B 371 5.51 66.01 -39.80
N LYS B 372 4.16 65.96 -39.91
CA LYS B 372 3.39 64.75 -40.16
C LYS B 372 2.95 64.75 -41.62
N PRO B 373 3.23 63.68 -42.37
CA PRO B 373 3.04 63.71 -43.83
C PRO B 373 1.58 63.61 -44.24
N GLU B 374 1.24 64.33 -45.32
CA GLU B 374 -0.10 64.26 -45.88
C GLU B 374 -0.33 62.93 -46.60
N LYS B 375 0.56 62.61 -47.55
CA LYS B 375 0.65 61.40 -48.34
C LYS B 375 1.74 60.49 -47.80
N PRO B 376 1.71 59.19 -48.12
CA PRO B 376 2.77 58.30 -47.63
C PRO B 376 4.12 58.75 -48.17
N ASN B 377 5.05 59.00 -47.23
CA ASN B 377 6.37 59.55 -47.55
C ASN B 377 7.48 58.51 -47.55
N GLY B 378 7.22 57.30 -47.06
CA GLY B 378 8.25 56.29 -47.05
C GLY B 378 7.67 54.88 -46.94
N ILE B 379 8.54 53.94 -46.59
CA ILE B 379 8.18 52.52 -46.56
C ILE B 379 8.65 51.90 -45.25
N LYS B 380 7.96 50.84 -44.86
CA LYS B 380 8.36 49.97 -43.78
C LYS B 380 8.64 48.59 -44.36
N LEU B 381 9.71 47.96 -43.90
CA LEU B 381 10.06 46.61 -44.31
C LEU B 381 9.76 45.60 -43.20
N GLU B 382 9.22 44.43 -43.59
CA GLU B 382 8.83 43.38 -42.67
C GLU B 382 9.15 42.03 -43.28
N GLN B 383 9.81 41.16 -42.51
CA GLN B 383 9.90 39.74 -42.83
C GLN B 383 8.65 39.02 -42.30
N PHE B 384 8.23 37.96 -43.00
CA PHE B 384 7.00 37.24 -42.69
C PHE B 384 7.34 35.85 -42.16
N VAL B 385 6.70 35.46 -41.05
CA VAL B 385 7.03 34.21 -40.36
C VAL B 385 6.92 33.02 -41.30
N PHE B 386 5.96 33.06 -42.23
CA PHE B 386 5.69 31.90 -43.07
C PHE B 386 6.60 31.80 -44.27
N ASP B 387 7.52 32.76 -44.47
CA ASP B 387 8.42 32.68 -45.60
C ASP B 387 9.47 31.58 -45.45
N VAL B 388 9.46 30.83 -44.34
CA VAL B 388 10.25 29.61 -44.30
C VAL B 388 9.55 28.43 -44.94
N PHE B 389 8.24 28.56 -45.25
CA PHE B 389 7.51 27.45 -45.86
C PHE B 389 8.15 26.97 -47.16
N PRO B 390 8.52 27.85 -48.11
CA PRO B 390 9.19 27.36 -49.34
C PRO B 390 10.59 26.83 -49.13
N MET B 391 11.16 26.98 -47.94
CA MET B 391 12.42 26.31 -47.64
C MET B 391 12.24 24.85 -47.25
N THR B 392 11.00 24.39 -47.09
CA THR B 392 10.66 23.09 -46.50
C THR B 392 10.08 22.22 -47.59
N PRO B 393 10.58 20.99 -47.76
CA PRO B 393 10.00 20.13 -48.79
C PRO B 393 8.59 19.71 -48.41
N LEU B 394 7.79 19.42 -49.44
CA LEU B 394 6.41 19.02 -49.27
C LEU B 394 6.26 17.87 -48.27
N GLU B 395 7.15 16.87 -48.35
CA GLU B 395 7.03 15.73 -47.46
C GLU B 395 7.43 16.04 -46.03
N LYS B 396 7.95 17.25 -45.77
CA LYS B 396 8.30 17.65 -44.41
C LYS B 396 7.41 18.79 -43.94
N PHE B 397 6.28 18.99 -44.62
CA PHE B 397 5.33 20.05 -44.34
C PHE B 397 3.95 19.43 -44.19
N ALA B 398 3.10 20.05 -43.37
CA ALA B 398 1.74 19.56 -43.22
C ALA B 398 0.81 20.72 -42.91
N CYS B 399 -0.29 20.79 -43.65
CA CYS B 399 -1.32 21.81 -43.47
C CYS B 399 -2.61 21.11 -43.03
N ILE B 400 -3.18 21.51 -41.89
CA ILE B 400 -4.38 20.85 -41.38
C ILE B 400 -5.48 21.88 -41.16
N GLU B 401 -6.62 21.65 -41.82
CA GLU B 401 -7.78 22.50 -41.66
C GLU B 401 -8.43 22.28 -40.31
N VAL B 402 -8.81 23.38 -39.65
CA VAL B 402 -9.60 23.37 -38.42
C VAL B 402 -10.89 24.17 -38.59
N ARG B 403 -11.70 24.21 -37.53
CA ARG B 403 -12.99 24.88 -37.52
C ARG B 403 -12.78 26.32 -37.10
N ARG B 404 -13.26 27.25 -37.91
CA ARG B 404 -13.12 28.66 -37.58
C ARG B 404 -13.78 28.99 -36.26
N GLU B 405 -15.06 28.58 -36.09
CA GLU B 405 -15.83 28.87 -34.89
C GLU B 405 -15.18 28.37 -33.60
N ASP B 406 -14.27 27.40 -33.70
CA ASP B 406 -13.62 26.86 -32.51
C ASP B 406 -12.18 27.34 -32.34
N GLU B 407 -11.56 27.82 -33.42
CA GLU B 407 -10.11 28.00 -33.46
C GLU B 407 -9.63 29.35 -34.00
N PHE B 408 -10.47 30.12 -34.68
CA PHE B 408 -9.98 31.35 -35.28
C PHE B 408 -10.97 32.49 -35.07
N SER B 409 -10.63 33.44 -34.19
CA SER B 409 -11.45 34.64 -33.97
C SER B 409 -10.51 35.81 -33.72
N PRO B 410 -10.02 36.44 -34.77
CA PRO B 410 -8.98 37.47 -34.59
C PRO B 410 -9.56 38.80 -34.14
N LEU B 411 -8.78 39.49 -33.31
CA LEU B 411 -9.03 40.88 -32.94
C LEU B 411 -8.15 41.79 -33.79
N LYS B 412 -8.71 42.32 -34.87
CA LYS B 412 -7.99 43.21 -35.78
C LYS B 412 -8.47 44.65 -35.74
N ASN B 413 -9.73 44.87 -35.35
CA ASN B 413 -10.40 46.16 -35.54
C ASN B 413 -11.02 46.61 -34.22
N ALA B 414 -11.27 47.91 -34.13
CA ALA B 414 -11.81 48.48 -32.91
C ALA B 414 -13.30 48.18 -32.77
N ARG B 415 -13.76 48.21 -31.52
CA ARG B 415 -15.18 48.04 -31.22
C ARG B 415 -16.03 48.94 -32.10
N GLY B 416 -17.09 48.39 -32.65
CA GLY B 416 -17.95 49.12 -33.54
C GLY B 416 -17.66 48.92 -35.00
N THR B 417 -16.62 48.14 -35.34
CA THR B 417 -16.36 47.84 -36.74
C THR B 417 -17.43 46.91 -37.29
N GLY B 418 -17.69 45.80 -36.60
CA GLY B 418 -18.63 44.82 -37.07
C GLY B 418 -18.02 43.49 -37.46
N GLU B 419 -16.69 43.40 -37.59
CA GLU B 419 -16.07 42.11 -37.87
C GLU B 419 -14.64 42.13 -37.35
N ASP B 420 -14.18 40.97 -36.90
CA ASP B 420 -12.83 40.79 -36.35
C ASP B 420 -12.50 41.91 -35.35
N ASP B 421 -13.45 42.16 -34.44
CA ASP B 421 -13.31 43.23 -33.45
C ASP B 421 -13.69 42.69 -32.06
N PRO B 422 -13.66 43.49 -30.98
CA PRO B 422 -13.95 42.92 -29.66
C PRO B 422 -15.32 42.28 -29.52
N ASP B 423 -16.30 42.74 -30.30
CA ASP B 423 -17.65 42.18 -30.17
C ASP B 423 -17.75 40.80 -30.82
N THR B 424 -17.20 40.64 -32.03
CA THR B 424 -17.17 39.31 -32.63
C THR B 424 -16.34 38.37 -31.78
N SER B 425 -15.26 38.87 -31.20
CA SER B 425 -14.40 38.04 -30.36
C SER B 425 -15.16 37.51 -29.15
N LYS B 426 -15.71 38.41 -28.31
CA LYS B 426 -16.52 37.97 -27.17
C LYS B 426 -17.61 37.01 -27.59
N ARG B 427 -18.30 37.33 -28.69
CA ARG B 427 -19.40 36.50 -29.15
C ARG B 427 -18.93 35.10 -29.53
N ASP B 428 -17.76 34.98 -30.15
CA ASP B 428 -17.24 33.67 -30.51
C ASP B 428 -16.86 32.86 -29.28
N ILE B 429 -16.25 33.49 -28.28
CA ILE B 429 -15.83 32.74 -27.09
C ILE B 429 -17.06 32.24 -26.33
N MET B 430 -18.07 33.08 -26.20
CA MET B 430 -19.24 32.72 -25.42
C MET B 430 -20.19 31.81 -26.19
N SER B 431 -20.25 31.95 -27.51
CA SER B 431 -20.96 30.95 -28.32
CA SER B 431 -20.96 30.94 -28.30
C SER B 431 -20.28 29.58 -28.20
N GLN B 432 -18.96 29.55 -28.20
CA GLN B 432 -18.25 28.29 -28.00
C GLN B 432 -18.54 27.71 -26.63
N GLY B 433 -18.47 28.56 -25.60
CA GLY B 433 -18.72 28.07 -24.25
C GLY B 433 -20.09 27.42 -24.12
N GLN B 434 -21.11 28.04 -24.73
CA GLN B 434 -22.43 27.45 -24.74
C GLN B 434 -22.45 26.12 -25.47
N ARG B 435 -21.79 26.04 -26.62
CA ARG B 435 -21.74 24.78 -27.37
C ARG B 435 -21.15 23.66 -26.53
N TRP B 436 -20.09 23.95 -25.78
CA TRP B 436 -19.46 22.94 -24.95
C TRP B 436 -20.41 22.44 -23.85
N ILE B 437 -21.09 23.38 -23.18
CA ILE B 437 -22.01 23.02 -22.11
C ILE B 437 -23.15 22.18 -22.65
N GLU B 438 -23.70 22.58 -23.80
CA GLU B 438 -24.83 21.85 -24.36
C GLU B 438 -24.44 20.43 -24.74
N LYS B 439 -23.26 20.24 -25.34
CA LYS B 439 -22.80 18.90 -25.65
C LYS B 439 -22.61 18.08 -24.39
N ALA B 440 -22.12 18.71 -23.32
CA ALA B 440 -21.88 17.95 -22.09
C ALA B 440 -23.17 17.60 -21.37
N GLY B 441 -24.32 18.11 -21.81
CA GLY B 441 -25.59 17.85 -21.16
C GLY B 441 -26.21 19.02 -20.43
N GLY B 442 -25.56 20.20 -20.42
CA GLY B 442 -26.14 21.35 -19.77
C GLY B 442 -27.17 22.03 -20.66
N ILE B 443 -27.85 23.01 -20.06
CA ILE B 443 -28.93 23.73 -20.74
C ILE B 443 -28.70 25.22 -20.49
N VAL B 444 -28.72 26.01 -21.55
CA VAL B 444 -28.48 27.45 -21.47
C VAL B 444 -29.75 28.17 -21.87
N ILE B 445 -30.29 28.97 -20.96
CA ILE B 445 -31.51 29.74 -21.20
C ILE B 445 -31.12 31.19 -21.45
N THR B 446 -31.58 31.75 -22.58
CA THR B 446 -31.24 33.11 -22.98
C THR B 446 -32.49 33.99 -22.94
N GLU B 447 -32.53 34.94 -22.00
CA GLU B 447 -33.57 35.95 -21.92
C GLU B 447 -33.18 37.25 -22.63
N GLY B 448 -32.43 37.18 -23.73
CA GLY B 448 -32.01 38.36 -24.45
C GLY B 448 -30.79 38.14 -25.32
N VAL B 451 -25.90 36.82 -25.01
CA VAL B 451 -26.10 35.40 -25.28
C VAL B 451 -24.79 34.64 -25.05
N GLY B 452 -24.90 33.31 -24.85
CA GLY B 452 -23.73 32.47 -24.66
C GLY B 452 -23.21 32.49 -23.24
N VAL B 453 -22.16 31.71 -23.02
CA VAL B 453 -21.57 31.51 -21.70
C VAL B 453 -20.05 31.49 -21.83
N GLU B 454 -19.37 32.20 -20.93
CA GLU B 454 -17.92 32.17 -20.86
C GLU B 454 -17.48 30.99 -19.98
N VAL B 455 -16.82 30.02 -20.57
CA VAL B 455 -16.19 28.93 -19.82
C VAL B 455 -14.71 29.24 -19.65
N SER B 456 -14.26 29.37 -18.41
CA SER B 456 -12.86 29.61 -18.15
C SER B 456 -12.00 28.47 -18.68
N PRO B 457 -10.84 28.77 -19.27
CA PRO B 457 -9.92 27.69 -19.64
C PRO B 457 -9.52 26.83 -18.46
N LEU B 458 -9.53 27.36 -17.24
CA LEU B 458 -9.15 26.55 -16.09
C LEU B 458 -10.23 25.51 -15.77
N ILE B 459 -11.43 25.69 -16.30
CA ILE B 459 -12.47 24.67 -16.17
C ILE B 459 -12.42 23.70 -17.34
N SER B 460 -12.21 24.21 -18.55
CA SER B 460 -12.20 23.39 -19.75
C SER B 460 -11.24 23.98 -20.77
N TYR B 461 -10.23 23.19 -21.17
CA TYR B 461 -9.34 23.59 -22.25
C TYR B 461 -10.08 23.63 -23.59
N GLY B 462 -10.81 22.56 -23.89
CA GLY B 462 -11.45 22.45 -25.19
C GLY B 462 -12.79 21.74 -25.17
N GLY B 463 -13.54 21.84 -24.08
CA GLY B 463 -14.84 21.21 -23.99
C GLY B 463 -14.91 20.04 -23.03
N GLU B 464 -13.77 19.55 -22.53
CA GLU B 464 -13.75 18.48 -21.56
C GLU B 464 -14.08 19.00 -20.17
N GLY B 465 -14.38 18.08 -19.26
CA GLY B 465 -14.48 18.41 -17.86
C GLY B 465 -15.74 19.11 -17.48
N LEU B 466 -16.74 19.09 -18.35
CA LEU B 466 -17.97 19.82 -18.10
C LEU B 466 -19.13 18.91 -17.67
N GLU B 467 -18.84 17.67 -17.26
CA GLU B 467 -19.90 16.77 -16.82
C GLU B 467 -20.70 17.37 -15.67
N PHE B 468 -20.03 18.05 -14.73
CA PHE B 468 -20.69 18.58 -13.55
C PHE B 468 -21.84 19.53 -13.88
N LEU B 469 -22.02 19.90 -15.15
CA LEU B 469 -23.13 20.71 -15.59
C LEU B 469 -24.24 19.92 -16.26
N LYS B 470 -24.11 18.59 -16.37
CA LYS B 470 -25.17 17.81 -17.01
C LYS B 470 -26.48 18.00 -16.26
N GLY B 471 -27.56 18.19 -17.00
CA GLY B 471 -28.86 18.42 -16.41
C GLY B 471 -29.03 19.82 -15.86
N ARG B 472 -27.95 20.37 -15.30
CA ARG B 472 -28.01 21.71 -14.72
C ARG B 472 -28.31 22.75 -15.80
N GLU B 473 -28.83 23.89 -15.36
CA GLU B 473 -29.48 24.86 -16.24
C GLU B 473 -28.85 26.22 -16.02
N ILE B 474 -28.38 26.86 -17.10
CA ILE B 474 -27.53 28.05 -17.01
C ILE B 474 -28.22 29.23 -17.65
N LYS B 475 -28.34 30.33 -16.91
CA LYS B 475 -28.89 31.58 -17.42
C LYS B 475 -27.78 32.36 -18.10
N ALA B 476 -27.96 32.65 -19.40
CA ALA B 476 -26.96 33.39 -20.17
C ALA B 476 -27.27 34.88 -20.17
N PRO B 477 -26.25 35.75 -20.17
CA PRO B 477 -24.83 35.39 -20.16
C PRO B 477 -24.33 34.92 -18.78
N ALA B 478 -23.31 34.07 -18.76
CA ALA B 478 -22.86 33.44 -17.52
C ALA B 478 -21.36 33.23 -17.58
N PHE B 479 -20.77 32.97 -16.42
CA PHE B 479 -19.33 32.75 -16.30
C PHE B 479 -19.06 31.54 -15.42
N ILE B 480 -18.40 30.53 -15.97
CA ILE B 480 -18.06 29.31 -15.23
C ILE B 480 -16.58 29.35 -14.87
N GLU B 481 -16.26 29.31 -13.57
CA GLU B 481 -14.87 29.31 -13.09
C GLU B 481 -14.70 28.29 -11.96
N LYS B 482 -13.52 28.33 -11.35
CA LYS B 482 -13.14 27.43 -10.27
C LYS B 482 -13.71 27.80 -8.90
N GLY C 1 4.40 35.85 13.69
CA GLY C 1 3.42 36.68 14.37
C GLY C 1 2.48 37.41 13.44
N PRO C 2 1.53 38.16 13.99
CA PRO C 2 0.63 38.95 13.15
C PRO C 2 1.29 40.24 12.71
N SER C 3 0.92 40.69 11.51
CA SER C 3 1.39 42.00 11.08
C SER C 3 0.63 43.09 11.83
N ALA C 4 1.22 44.27 11.84
CA ALA C 4 0.54 45.41 12.45
C ALA C 4 -0.79 45.68 11.76
N GLU C 5 -0.87 45.42 10.46
CA GLU C 5 -2.12 45.66 9.74
C GLU C 5 -3.24 44.76 10.26
N GLU C 6 -3.04 43.43 10.22
CA GLU C 6 -4.12 42.56 10.67
C GLU C 6 -4.38 42.74 12.16
N PHE C 7 -3.32 42.93 12.95
CA PHE C 7 -3.49 43.27 14.35
C PHE C 7 -4.41 44.47 14.53
N GLN C 8 -4.23 45.51 13.70
CA GLN C 8 -5.05 46.72 13.83
C GLN C 8 -6.46 46.49 13.34
N GLN C 9 -6.64 45.65 12.31
CA GLN C 9 -7.99 45.28 11.90
C GLN C 9 -8.75 44.66 13.06
N LEU C 10 -8.06 43.84 13.85
CA LEU C 10 -8.67 43.22 15.01
C LEU C 10 -8.96 44.25 16.09
N ARG C 11 -8.01 45.16 16.33
CA ARG C 11 -8.21 46.21 17.34
C ARG C 11 -9.43 47.05 17.00
N LYS C 12 -9.63 47.36 15.71
CA LYS C 12 -10.76 48.19 15.30
C LYS C 12 -12.09 47.52 15.65
N LYS C 13 -12.23 46.25 15.28
CA LYS C 13 -13.47 45.51 15.55
C LYS C 13 -13.81 45.55 17.04
N TYR C 14 -12.82 45.24 17.89
CA TYR C 14 -13.03 45.28 19.33
C TYR C 14 -13.29 46.70 19.84
N THR C 15 -12.58 47.68 19.29
CA THR C 15 -12.77 49.06 19.74
C THR C 15 -14.14 49.61 19.33
N ASP C 16 -14.55 49.38 18.07
CA ASP C 16 -15.88 49.81 17.66
C ASP C 16 -16.97 49.10 18.47
N ALA C 17 -16.69 47.90 18.95
CA ALA C 17 -17.64 47.10 19.75
C ALA C 17 -17.63 47.48 21.21
N GLY C 18 -16.89 48.53 21.60
CA GLY C 18 -16.84 48.94 22.99
C GLY C 18 -15.95 48.07 23.84
N GLN C 19 -15.05 47.28 23.24
CA GLN C 19 -14.23 46.34 24.00
C GLN C 19 -12.73 46.59 23.80
N GLY C 20 -12.35 47.84 23.49
CA GLY C 20 -10.97 48.18 23.22
C GLY C 20 -10.05 48.11 24.43
N HIS C 21 -10.61 48.03 25.63
CA HIS C 21 -9.78 47.88 26.81
C HIS C 21 -8.99 46.57 26.81
N VAL C 22 -9.37 45.58 26.01
CA VAL C 22 -8.61 44.32 26.01
C VAL C 22 -7.24 44.49 25.37
N PHE C 23 -7.04 45.61 24.67
CA PHE C 23 -5.73 45.97 24.13
C PHE C 23 -4.98 46.94 25.04
N ALA C 24 -5.42 47.06 26.30
CA ALA C 24 -4.88 48.11 27.19
C ALA C 24 -3.38 47.96 27.38
N PHE C 25 -2.90 46.73 27.55
CA PHE C 25 -1.52 46.50 27.95
C PHE C 25 -0.60 46.14 26.79
N VAL C 26 -1.07 46.25 25.54
CA VAL C 26 -0.26 45.76 24.42
C VAL C 26 1.10 46.47 24.36
N ASP C 27 1.18 47.68 24.93
CA ASP C 27 2.39 48.49 24.85
C ASP C 27 3.53 47.95 25.72
N GLU C 28 3.29 46.96 26.56
CA GLU C 28 4.35 46.37 27.35
C GLU C 28 4.54 44.88 27.08
N LEU C 29 3.74 44.29 26.21
CA LEU C 29 3.80 42.85 26.00
C LEU C 29 4.97 42.47 25.11
N GLN C 30 5.56 41.32 25.40
CA GLN C 30 6.48 40.71 24.46
C GLN C 30 5.75 40.43 23.14
N THR C 31 6.54 40.16 22.10
CA THR C 31 5.91 39.95 20.80
C THR C 31 5.19 38.60 20.73
N GLY C 32 5.61 37.63 21.55
CA GLY C 32 4.86 36.39 21.65
C GLY C 32 3.60 36.51 22.49
N GLU C 33 3.56 37.48 23.40
CA GLU C 33 2.35 37.70 24.19
C GLU C 33 1.27 38.40 23.38
N ARG C 34 1.63 39.40 22.55
CA ARG C 34 0.61 40.01 21.71
C ARG C 34 0.16 39.04 20.62
N SER C 35 1.02 38.10 20.25
CA SER C 35 0.62 37.05 19.32
C SER C 35 -0.41 36.11 19.95
N GLN C 36 -0.20 35.70 21.21
CA GLN C 36 -1.20 34.92 21.92
C GLN C 36 -2.51 35.70 22.06
N LEU C 37 -2.42 36.95 22.52
CA LEU C 37 -3.61 37.79 22.65
C LEU C 37 -4.31 37.98 21.31
N PHE C 38 -3.54 38.07 20.22
CA PHE C 38 -4.15 38.27 18.91
C PHE C 38 -4.99 37.07 18.50
N HIS C 39 -4.41 35.86 18.60
CA HIS C 39 -5.18 34.71 18.16
C HIS C 39 -6.32 34.40 19.11
N GLN C 40 -6.13 34.62 20.41
CA GLN C 40 -7.25 34.39 21.32
C GLN C 40 -8.43 35.27 20.94
N LEU C 41 -8.19 36.59 20.82
CA LEU C 41 -9.26 37.53 20.50
C LEU C 41 -9.84 37.29 19.11
N SER C 42 -9.04 36.77 18.18
CA SER C 42 -9.54 36.49 16.84
C SER C 42 -10.60 35.39 16.83
N SER C 43 -10.67 34.58 17.88
CA SER C 43 -11.66 33.50 17.91
C SER C 43 -13.04 33.95 18.40
N PHE C 44 -13.20 35.20 18.84
CA PHE C 44 -14.48 35.72 19.29
C PHE C 44 -14.94 36.86 18.39
N ASP C 45 -16.25 36.98 18.25
CA ASP C 45 -16.88 38.12 17.62
C ASP C 45 -17.29 39.08 18.73
N PRO C 46 -16.65 40.24 18.87
CA PRO C 46 -17.00 41.14 19.99
C PRO C 46 -18.44 41.61 19.95
N VAL C 47 -19.02 41.69 18.76
CA VAL C 47 -20.42 42.11 18.63
C VAL C 47 -21.34 41.03 19.19
N ARG C 48 -21.10 39.77 18.83
CA ARG C 48 -21.88 38.67 19.40
C ARG C 48 -21.76 38.65 20.91
N ILE C 49 -20.54 38.86 21.42
CA ILE C 49 -20.37 38.96 22.88
C ILE C 49 -21.28 40.06 23.43
N ASN C 50 -21.28 41.23 22.79
CA ASN C 50 -22.13 42.31 23.28
C ASN C 50 -23.60 41.91 23.28
N GLU C 51 -24.04 41.21 22.23
CA GLU C 51 -25.45 40.86 22.14
C GLU C 51 -25.82 39.85 23.24
N LEU C 52 -24.97 38.87 23.49
CA LEU C 52 -25.27 37.89 24.54
C LEU C 52 -25.23 38.55 25.92
N ALA C 53 -24.22 39.40 26.16
CA ALA C 53 -24.15 40.13 27.42
C ALA C 53 -25.39 41.01 27.61
N ASP C 54 -25.87 41.62 26.52
CA ASP C 54 -27.06 42.47 26.63
C ASP C 54 -28.31 41.66 26.94
N LYS C 55 -28.56 40.61 26.17
CA LYS C 55 -29.74 39.78 26.45
C LYS C 55 -29.66 39.19 27.84
N ALA C 56 -28.46 38.91 28.33
CA ALA C 56 -28.28 38.25 29.62
C ALA C 56 -28.45 39.20 30.79
N LEU C 57 -27.85 40.39 30.71
CA LEU C 57 -27.96 41.38 31.77
C LEU C 57 -29.22 42.25 31.65
N ASN C 58 -29.95 42.16 30.54
CA ASN C 58 -31.23 42.84 30.38
C ASN C 58 -32.29 41.86 29.91
N PRO C 59 -32.63 40.84 30.72
CA PRO C 59 -33.56 39.78 30.28
C PRO C 59 -34.97 40.30 29.99
N ASP C 63 -41.63 33.77 37.26
CA ASP C 63 -42.00 34.40 35.99
C ASP C 63 -42.60 35.78 36.24
N ASP C 64 -43.92 35.83 36.36
CA ASP C 64 -44.61 37.04 36.80
C ASP C 64 -44.81 37.05 38.31
N GLY C 65 -45.01 35.88 38.90
CA GLY C 65 -45.17 35.73 40.34
C GLY C 65 -44.83 34.33 40.79
N PRO C 66 -45.83 33.55 41.15
CA PRO C 66 -45.57 32.22 41.71
C PRO C 66 -45.70 31.09 40.71
N ALA C 67 -44.63 30.31 40.51
CA ALA C 67 -44.70 29.14 39.66
C ALA C 67 -45.42 27.99 40.37
N SER C 68 -46.20 27.23 39.61
CA SER C 68 -46.93 26.08 40.13
C SER C 68 -46.14 24.80 39.87
N LEU C 69 -45.71 24.13 40.93
CA LEU C 69 -44.91 22.93 40.85
C LEU C 69 -45.77 21.71 41.08
N GLU C 70 -45.53 20.65 40.29
CA GLU C 70 -46.27 19.40 40.38
C GLU C 70 -45.39 18.29 39.84
N PRO C 71 -45.49 17.08 40.40
CA PRO C 71 -44.65 15.98 39.92
C PRO C 71 -44.96 15.63 38.49
N LEU C 72 -43.97 15.05 37.81
CA LEU C 72 -44.21 14.52 36.49
C LEU C 72 -45.34 13.50 36.56
N PRO C 73 -46.21 13.42 35.56
CA PRO C 73 -47.33 12.47 35.63
C PRO C 73 -46.82 11.05 35.44
N ASP C 74 -47.55 10.09 36.04
CA ASP C 74 -47.05 8.72 36.14
C ASP C 74 -46.71 8.11 34.79
N ILE C 75 -47.39 8.55 33.72
CA ILE C 75 -47.12 8.05 32.38
C ILE C 75 -45.66 8.29 31.99
N ALA C 76 -45.05 9.37 32.49
CA ALA C 76 -43.69 9.72 32.09
C ALA C 76 -42.61 9.13 32.98
N THR C 77 -42.96 8.47 34.09
CA THR C 77 -41.95 8.06 35.05
C THR C 77 -41.84 6.54 35.17
N ALA C 78 -40.64 6.10 35.56
CA ALA C 78 -40.38 4.75 36.02
C ALA C 78 -39.36 4.85 37.14
N SER C 79 -39.03 3.70 37.73
CA SER C 79 -38.10 3.66 38.85
C SER C 79 -37.48 2.29 38.91
N ILE C 80 -36.14 2.23 38.91
CA ILE C 80 -35.47 0.98 39.25
C ILE C 80 -35.96 0.45 40.59
N LEU C 81 -36.28 1.34 41.53
CA LEU C 81 -36.65 0.91 42.88
C LEU C 81 -38.05 0.33 42.95
N ASP C 82 -39.00 0.90 42.21
CA ASP C 82 -40.42 0.61 42.38
C ASP C 82 -41.08 0.03 41.16
N SER C 83 -40.45 0.10 39.98
CA SER C 83 -41.11 -0.46 38.81
C SER C 83 -41.09 -1.98 38.86
N ASP C 84 -42.00 -2.56 38.08
CA ASP C 84 -42.13 -4.02 37.98
C ASP C 84 -40.83 -4.59 37.41
N PRO C 85 -40.18 -5.53 38.09
CA PRO C 85 -38.99 -6.17 37.52
C PRO C 85 -39.20 -6.70 36.11
N LYS C 86 -40.40 -7.16 35.77
CA LYS C 86 -40.65 -7.58 34.39
C LYS C 86 -40.38 -6.44 33.41
N ASP C 87 -40.86 -5.25 33.74
CA ASP C 87 -40.65 -4.10 32.86
C ASP C 87 -39.18 -3.72 32.78
N LEU C 88 -38.45 -3.81 33.90
CA LEU C 88 -37.04 -3.47 33.88
C LEU C 88 -36.25 -4.44 33.02
N GLU C 89 -36.50 -5.74 33.16
CA GLU C 89 -35.79 -6.71 32.32
C GLU C 89 -36.09 -6.48 30.84
N GLN C 90 -37.35 -6.16 30.52
CA GLN C 90 -37.67 -5.92 29.11
C GLN C 90 -36.95 -4.68 28.60
N TRP C 91 -36.91 -3.60 29.40
CA TRP C 91 -36.21 -2.39 28.94
C TRP C 91 -34.73 -2.64 28.76
N TYR C 92 -34.10 -3.37 29.69
CA TYR C 92 -32.70 -3.75 29.51
C TYR C 92 -32.50 -4.52 28.21
N GLU C 93 -33.41 -5.45 27.94
CA GLU C 93 -33.32 -6.27 26.73
C GLU C 93 -33.41 -5.41 25.48
N GLU C 94 -34.39 -4.51 25.44
CA GLU C 94 -34.59 -3.69 24.25
C GLU C 94 -33.47 -2.67 24.09
N GLY C 95 -32.92 -2.16 25.19
CA GLY C 95 -31.81 -1.23 25.09
C GLY C 95 -30.53 -1.90 24.64
N LEU C 96 -30.28 -3.12 25.12
CA LEU C 96 -29.13 -3.90 24.65
C LEU C 96 -29.28 -4.26 23.18
N LYS C 97 -30.52 -4.46 22.71
CA LYS C 97 -30.76 -4.68 21.29
C LYS C 97 -30.40 -3.44 20.47
N LEU C 98 -30.74 -2.25 20.97
CA LEU C 98 -30.38 -1.02 20.26
C LEU C 98 -28.87 -0.86 20.17
N VAL C 99 -28.16 -1.13 21.27
CA VAL C 99 -26.70 -1.13 21.23
C VAL C 99 -26.19 -2.11 20.18
N ALA C 100 -26.75 -3.33 20.16
CA ALA C 100 -26.29 -4.36 19.25
C ALA C 100 -26.55 -4.00 17.79
N GLY C 101 -27.61 -3.22 17.53
CA GLY C 101 -27.90 -2.68 16.22
C GLY C 101 -27.10 -1.46 15.86
N ASN C 102 -26.10 -1.13 16.66
CA ASN C 102 -25.24 0.04 16.46
C ASN C 102 -26.05 1.34 16.38
N LYS C 103 -27.09 1.44 17.22
CA LYS C 103 -28.01 2.58 17.20
C LYS C 103 -27.80 3.56 18.34
N VAL C 104 -26.86 3.30 19.23
CA VAL C 104 -26.68 4.09 20.44
C VAL C 104 -25.36 4.83 20.36
N ALA C 105 -25.39 6.13 20.69
CA ALA C 105 -24.20 6.94 20.83
C ALA C 105 -24.13 7.52 22.24
N VAL C 106 -22.95 8.00 22.62
CA VAL C 106 -22.73 8.65 23.91
C VAL C 106 -22.04 10.01 23.67
N VAL C 107 -22.55 11.07 24.29
CA VAL C 107 -21.85 12.35 24.32
C VAL C 107 -21.38 12.60 25.73
N LEU C 108 -20.07 12.58 25.94
CA LEU C 108 -19.48 12.88 27.25
C LEU C 108 -19.29 14.39 27.38
N MET C 109 -19.93 14.98 28.39
CA MET C 109 -19.65 16.36 28.76
C MET C 109 -18.40 16.35 29.63
N ALA C 110 -17.27 16.70 29.03
CA ALA C 110 -15.96 16.66 29.68
C ALA C 110 -15.40 18.08 29.75
N GLY C 111 -16.02 18.91 30.60
CA GLY C 111 -15.57 20.28 30.76
C GLY C 111 -14.14 20.39 31.25
N GLY C 112 -13.68 19.39 32.00
CA GLY C 112 -12.28 19.28 32.34
C GLY C 112 -11.81 20.35 33.30
N GLN C 113 -10.51 20.67 33.20
CA GLN C 113 -9.79 21.44 34.21
C GLN C 113 -10.15 20.96 35.61
N GLY C 114 -9.51 19.87 36.05
CA GLY C 114 -9.79 19.30 37.35
C GLY C 114 -9.17 20.08 38.50
N THR C 115 -9.41 21.38 38.53
CA THR C 115 -8.86 22.25 39.55
C THR C 115 -9.60 22.16 40.88
N ARG C 116 -10.68 21.37 40.94
CA ARG C 116 -11.39 21.06 42.19
C ARG C 116 -11.87 22.29 42.93
N SER C 120 -5.71 22.33 36.09
CA SER C 120 -4.70 21.31 35.84
C SER C 120 -5.12 20.38 34.70
N ALA C 121 -4.90 19.07 34.89
CA ALA C 121 -5.25 18.09 33.87
C ALA C 121 -6.76 18.07 33.64
N PRO C 122 -7.22 17.50 32.52
CA PRO C 122 -8.66 17.30 32.33
C PRO C 122 -9.24 16.46 33.47
N LYS C 123 -10.47 16.79 33.87
CA LYS C 123 -11.07 16.10 35.00
C LYS C 123 -11.19 14.60 34.74
N GLY C 124 -11.47 14.22 33.49
CA GLY C 124 -11.52 12.81 33.14
C GLY C 124 -10.25 12.06 33.47
N CYS C 125 -9.10 12.75 33.47
CA CYS C 125 -7.82 12.14 33.81
C CYS C 125 -7.64 11.85 35.30
N PHE C 126 -8.52 12.35 36.16
CA PHE C 126 -8.30 12.24 37.60
C PHE C 126 -8.32 10.79 38.08
N ASP C 127 -7.46 10.51 39.06
CA ASP C 127 -7.28 9.20 39.66
C ASP C 127 -7.79 9.28 41.10
N ILE C 128 -8.98 8.72 41.35
CA ILE C 128 -9.61 8.84 42.66
C ILE C 128 -8.99 7.95 43.72
N GLY C 129 -7.94 7.21 43.39
CA GLY C 129 -7.26 6.37 44.35
C GLY C 129 -7.70 4.93 44.40
N LEU C 130 -8.36 4.42 43.35
CA LEU C 130 -8.70 3.00 43.31
C LEU C 130 -7.44 2.15 43.28
N PRO C 131 -7.54 0.88 43.73
CA PRO C 131 -6.39 -0.02 43.62
C PRO C 131 -5.76 -0.04 42.24
N SER C 132 -6.56 0.03 41.17
CA SER C 132 -6.04 0.03 39.81
C SER C 132 -5.43 1.36 39.40
N HIS C 133 -5.73 2.43 40.12
CA HIS C 133 -5.35 3.80 39.77
C HIS C 133 -5.86 4.20 38.38
N LYS C 134 -6.92 3.56 37.92
CA LYS C 134 -7.55 3.95 36.65
C LYS C 134 -8.18 5.34 36.75
N SER C 135 -8.04 6.10 35.68
CA SER C 135 -8.71 7.38 35.58
C SER C 135 -10.20 7.19 35.30
N LEU C 136 -10.96 8.27 35.46
CA LEU C 136 -12.38 8.24 35.11
C LEU C 136 -12.58 7.92 33.64
N PHE C 137 -11.77 8.52 32.76
CA PHE C 137 -11.82 8.21 31.34
C PHE C 137 -11.74 6.70 31.09
N GLN C 138 -10.78 6.03 31.74
CA GLN C 138 -10.52 4.63 31.46
C GLN C 138 -11.63 3.74 32.02
N ILE C 139 -12.12 4.09 33.20
CA ILE C 139 -13.24 3.38 33.80
C ILE C 139 -14.44 3.44 32.86
N GLN C 140 -14.71 4.62 32.31
CA GLN C 140 -15.89 4.79 31.46
C GLN C 140 -15.71 4.12 30.10
N ALA C 141 -14.49 4.17 29.55
CA ALA C 141 -14.24 3.52 28.27
C ALA C 141 -14.40 2.02 28.39
N GLU C 142 -13.94 1.44 29.50
CA GLU C 142 -14.05 0.01 29.70
C GLU C 142 -15.51 -0.43 29.88
N ARG C 143 -16.34 0.41 30.51
CA ARG C 143 -17.76 0.10 30.60
C ARG C 143 -18.37 0.04 29.22
N ILE C 144 -17.98 0.99 28.35
CA ILE C 144 -18.38 0.96 26.94
C ILE C 144 -17.89 -0.32 26.28
N ALA C 145 -16.61 -0.66 26.50
CA ALA C 145 -16.07 -1.87 25.88
C ALA C 145 -16.85 -3.10 26.33
N LYS C 146 -17.12 -3.19 27.64
CA LYS C 146 -17.91 -4.31 28.16
C LYS C 146 -19.33 -4.32 27.59
N LEU C 147 -19.97 -3.15 27.50
CA LEU C 147 -21.35 -3.14 27.02
C LEU C 147 -21.42 -3.62 25.59
N GLN C 148 -20.48 -3.18 24.76
CA GLN C 148 -20.39 -3.67 23.38
C GLN C 148 -20.26 -5.19 23.34
N LEU C 149 -19.47 -5.76 24.25
CA LEU C 149 -19.26 -7.21 24.26
C LEU C 149 -20.50 -7.95 24.76
N LEU C 150 -21.20 -7.41 25.76
CA LEU C 150 -22.47 -7.99 26.19
C LEU C 150 -23.47 -7.97 25.05
N ALA C 151 -23.47 -6.89 24.27
CA ALA C 151 -24.38 -6.80 23.14
C ALA C 151 -24.03 -7.83 22.07
N GLN C 152 -22.74 -8.04 21.82
CA GLN C 152 -22.32 -9.01 20.82
C GLN C 152 -22.60 -10.44 21.30
N ARG C 153 -22.60 -10.65 22.61
CA ARG C 153 -22.93 -11.97 23.15
C ARG C 153 -24.31 -12.41 22.70
N ILE C 154 -25.28 -11.48 22.73
CA ILE C 154 -26.66 -11.81 22.36
C ILE C 154 -26.84 -11.82 20.84
N SER C 155 -26.30 -10.81 20.16
CA SER C 155 -26.58 -10.58 18.74
C SER C 155 -25.79 -11.51 17.83
N GLY C 156 -24.60 -11.93 18.24
CA GLY C 156 -23.68 -12.63 17.35
C GLY C 156 -22.76 -11.74 16.52
N LYS C 157 -22.96 -10.41 16.54
CA LYS C 157 -22.14 -9.52 15.70
C LYS C 157 -21.59 -8.36 16.53
N GLU C 158 -20.57 -7.71 15.96
CA GLU C 158 -19.92 -6.60 16.64
C GLU C 158 -20.91 -5.48 16.94
N ALA C 159 -20.78 -4.89 18.12
CA ALA C 159 -21.54 -3.68 18.46
C ALA C 159 -20.60 -2.50 18.68
N VAL C 160 -21.02 -1.31 18.27
CA VAL C 160 -20.21 -0.09 18.39
C VAL C 160 -21.05 1.01 19.01
N ILE C 161 -20.58 1.55 20.13
CA ILE C 161 -21.16 2.77 20.70
C ILE C 161 -20.16 3.91 20.51
N PRO C 162 -20.38 4.81 19.57
CA PRO C 162 -19.47 5.95 19.43
C PRO C 162 -19.49 6.83 20.68
N TRP C 163 -18.31 7.22 21.12
CA TRP C 163 -18.11 8.06 22.29
C TRP C 163 -17.66 9.44 21.80
N TYR C 164 -18.56 10.42 21.84
CA TYR C 164 -18.22 11.78 21.42
C TYR C 164 -17.86 12.59 22.67
N VAL C 165 -16.60 12.95 22.80
CA VAL C 165 -16.08 13.52 24.03
C VAL C 165 -15.98 15.04 23.85
N MET C 166 -16.89 15.76 24.50
CA MET C 166 -16.97 17.21 24.36
C MET C 166 -16.05 17.87 25.39
N THR C 167 -15.03 18.55 24.90
CA THR C 167 -14.12 19.27 25.77
C THR C 167 -14.28 20.77 25.55
N SER C 168 -13.58 21.53 26.38
CA SER C 168 -13.44 22.96 26.14
C SER C 168 -12.20 23.22 25.32
N GLY C 169 -12.02 24.49 24.93
CA GLY C 169 -10.81 24.92 24.27
C GLY C 169 -9.55 24.40 24.94
N PRO C 170 -9.30 24.83 26.18
CA PRO C 170 -8.05 24.43 26.86
C PRO C 170 -7.86 22.93 27.05
N THR C 171 -8.93 22.16 27.32
CA THR C 171 -8.78 20.74 27.66
C THR C 171 -8.63 19.83 26.44
N ARG C 172 -8.86 20.35 25.23
CA ARG C 172 -8.92 19.50 24.04
C ARG C 172 -7.60 18.78 23.82
N LYS C 173 -6.52 19.54 23.70
CA LYS C 173 -5.21 18.94 23.41
C LYS C 173 -4.78 17.92 24.46
N PRO C 174 -4.79 18.23 25.76
CA PRO C 174 -4.38 17.21 26.74
C PRO C 174 -5.32 16.00 26.79
N THR C 175 -6.60 16.17 26.49
CA THR C 175 -7.47 15.00 26.42
C THR C 175 -7.05 14.08 25.29
N GLU C 176 -6.81 14.66 24.10
CA GLU C 176 -6.41 13.84 22.95
C GLU C 176 -5.08 13.14 23.23
N GLU C 177 -4.16 13.82 23.90
CA GLU C 177 -2.88 13.19 24.22
C GLU C 177 -3.02 12.16 25.33
N PHE C 178 -4.00 12.34 26.23
CA PHE C 178 -4.25 11.31 27.22
C PHE C 178 -4.80 10.04 26.57
N PHE C 179 -5.73 10.20 25.64
CA PHE C 179 -6.28 9.04 24.95
C PHE C 179 -5.23 8.37 24.06
N GLU C 180 -4.38 9.18 23.40
CA GLU C 180 -3.31 8.60 22.58
C GLU C 180 -2.34 7.79 23.45
N GLN C 181 -1.96 8.34 24.61
CA GLN C 181 -0.99 7.65 25.45
C GLN C 181 -1.51 6.30 25.94
N HIS C 182 -2.81 6.20 26.22
CA HIS C 182 -3.41 4.95 26.64
C HIS C 182 -3.98 4.15 25.48
N LYS C 183 -3.62 4.50 24.26
CA LYS C 183 -4.07 3.78 23.06
C LYS C 183 -5.57 3.51 23.08
N TYR C 184 -6.32 4.50 23.59
CA TYR C 184 -7.78 4.56 23.45
C TYR C 184 -8.49 3.43 24.21
N PHE C 185 -7.83 2.91 25.25
CA PHE C 185 -8.47 2.06 26.28
C PHE C 185 -9.18 0.83 25.70
N GLY C 186 -8.76 0.38 24.53
CA GLY C 186 -9.37 -0.78 23.90
C GLY C 186 -10.54 -0.48 23.00
N LEU C 187 -10.91 0.79 22.85
CA LEU C 187 -11.89 1.21 21.86
C LEU C 187 -11.18 1.54 20.54
N ASN C 188 -11.92 1.51 19.44
CA ASN C 188 -11.35 2.00 18.18
C ASN C 188 -11.14 3.51 18.25
N LYS C 189 -9.99 3.98 17.74
CA LYS C 189 -9.78 5.41 17.57
C LYS C 189 -10.91 6.05 16.79
N SER C 190 -11.41 5.36 15.75
CA SER C 190 -12.50 5.92 14.96
C SER C 190 -13.82 6.00 15.73
N ASP C 191 -13.90 5.43 16.94
CA ASP C 191 -15.15 5.46 17.69
C ASP C 191 -15.05 6.34 18.94
N VAL C 192 -13.96 7.07 19.09
CA VAL C 192 -13.76 8.02 20.19
C VAL C 192 -13.48 9.36 19.53
N ILE C 193 -14.45 10.25 19.55
CA ILE C 193 -14.38 11.49 18.78
C ILE C 193 -14.33 12.63 19.77
N ILE C 194 -13.17 13.27 19.86
CA ILE C 194 -12.97 14.40 20.73
C ILE C 194 -13.29 15.65 19.93
N PHE C 195 -14.18 16.48 20.47
CA PHE C 195 -14.60 17.72 19.84
C PHE C 195 -14.72 18.78 20.93
N GLU C 196 -15.13 19.97 20.52
CA GLU C 196 -15.11 21.16 21.38
C GLU C 196 -16.49 21.77 21.45
N GLN C 197 -16.89 22.17 22.65
CA GLN C 197 -17.98 23.12 22.71
C GLN C 197 -17.42 24.54 22.65
N GLY C 198 -18.28 25.48 22.29
CA GLY C 198 -17.88 26.88 22.28
C GLY C 198 -17.43 27.35 23.65
N VAL C 199 -16.64 28.42 23.65
CA VAL C 199 -16.33 29.17 24.86
C VAL C 199 -16.65 30.63 24.61
N LEU C 200 -16.79 31.36 25.72
CA LEU C 200 -17.04 32.80 25.70
C LEU C 200 -16.15 33.47 26.72
N PRO C 201 -15.71 34.71 26.45
CA PRO C 201 -15.00 35.48 27.47
C PRO C 201 -15.89 35.69 28.68
N CYS C 202 -15.29 35.75 29.86
CA CYS C 202 -16.03 36.15 31.03
C CYS C 202 -16.10 37.66 31.07
N ILE C 203 -17.24 38.19 31.53
CA ILE C 203 -17.52 39.61 31.44
C ILE C 203 -17.73 40.17 32.83
N SER C 204 -17.67 41.50 32.92
CA SER C 204 -17.98 42.23 34.15
C SER C 204 -19.49 42.40 34.29
N ASN C 205 -19.90 42.87 35.47
CA ASN C 205 -21.31 43.23 35.65
C ASN C 205 -21.77 44.28 34.65
N GLU C 206 -20.85 45.06 34.11
CA GLU C 206 -21.17 46.04 33.08
C GLU C 206 -21.06 45.48 31.67
N GLY C 207 -20.67 44.21 31.52
CA GLY C 207 -20.60 43.60 30.22
C GLY C 207 -19.29 43.81 29.49
N LYS C 208 -18.21 44.09 30.21
CA LYS C 208 -16.90 44.26 29.60
C LYS C 208 -16.09 42.98 29.76
N ILE C 209 -15.42 42.59 28.68
CA ILE C 209 -14.58 41.41 28.68
C ILE C 209 -13.53 41.52 29.76
N LEU C 210 -13.36 40.45 30.53
CA LEU C 210 -12.41 40.42 31.62
C LEU C 210 -11.07 39.91 31.12
N MET C 211 -10.00 40.57 31.55
CA MET C 211 -8.64 40.17 31.22
C MET C 211 -8.12 39.26 32.33
N GLU C 212 -7.83 38.01 31.97
CA GLU C 212 -7.16 37.12 32.90
C GLU C 212 -5.74 37.63 33.18
N SER C 213 -4.99 37.97 32.13
CA SER C 213 -3.71 38.63 32.26
C SER C 213 -3.63 39.81 31.30
N LYS C 214 -2.46 40.44 31.20
CA LYS C 214 -2.30 41.58 30.28
C LYS C 214 -2.36 41.16 28.82
N PHE C 215 -2.24 39.85 28.53
CA PHE C 215 -2.38 39.30 27.18
C PHE C 215 -3.35 38.11 27.12
N LYS C 216 -4.12 37.85 28.16
CA LYS C 216 -5.07 36.73 28.13
C LYS C 216 -6.43 37.18 28.64
N VAL C 217 -7.43 36.99 27.81
CA VAL C 217 -8.83 37.17 28.18
C VAL C 217 -9.28 35.95 29.00
N ALA C 218 -10.06 36.19 30.06
CA ALA C 218 -10.66 35.10 30.83
C ALA C 218 -11.83 34.51 30.08
N VAL C 219 -11.79 33.19 29.86
CA VAL C 219 -12.81 32.47 29.11
C VAL C 219 -13.42 31.39 30.00
N ALA C 220 -14.54 30.83 29.51
CA ALA C 220 -15.27 29.74 30.14
C ALA C 220 -16.11 29.06 29.08
N PRO C 221 -16.31 27.74 29.13
CA PRO C 221 -17.25 27.09 28.21
C PRO C 221 -18.65 27.63 28.43
N ASP C 222 -19.45 27.61 27.37
CA ASP C 222 -20.75 28.28 27.39
C ASP C 222 -21.87 27.42 28.00
N GLY C 223 -21.55 26.62 29.00
CA GLY C 223 -22.55 25.88 29.75
C GLY C 223 -22.96 24.57 29.08
N ASN C 224 -23.55 23.69 29.90
CA ASN C 224 -24.02 22.39 29.42
C ASN C 224 -24.97 22.55 28.24
N GLY C 225 -25.77 23.61 28.24
CA GLY C 225 -26.63 23.85 27.09
C GLY C 225 -25.87 24.14 25.80
N GLY C 226 -24.56 24.41 25.88
CA GLY C 226 -23.80 24.57 24.64
C GLY C 226 -23.65 23.29 23.83
N ILE C 227 -24.11 22.15 24.35
CA ILE C 227 -23.94 20.90 23.62
C ILE C 227 -24.67 20.95 22.29
N TYR C 228 -25.91 21.48 22.29
CA TYR C 228 -26.76 21.35 21.12
C TYR C 228 -26.13 22.01 19.90
N GLN C 229 -25.67 23.25 20.05
CA GLN C 229 -25.01 23.93 18.94
C GLN C 229 -23.66 23.28 18.63
N ALA C 230 -22.95 22.82 19.67
CA ALA C 230 -21.67 22.17 19.45
C ALA C 230 -21.81 20.93 18.57
N LEU C 231 -22.91 20.19 18.72
CA LEU C 231 -23.08 18.97 17.92
C LEU C 231 -23.20 19.30 16.44
N LEU C 232 -23.77 20.44 16.11
CA LEU C 232 -23.88 20.82 14.70
C LEU C 232 -22.54 21.33 14.16
N THR C 233 -21.94 22.30 14.85
CA THR C 233 -20.73 22.93 14.33
C THR C 233 -19.59 21.93 14.22
N SER C 234 -19.46 21.04 15.19
CA SER C 234 -18.35 20.09 15.18
C SER C 234 -18.47 19.02 14.10
N GLY C 235 -19.62 18.90 13.45
CA GLY C 235 -19.87 17.75 12.61
C GLY C 235 -20.31 16.49 13.35
N VAL C 236 -20.54 16.56 14.66
CA VAL C 236 -20.91 15.35 15.41
C VAL C 236 -22.28 14.85 14.97
N ARG C 237 -23.26 15.75 14.84
CA ARG C 237 -24.57 15.30 14.39
C ARG C 237 -24.48 14.61 13.04
N GLU C 238 -23.64 15.13 12.14
CA GLU C 238 -23.54 14.56 10.80
C GLU C 238 -22.90 13.16 10.85
N ASP C 239 -21.87 12.99 11.67
CA ASP C 239 -21.29 11.67 11.86
C ASP C 239 -22.32 10.69 12.41
N MET C 240 -23.08 11.13 13.42
CA MET C 240 -24.15 10.32 13.97
C MET C 240 -25.11 9.88 12.88
N ARG C 241 -25.49 10.80 11.98
CA ARG C 241 -26.41 10.44 10.90
C ARG C 241 -25.83 9.35 10.01
N LYS C 242 -24.54 9.44 9.66
CA LYS C 242 -23.95 8.44 8.77
C LYS C 242 -23.86 7.07 9.41
N ARG C 243 -23.79 7.00 10.73
CA ARG C 243 -23.77 5.74 11.45
C ARG C 243 -25.17 5.19 11.71
N GLY C 244 -26.21 5.90 11.32
CA GLY C 244 -27.55 5.51 11.67
C GLY C 244 -27.83 5.57 13.16
N ILE C 245 -27.25 6.55 13.87
CA ILE C 245 -27.53 6.68 15.29
C ILE C 245 -28.98 7.10 15.48
N GLU C 246 -29.66 6.46 16.45
CA GLU C 246 -31.04 6.80 16.77
C GLU C 246 -31.27 7.15 18.24
N HIS C 247 -30.35 6.83 19.14
CA HIS C 247 -30.54 7.10 20.56
C HIS C 247 -29.21 7.55 21.15
N ILE C 248 -29.23 8.64 21.90
CA ILE C 248 -28.00 9.22 22.42
C ILE C 248 -28.08 9.32 23.93
N HIS C 249 -27.03 8.84 24.60
CA HIS C 249 -26.86 9.02 26.04
C HIS C 249 -25.86 10.15 26.29
N THR C 250 -26.21 11.05 27.21
CA THR C 250 -25.40 12.22 27.56
C THR C 250 -25.22 12.24 29.07
N TYR C 251 -23.99 12.50 29.53
CA TYR C 251 -23.77 12.66 30.95
C TYR C 251 -22.49 13.44 31.17
N CYS C 252 -22.14 13.67 32.43
CA CYS C 252 -20.96 14.43 32.83
C CYS C 252 -19.89 13.49 33.38
N VAL C 253 -18.64 13.77 33.00
CA VAL C 253 -17.53 12.85 33.20
C VAL C 253 -17.20 12.64 34.67
N ASP C 254 -17.55 13.59 35.55
CA ASP C 254 -17.21 13.42 36.96
C ASP C 254 -18.16 12.49 37.71
N ASN C 255 -19.12 11.86 37.04
CA ASN C 255 -19.93 10.81 37.69
C ASN C 255 -19.16 9.50 37.61
N CYS C 256 -18.44 9.18 38.68
CA CYS C 256 -17.57 8.02 38.61
CA CYS C 256 -17.57 8.01 38.67
C CYS C 256 -18.33 6.70 38.54
N LEU C 257 -19.62 6.67 38.92
CA LEU C 257 -20.42 5.45 38.85
C LEU C 257 -21.28 5.33 37.58
N VAL C 258 -21.12 6.23 36.60
CA VAL C 258 -22.07 6.29 35.48
C VAL C 258 -22.13 4.95 34.74
N LYS C 259 -23.34 4.44 34.57
CA LYS C 259 -23.60 3.32 33.65
C LYS C 259 -23.65 3.88 32.24
N VAL C 260 -22.51 3.83 31.54
CA VAL C 260 -22.43 4.40 30.20
C VAL C 260 -23.40 3.67 29.28
N ALA C 261 -24.22 4.44 28.57
CA ALA C 261 -25.15 3.91 27.58
C ALA C 261 -26.04 2.82 28.19
N ASP C 262 -26.47 3.05 29.43
CA ASP C 262 -27.32 2.14 30.20
C ASP C 262 -28.46 1.55 29.37
N PRO C 263 -28.44 0.23 29.13
CA PRO C 263 -29.52 -0.40 28.33
C PRO C 263 -30.92 -0.16 28.87
N VAL C 264 -31.06 -0.15 30.19
CA VAL C 264 -32.38 0.05 30.79
C VAL C 264 -32.92 1.43 30.46
N PHE C 265 -32.09 2.46 30.69
CA PHE C 265 -32.43 3.84 30.34
C PHE C 265 -32.80 3.97 28.86
N ILE C 266 -32.00 3.35 27.98
CA ILE C 266 -32.23 3.46 26.53
C ILE C 266 -33.54 2.78 26.15
N GLY C 267 -33.72 1.52 26.60
CA GLY C 267 -34.95 0.82 26.30
C GLY C 267 -36.18 1.50 26.89
N PHE C 268 -36.05 2.00 28.12
CA PHE C 268 -37.16 2.74 28.73
C PHE C 268 -37.60 3.88 27.82
N ALA C 269 -36.66 4.73 27.41
CA ALA C 269 -37.01 5.93 26.65
C ALA C 269 -37.52 5.58 25.28
N ALA C 270 -36.83 4.65 24.59
CA ALA C 270 -37.26 4.27 23.25
C ALA C 270 -38.62 3.58 23.29
N SER C 271 -38.92 2.81 24.33
CA SER C 271 -40.24 2.20 24.43
C SER C 271 -41.32 3.28 24.51
N LYS C 272 -41.05 4.39 25.20
CA LYS C 272 -42.02 5.48 25.28
C LYS C 272 -41.92 6.43 24.11
N GLN C 273 -40.97 6.21 23.21
CA GLN C 273 -40.79 6.99 21.98
C GLN C 273 -40.68 8.47 22.28
N VAL C 274 -39.93 8.81 23.33
CA VAL C 274 -39.81 10.18 23.77
C VAL C 274 -38.66 10.85 23.02
N ASP C 275 -38.67 12.18 23.04
CA ASP C 275 -37.56 12.91 22.45
C ASP C 275 -36.47 13.19 23.46
N ILE C 276 -36.84 13.36 24.71
CA ILE C 276 -35.90 13.56 25.81
C ILE C 276 -36.32 12.66 26.96
N ALA C 277 -35.33 12.12 27.67
CA ALA C 277 -35.58 11.45 28.93
C ALA C 277 -34.44 11.80 29.87
N THR C 278 -34.69 11.61 31.16
CA THR C 278 -33.76 12.00 32.19
C THR C 278 -33.64 10.90 33.23
N LYS C 279 -32.47 10.81 33.86
CA LYS C 279 -32.24 9.96 35.03
C LYS C 279 -32.20 10.82 36.27
N VAL C 280 -32.84 10.34 37.34
CA VAL C 280 -32.83 10.97 38.65
C VAL C 280 -32.46 9.94 39.69
N VAL C 281 -31.97 10.43 40.82
CA VAL C 281 -31.86 9.64 42.04
C VAL C 281 -32.89 10.18 43.02
N ARG C 282 -33.14 9.42 44.07
CA ARG C 282 -34.19 9.79 45.03
C ARG C 282 -33.66 10.84 45.98
N LYS C 283 -34.32 11.99 46.01
CA LYS C 283 -34.17 12.91 47.13
C LYS C 283 -34.88 12.29 48.32
N ARG C 284 -34.13 12.03 49.40
CA ARG C 284 -34.68 11.32 50.54
C ARG C 284 -34.93 12.18 51.78
N ASN C 285 -34.40 13.39 51.84
CA ASN C 285 -34.70 14.32 52.93
C ASN C 285 -35.08 15.64 52.33
N ALA C 286 -36.22 16.19 52.77
CA ALA C 286 -36.78 17.40 52.20
C ALA C 286 -35.77 18.53 52.12
N THR C 287 -34.71 18.49 52.92
CA THR C 287 -33.72 19.55 53.04
C THR C 287 -32.55 19.41 52.07
N GLU C 288 -32.38 18.26 51.41
CA GLU C 288 -31.29 18.12 50.46
C GLU C 288 -31.37 19.23 49.42
N SER C 289 -30.21 19.76 49.07
CA SER C 289 -30.12 20.88 48.14
C SER C 289 -29.77 20.33 46.76
N VAL C 290 -30.80 19.97 46.01
CA VAL C 290 -30.67 19.31 44.72
C VAL C 290 -31.71 19.91 43.79
N GLY C 291 -31.36 20.03 42.51
CA GLY C 291 -32.37 20.34 41.52
C GLY C 291 -33.35 19.20 41.36
N LEU C 292 -34.61 19.54 41.10
CA LEU C 292 -35.68 18.55 40.98
C LEU C 292 -36.28 18.62 39.59
N ILE C 293 -36.52 17.47 39.01
CA ILE C 293 -37.25 17.39 37.75
C ILE C 293 -38.72 17.24 38.07
N LEU C 294 -39.55 18.06 37.43
CA LEU C 294 -40.97 18.15 37.77
C LEU C 294 -41.70 18.87 36.64
N GLN C 295 -42.99 19.09 36.84
CA GLN C 295 -43.78 19.97 35.99
C GLN C 295 -43.73 21.37 36.59
N LYS C 296 -43.11 22.30 35.88
CA LYS C 296 -43.18 23.72 36.22
C LYS C 296 -44.16 24.34 35.23
N ASN C 297 -45.34 24.74 35.73
CA ASN C 297 -46.38 25.33 34.89
C ASN C 297 -46.87 24.34 33.84
N GLY C 298 -46.98 23.06 34.22
CA GLY C 298 -47.46 22.03 33.33
C GLY C 298 -46.52 21.60 32.24
N LYS C 299 -45.22 21.81 32.40
CA LYS C 299 -44.23 21.57 31.37
C LYS C 299 -43.04 20.94 32.07
N PRO C 300 -42.41 19.94 31.46
CA PRO C 300 -41.24 19.33 32.10
C PRO C 300 -40.15 20.38 32.23
N ASP C 301 -39.43 20.32 33.34
CA ASP C 301 -38.46 21.36 33.66
C ASP C 301 -37.63 20.84 34.82
N VAL C 302 -36.53 21.56 35.08
CA VAL C 302 -35.71 21.36 36.27
C VAL C 302 -35.81 22.64 37.08
N VAL C 303 -36.09 22.52 38.36
CA VAL C 303 -36.21 23.68 39.23
C VAL C 303 -35.16 23.55 40.33
N GLU C 304 -34.42 24.63 40.56
CA GLU C 304 -33.37 24.60 41.56
C GLU C 304 -33.97 24.61 42.96
N TYR C 305 -33.18 24.12 43.91
CA TYR C 305 -33.69 23.99 45.27
C TYR C 305 -34.10 25.34 45.85
N SER C 306 -33.49 26.43 45.39
CA SER C 306 -33.81 27.74 45.95
C SER C 306 -35.23 28.17 45.62
N GLU C 307 -35.86 27.56 44.61
CA GLU C 307 -37.20 27.94 44.19
C GLU C 307 -38.29 26.99 44.70
N ILE C 308 -37.98 26.16 45.70
CA ILE C 308 -38.93 25.21 46.27
C ILE C 308 -39.27 25.66 47.68
N ASP C 309 -40.58 25.83 47.95
CA ASP C 309 -41.04 26.22 49.26
C ASP C 309 -40.80 25.12 50.30
N LYS C 310 -40.99 25.48 51.57
CA LYS C 310 -41.02 24.46 52.62
C LYS C 310 -42.18 23.51 52.40
N GLU C 311 -43.34 24.04 52.01
CA GLU C 311 -44.52 23.20 51.87
C GLU C 311 -44.29 22.11 50.82
N THR C 312 -43.64 22.45 49.71
CA THR C 312 -43.47 21.51 48.62
C THR C 312 -42.21 20.65 48.76
N ALA C 313 -41.16 21.18 49.37
CA ALA C 313 -40.00 20.34 49.68
C ALA C 313 -40.37 19.27 50.71
N GLU C 314 -41.13 19.64 51.73
CA GLU C 314 -41.50 18.73 52.80
C GLU C 314 -42.65 17.80 52.43
N ALA C 315 -43.42 18.13 51.40
CA ALA C 315 -44.61 17.38 51.08
C ALA C 315 -44.29 15.90 50.86
N LYS C 316 -44.88 15.04 51.68
CA LYS C 316 -44.76 13.61 51.43
C LYS C 316 -45.70 13.22 50.31
N ASP C 317 -45.28 12.24 49.53
CA ASP C 317 -46.14 11.68 48.49
C ASP C 317 -47.41 11.16 49.15
N PRO C 318 -48.58 11.66 48.77
CA PRO C 318 -49.82 11.15 49.38
C PRO C 318 -50.15 9.72 48.94
N LYS C 319 -49.58 9.25 47.82
CA LYS C 319 -49.81 7.90 47.33
C LYS C 319 -48.69 6.94 47.71
N GLN C 320 -47.76 7.36 48.57
CA GLN C 320 -46.60 6.59 48.99
C GLN C 320 -45.91 7.33 50.13
N PRO C 321 -46.56 7.47 51.28
CA PRO C 321 -46.12 8.46 52.29
C PRO C 321 -44.71 8.27 52.82
N ASP C 322 -44.02 7.18 52.47
CA ASP C 322 -42.64 7.03 52.90
C ASP C 322 -41.64 7.72 51.97
N VAL C 323 -42.09 8.28 50.85
CA VAL C 323 -41.21 9.04 49.96
C VAL C 323 -41.76 10.45 49.79
N LEU C 324 -40.88 11.38 49.40
CA LEU C 324 -41.28 12.76 49.18
C LEU C 324 -42.05 12.90 47.88
N LYS C 325 -43.06 13.77 47.90
CA LYS C 325 -43.82 14.07 46.69
C LYS C 325 -42.92 14.62 45.58
N PHE C 326 -41.88 15.36 45.94
CA PHE C 326 -40.93 15.94 44.99
C PHE C 326 -39.57 15.36 45.32
N ARG C 327 -39.19 14.29 44.59
CA ARG C 327 -38.04 13.51 44.96
C ARG C 327 -37.11 13.18 43.80
N ALA C 328 -37.42 13.63 42.59
CA ALA C 328 -36.63 13.35 41.39
C ALA C 328 -35.42 14.29 41.34
N ALA C 329 -34.34 13.87 41.99
CA ALA C 329 -33.13 14.67 42.07
C ALA C 329 -32.32 14.54 40.77
N ASN C 330 -32.08 15.68 40.12
CA ASN C 330 -31.37 15.72 38.83
C ASN C 330 -29.94 15.26 38.98
N ILE C 331 -29.50 14.34 38.11
CA ILE C 331 -28.11 13.95 38.10
C ILE C 331 -27.44 14.21 36.74
N VAL C 332 -28.02 15.10 35.92
CA VAL C 332 -27.43 15.53 34.66
C VAL C 332 -27.09 14.31 33.81
N ASN C 333 -28.11 13.56 33.43
CA ASN C 333 -27.93 12.27 32.77
C ASN C 333 -29.14 12.10 31.85
N HIS C 334 -28.91 12.18 30.55
CA HIS C 334 -30.00 12.44 29.63
C HIS C 334 -30.04 11.43 28.50
N TYR C 335 -31.22 11.35 27.89
CA TYR C 335 -31.45 10.62 26.66
C TYR C 335 -31.98 11.61 25.62
N TYR C 336 -31.59 11.42 24.37
CA TYR C 336 -32.20 12.14 23.26
C TYR C 336 -32.45 11.16 22.11
N SER C 337 -33.54 11.38 21.39
CA SER C 337 -33.68 10.72 20.11
C SER C 337 -32.86 11.46 19.07
N PHE C 338 -32.40 10.73 18.05
CA PHE C 338 -31.70 11.43 16.99
C PHE C 338 -32.64 12.41 16.28
N LYS C 339 -33.92 12.08 16.18
CA LYS C 339 -34.90 13.00 15.62
C LYS C 339 -34.88 14.34 16.36
N PHE C 340 -34.83 14.30 17.70
CA PHE C 340 -34.71 15.55 18.45
C PHE C 340 -33.46 16.32 18.03
N PHE C 341 -32.34 15.62 17.84
CA PHE C 341 -31.13 16.29 17.36
C PHE C 341 -31.32 16.88 15.97
N GLU C 342 -32.13 16.25 15.12
CA GLU C 342 -32.32 16.82 13.79
C GLU C 342 -33.00 18.18 13.83
N SER C 343 -33.71 18.49 14.91
CA SER C 343 -34.49 19.71 15.03
C SER C 343 -33.70 20.89 15.61
N ILE C 344 -32.42 20.71 15.92
CA ILE C 344 -31.72 21.68 16.76
C ILE C 344 -31.73 23.07 16.15
N GLU C 345 -31.73 23.18 14.82
CA GLU C 345 -31.74 24.49 14.17
C GLU C 345 -32.98 25.30 14.55
N LEU C 346 -34.15 24.65 14.59
CA LEU C 346 -35.40 25.37 14.75
C LEU C 346 -35.48 26.16 16.06
N TRP C 347 -34.73 25.76 17.09
CA TRP C 347 -34.87 26.36 18.40
C TRP C 347 -33.54 26.74 19.05
N ALA C 348 -32.41 26.57 18.36
CA ALA C 348 -31.12 26.73 19.03
C ALA C 348 -30.90 28.17 19.47
N HIS C 349 -31.39 29.13 18.69
CA HIS C 349 -31.31 30.53 19.09
C HIS C 349 -32.19 30.82 20.29
N LYS C 350 -33.33 30.13 20.42
CA LYS C 350 -34.24 30.32 21.56
C LYS C 350 -33.64 29.91 22.89
N LEU C 351 -32.43 29.35 22.90
CA LEU C 351 -31.80 28.93 24.14
C LEU C 351 -30.98 30.09 24.67
N PRO C 352 -31.34 30.66 25.82
CA PRO C 352 -30.65 31.86 26.30
C PRO C 352 -29.36 31.51 27.01
N HIS C 353 -28.44 32.48 27.03
CA HIS C 353 -27.28 32.42 27.91
C HIS C 353 -27.64 33.11 29.21
N HIS C 354 -27.46 32.41 30.31
CA HIS C 354 -27.75 32.92 31.64
C HIS C 354 -26.46 33.40 32.30
N VAL C 355 -26.60 34.31 33.26
CA VAL C 355 -25.44 34.81 33.99
C VAL C 355 -25.18 33.90 35.19
N ALA C 356 -23.92 33.51 35.37
CA ALA C 356 -23.44 32.85 36.57
C ALA C 356 -22.35 33.72 37.17
N ARG C 357 -22.64 34.31 38.33
CA ARG C 357 -21.65 35.12 39.02
C ARG C 357 -20.64 34.18 39.67
N LYS C 358 -19.41 34.21 39.18
CA LYS C 358 -18.32 33.42 39.72
C LYS C 358 -17.21 34.35 40.18
N LYS C 359 -16.39 33.86 41.11
CA LYS C 359 -15.17 34.56 41.48
C LYS C 359 -14.14 34.34 40.39
N ILE C 360 -13.85 35.39 39.62
CA ILE C 360 -13.00 35.29 38.43
C ILE C 360 -11.73 36.09 38.67
N PRO C 361 -10.60 35.43 38.93
CA PRO C 361 -9.34 36.16 39.11
C PRO C 361 -8.91 36.83 37.82
N CYS C 362 -8.53 38.10 37.91
CA CYS C 362 -8.25 38.91 36.73
C CYS C 362 -7.34 40.07 37.11
N ILE C 363 -7.22 41.04 36.19
CA ILE C 363 -6.39 42.23 36.43
C ILE C 363 -7.13 43.21 37.33
N LYS C 372 -9.00 36.68 42.77
CA LYS C 372 -10.32 36.53 43.37
C LYS C 372 -10.53 37.55 44.48
N PRO C 373 -11.76 38.09 44.59
CA PRO C 373 -12.09 38.94 45.74
C PRO C 373 -12.99 38.22 46.73
N GLU C 374 -12.84 36.91 46.83
CA GLU C 374 -13.77 36.03 47.56
C GLU C 374 -15.18 36.15 46.97
N LYS C 375 -15.77 37.36 47.05
CA LYS C 375 -17.07 37.62 46.45
C LYS C 375 -17.01 37.42 44.94
N PRO C 376 -18.16 37.24 44.29
CA PRO C 376 -18.17 37.14 42.83
C PRO C 376 -17.93 38.50 42.20
N ASN C 377 -17.00 38.56 41.24
CA ASN C 377 -16.68 39.80 40.55
C ASN C 377 -17.14 39.83 39.11
N GLY C 378 -17.25 38.67 38.45
CA GLY C 378 -17.63 38.64 37.07
C GLY C 378 -18.76 37.69 36.72
N ILE C 379 -18.89 37.39 35.43
CA ILE C 379 -20.01 36.62 34.91
C ILE C 379 -19.49 35.62 33.89
N LYS C 380 -19.90 34.36 34.01
CA LYS C 380 -19.84 33.40 32.92
C LYS C 380 -21.21 33.33 32.26
N LEU C 381 -21.25 33.42 30.94
CA LEU C 381 -22.49 33.22 30.19
C LEU C 381 -22.66 31.72 29.91
N GLU C 382 -23.79 31.14 30.34
CA GLU C 382 -23.97 29.69 30.29
C GLU C 382 -25.36 29.33 29.82
N GLN C 383 -25.44 28.48 28.81
CA GLN C 383 -26.71 27.90 28.41
C GLN C 383 -26.95 26.63 29.22
N PHE C 384 -28.21 26.35 29.53
CA PHE C 384 -28.56 25.22 30.39
C PHE C 384 -29.12 24.08 29.55
N VAL C 385 -28.56 22.89 29.71
CA VAL C 385 -29.00 21.77 28.89
C VAL C 385 -30.48 21.50 29.07
N PHE C 386 -31.04 21.79 30.24
CA PHE C 386 -32.43 21.45 30.53
C PHE C 386 -33.43 22.51 30.10
N ASP C 387 -32.97 23.67 29.59
CA ASP C 387 -33.88 24.73 29.17
C ASP C 387 -34.72 24.33 27.98
N VAL C 388 -34.33 23.28 27.26
CA VAL C 388 -35.20 22.76 26.21
C VAL C 388 -36.30 21.86 26.75
N PHE C 389 -36.22 21.45 28.01
CA PHE C 389 -37.27 20.58 28.57
C PHE C 389 -38.66 21.21 28.49
N PRO C 390 -38.90 22.44 28.99
CA PRO C 390 -40.26 23.00 28.86
C PRO C 390 -40.75 23.12 27.43
N MET C 391 -39.83 23.23 26.46
CA MET C 391 -40.21 23.28 25.05
C MET C 391 -40.71 21.95 24.52
N THR C 392 -40.71 20.89 25.35
CA THR C 392 -41.02 19.52 24.96
C THR C 392 -42.37 19.09 25.51
N PRO C 393 -43.27 18.54 24.69
CA PRO C 393 -44.52 17.98 25.22
C PRO C 393 -44.27 16.89 26.26
N LEU C 394 -45.15 16.83 27.26
CA LEU C 394 -45.06 15.80 28.30
C LEU C 394 -45.09 14.40 27.71
N GLU C 395 -45.78 14.22 26.59
CA GLU C 395 -45.79 12.91 25.95
C GLU C 395 -44.48 12.60 25.24
N LYS C 396 -43.56 13.57 25.13
CA LYS C 396 -42.26 13.33 24.51
C LYS C 396 -41.14 13.41 25.53
N PHE C 397 -41.49 13.32 26.81
CA PHE C 397 -40.55 13.45 27.91
C PHE C 397 -40.74 12.28 28.87
N ALA C 398 -39.63 11.78 29.42
CA ALA C 398 -39.71 10.70 30.40
C ALA C 398 -38.59 10.88 31.40
N CYS C 399 -38.68 10.12 32.50
CA CYS C 399 -37.78 10.26 33.63
C CYS C 399 -37.73 8.95 34.39
N ILE C 400 -36.53 8.42 34.65
CA ILE C 400 -36.40 7.16 35.36
C ILE C 400 -35.55 7.40 36.61
N GLU C 401 -36.06 6.91 37.74
CA GLU C 401 -35.35 7.00 39.00
C GLU C 401 -34.47 5.75 39.16
N VAL C 402 -33.24 5.96 39.63
CA VAL C 402 -32.24 4.91 39.69
C VAL C 402 -31.64 4.91 41.08
N ARG C 403 -30.89 3.85 41.37
CA ARG C 403 -30.24 3.69 42.68
C ARG C 403 -28.95 4.49 42.69
N ARG C 404 -28.91 5.51 43.55
CA ARG C 404 -27.72 6.37 43.65
C ARG C 404 -26.46 5.55 43.90
N GLU C 405 -26.55 4.55 44.78
CA GLU C 405 -25.35 3.81 45.14
C GLU C 405 -24.83 2.94 43.99
N ASP C 406 -25.63 2.71 42.95
CA ASP C 406 -25.17 2.01 41.76
C ASP C 406 -24.88 2.95 40.58
N GLU C 407 -25.28 4.22 40.65
CA GLU C 407 -25.37 5.00 39.42
C GLU C 407 -24.86 6.42 39.50
N PHE C 408 -24.60 6.99 40.67
CA PHE C 408 -24.28 8.41 40.76
C PHE C 408 -23.31 8.65 41.91
N SER C 409 -22.09 9.05 41.58
CA SER C 409 -21.07 9.33 42.58
C SER C 409 -20.21 10.45 42.05
N PRO C 410 -20.59 11.70 42.31
CA PRO C 410 -19.96 12.82 41.61
C PRO C 410 -18.65 13.24 42.26
N LEU C 411 -17.64 13.44 41.44
CA LEU C 411 -16.35 13.95 41.91
C LEU C 411 -16.37 15.45 41.69
N LYS C 412 -16.75 16.20 42.74
CA LYS C 412 -16.87 17.65 42.65
C LYS C 412 -15.81 18.42 43.43
N ASN C 413 -15.37 17.90 44.57
CA ASN C 413 -14.59 18.65 45.54
C ASN C 413 -13.25 17.96 45.78
N ALA C 414 -12.25 18.77 46.12
CA ALA C 414 -10.91 18.26 46.41
C ALA C 414 -10.93 17.35 47.63
N ARG C 415 -9.89 16.52 47.74
CA ARG C 415 -9.79 15.56 48.83
C ARG C 415 -9.90 16.26 50.18
N GLY C 416 -10.30 15.48 51.19
CA GLY C 416 -10.55 16.02 52.51
C GLY C 416 -11.89 16.70 52.68
N THR C 417 -12.63 16.97 51.61
CA THR C 417 -13.90 17.67 51.72
C THR C 417 -14.94 16.85 52.48
N GLY C 418 -14.90 15.52 52.34
CA GLY C 418 -15.88 14.65 52.95
C GLY C 418 -17.18 14.53 52.20
N GLU C 419 -17.25 15.04 50.98
CA GLU C 419 -18.51 15.08 50.24
C GLU C 419 -18.19 15.27 48.76
N ASP C 420 -18.63 14.34 47.92
CA ASP C 420 -18.36 14.41 46.47
C ASP C 420 -16.88 14.66 46.19
N ASP C 421 -16.03 13.93 46.92
CA ASP C 421 -14.59 14.07 46.81
C ASP C 421 -14.01 12.73 46.35
N PRO C 422 -12.71 12.64 46.03
CA PRO C 422 -12.16 11.34 45.60
C PRO C 422 -12.46 10.19 46.54
N ASP C 423 -12.59 10.45 47.84
CA ASP C 423 -12.78 9.35 48.80
C ASP C 423 -14.20 8.81 48.77
N THR C 424 -15.21 9.68 48.70
CA THR C 424 -16.58 9.20 48.54
C THR C 424 -16.73 8.45 47.22
N SER C 425 -16.08 8.93 46.17
CA SER C 425 -16.12 8.23 44.89
C SER C 425 -15.44 6.86 44.96
N LYS C 426 -14.26 6.80 45.59
CA LYS C 426 -13.56 5.52 45.72
C LYS C 426 -14.40 4.53 46.52
N ARG C 427 -14.99 4.98 47.64
CA ARG C 427 -15.77 4.08 48.47
C ARG C 427 -17.05 3.63 47.77
N ASP C 428 -17.68 4.52 47.00
CA ASP C 428 -18.87 4.13 46.26
C ASP C 428 -18.56 3.00 45.28
N ILE C 429 -17.46 3.14 44.52
CA ILE C 429 -17.08 2.10 43.57
C ILE C 429 -16.74 0.81 44.31
N MET C 430 -15.90 0.89 45.34
CA MET C 430 -15.42 -0.34 45.95
C MET C 430 -16.50 -1.03 46.76
N SER C 431 -17.32 -0.25 47.49
CA SER C 431 -18.47 -0.87 48.16
C SER C 431 -19.42 -1.48 47.14
N GLN C 432 -19.58 -0.87 45.97
CA GLN C 432 -20.42 -1.47 44.92
C GLN C 432 -19.85 -2.81 44.46
N GLY C 433 -18.53 -2.86 44.23
CA GLY C 433 -17.92 -4.12 43.83
C GLY C 433 -18.11 -5.21 44.87
N GLN C 434 -18.08 -4.83 46.15
CA GLN C 434 -18.32 -5.77 47.23
C GLN C 434 -19.72 -6.34 47.14
N ARG C 435 -20.73 -5.47 47.13
CA ARG C 435 -22.12 -5.91 46.97
C ARG C 435 -22.27 -6.90 45.82
N TRP C 436 -21.72 -6.55 44.66
CA TRP C 436 -21.85 -7.41 43.48
C TRP C 436 -21.28 -8.80 43.75
N ILE C 437 -20.12 -8.85 44.40
CA ILE C 437 -19.46 -10.12 44.65
C ILE C 437 -20.24 -10.92 45.68
N GLU C 438 -20.68 -10.26 46.76
CA GLU C 438 -21.44 -10.96 47.80
C GLU C 438 -22.75 -11.51 47.26
N LYS C 439 -23.47 -10.72 46.45
CA LYS C 439 -24.72 -11.24 45.88
C LYS C 439 -24.48 -12.38 44.91
N ALA C 440 -23.29 -12.44 44.29
CA ALA C 440 -22.97 -13.53 43.38
C ALA C 440 -22.52 -14.81 44.11
N GLY C 441 -22.21 -14.74 45.39
CA GLY C 441 -21.77 -15.89 46.17
C GLY C 441 -20.39 -15.76 46.77
N GLY C 442 -19.65 -14.68 46.50
CA GLY C 442 -18.32 -14.55 47.04
C GLY C 442 -18.31 -14.10 48.48
N ILE C 443 -17.16 -14.26 49.12
CA ILE C 443 -16.98 -13.99 50.54
C ILE C 443 -15.90 -12.92 50.67
N VAL C 444 -16.32 -11.70 50.98
CA VAL C 444 -15.39 -10.58 51.14
C VAL C 444 -15.10 -10.42 52.64
N ILE C 445 -13.82 -10.37 52.99
CA ILE C 445 -13.38 -10.24 54.36
C ILE C 445 -12.61 -8.93 54.49
N THR C 446 -12.99 -8.12 55.47
CA THR C 446 -12.45 -6.77 55.62
C THR C 446 -11.87 -6.64 57.03
N GLU C 447 -10.64 -7.11 57.19
CA GLU C 447 -9.91 -6.92 58.45
C GLU C 447 -8.99 -5.71 58.39
N GLY C 448 -9.41 -4.64 57.72
CA GLY C 448 -8.59 -3.44 57.61
C GLY C 448 -9.37 -2.15 57.83
N VAL C 450 -8.92 0.17 54.47
CA VAL C 450 -9.68 0.37 53.24
C VAL C 450 -10.66 -0.79 53.02
N VAL C 451 -11.90 -0.48 52.71
CA VAL C 451 -12.97 -1.46 52.58
C VAL C 451 -13.36 -1.59 51.11
N GLY C 452 -13.93 -2.76 50.77
CA GLY C 452 -14.52 -2.97 49.46
C GLY C 452 -13.57 -3.61 48.47
N VAL C 453 -14.11 -3.88 47.29
CA VAL C 453 -13.39 -4.53 46.20
C VAL C 453 -13.63 -3.75 44.91
N GLU C 454 -12.56 -3.44 44.20
CA GLU C 454 -12.71 -2.86 42.88
C GLU C 454 -12.91 -3.96 41.85
N VAL C 455 -14.03 -3.91 41.14
CA VAL C 455 -14.34 -4.86 40.07
C VAL C 455 -14.21 -4.11 38.75
N SER C 456 -13.30 -4.57 37.90
CA SER C 456 -13.06 -3.91 36.63
C SER C 456 -14.32 -4.00 35.77
N PRO C 457 -14.68 -2.95 35.04
CA PRO C 457 -15.81 -3.07 34.11
C PRO C 457 -15.61 -4.17 33.09
N LEU C 458 -14.36 -4.49 32.75
CA LEU C 458 -14.11 -5.56 31.81
C LEU C 458 -14.57 -6.91 32.35
N ILE C 459 -14.61 -7.05 33.69
CA ILE C 459 -15.16 -8.24 34.33
C ILE C 459 -16.68 -8.14 34.40
N SER C 460 -17.21 -6.98 34.80
CA SER C 460 -18.65 -6.84 35.00
C SER C 460 -19.08 -5.40 34.76
N TYR C 461 -20.08 -5.23 33.87
CA TYR C 461 -20.66 -3.91 33.61
C TYR C 461 -21.55 -3.46 34.75
N GLY C 462 -22.40 -4.35 35.24
CA GLY C 462 -23.43 -4.00 36.19
C GLY C 462 -23.76 -5.07 37.20
N GLY C 463 -22.81 -5.96 37.46
CA GLY C 463 -22.96 -7.00 38.47
C GLY C 463 -23.12 -8.39 37.90
N GLU C 464 -23.25 -8.53 36.58
CA GLU C 464 -23.33 -9.81 35.90
C GLU C 464 -21.94 -10.44 35.79
N GLY C 465 -21.93 -11.73 35.43
CA GLY C 465 -20.68 -12.39 35.11
C GLY C 465 -19.76 -12.66 36.27
N LEU C 466 -20.25 -12.62 37.50
CA LEU C 466 -19.40 -12.84 38.67
C LEU C 466 -19.61 -14.22 39.30
N GLU C 467 -20.38 -15.10 38.65
CA GLU C 467 -20.62 -16.45 39.17
C GLU C 467 -19.33 -17.19 39.48
N PHE C 468 -18.27 -16.97 38.67
CA PHE C 468 -17.01 -17.64 38.88
C PHE C 468 -16.41 -17.37 40.25
N LEU C 469 -16.98 -16.43 41.00
CA LEU C 469 -16.49 -16.09 42.33
C LEU C 469 -17.28 -16.76 43.45
N LYS C 470 -18.40 -17.40 43.13
CA LYS C 470 -19.23 -18.03 44.14
C LYS C 470 -18.40 -18.96 45.00
N GLY C 471 -18.43 -18.73 46.32
CA GLY C 471 -17.73 -19.57 47.26
C GLY C 471 -16.28 -19.21 47.53
N ARG C 472 -15.74 -18.20 46.84
CA ARG C 472 -14.33 -17.85 46.99
C ARG C 472 -14.15 -16.74 48.03
N GLU C 473 -13.00 -16.75 48.69
CA GLU C 473 -12.69 -15.80 49.75
C GLU C 473 -11.78 -14.70 49.19
N ILE C 474 -12.13 -13.45 49.51
CA ILE C 474 -11.53 -12.25 48.92
C ILE C 474 -11.20 -11.28 50.06
N LYS C 475 -9.92 -11.02 50.29
CA LYS C 475 -9.50 -10.11 51.34
C LYS C 475 -9.50 -8.68 50.81
N ALA C 476 -10.32 -7.82 51.41
CA ALA C 476 -10.39 -6.43 50.99
C ALA C 476 -9.27 -5.63 51.66
N PRO C 477 -8.67 -4.66 50.95
CA PRO C 477 -8.99 -4.23 49.57
C PRO C 477 -8.51 -5.20 48.49
N ALA C 478 -9.25 -5.26 47.38
CA ALA C 478 -8.91 -6.16 46.29
C ALA C 478 -9.36 -5.54 44.97
N PHE C 479 -8.74 -6.01 43.89
CA PHE C 479 -9.01 -5.54 42.53
C PHE C 479 -9.15 -6.76 41.63
N ILE C 480 -10.34 -6.93 41.05
CA ILE C 480 -10.63 -8.05 40.17
C ILE C 480 -10.58 -7.54 38.74
N GLU C 481 -9.64 -8.07 37.96
CA GLU C 481 -9.35 -7.63 36.60
C GLU C 481 -9.42 -8.83 35.66
N LYS C 482 -9.61 -8.54 34.37
CA LYS C 482 -9.75 -9.59 33.36
C LYS C 482 -8.47 -10.41 33.21
N PRO D 2 15.88 -80.80 0.51
CA PRO D 2 14.47 -81.18 0.49
C PRO D 2 14.21 -82.66 0.79
N SER D 3 15.16 -83.38 1.39
CA SER D 3 14.82 -84.73 1.85
C SER D 3 14.05 -84.67 3.16
N ALA D 4 13.30 -85.74 3.43
CA ALA D 4 12.47 -85.76 4.64
C ALA D 4 13.32 -85.63 5.89
N GLU D 5 14.52 -86.21 5.89
CA GLU D 5 15.37 -86.15 7.06
C GLU D 5 15.88 -84.72 7.31
N GLU D 6 16.40 -84.06 6.25
CA GLU D 6 16.82 -82.67 6.40
C GLU D 6 15.66 -81.80 6.85
N PHE D 7 14.51 -81.93 6.18
CA PHE D 7 13.33 -81.16 6.52
C PHE D 7 12.99 -81.27 7.99
N GLN D 8 13.06 -82.50 8.53
CA GLN D 8 12.67 -82.74 9.91
C GLN D 8 13.70 -82.19 10.89
N GLN D 9 14.98 -82.22 10.53
CA GLN D 9 15.98 -81.56 11.36
C GLN D 9 15.71 -80.07 11.44
N LEU D 10 15.19 -79.48 10.37
CA LEU D 10 14.80 -78.08 10.38
C LEU D 10 13.55 -77.87 11.23
N ARG D 11 12.57 -78.78 11.11
CA ARG D 11 11.33 -78.70 11.88
C ARG D 11 11.61 -78.80 13.37
N LYS D 12 12.47 -79.74 13.76
CA LYS D 12 12.87 -79.88 15.16
C LYS D 12 13.42 -78.59 15.73
N LYS D 13 14.38 -77.98 15.02
CA LYS D 13 15.00 -76.74 15.48
C LYS D 13 13.96 -75.65 15.71
N TYR D 14 13.04 -75.49 14.76
CA TYR D 14 12.02 -74.46 14.86
C TYR D 14 10.97 -74.82 15.92
N THR D 15 10.60 -76.10 16.01
CA THR D 15 9.62 -76.54 16.99
C THR D 15 10.15 -76.40 18.42
N ASP D 16 11.41 -76.80 18.66
CA ASP D 16 11.99 -76.63 20.00
C ASP D 16 12.02 -75.16 20.40
N ALA D 17 12.14 -74.27 19.42
CA ALA D 17 12.30 -72.84 19.65
C ALA D 17 10.97 -72.12 19.80
N GLY D 18 9.87 -72.86 19.87
CA GLY D 18 8.56 -72.26 20.03
C GLY D 18 7.98 -71.72 18.73
N GLN D 19 8.53 -72.11 17.58
CA GLN D 19 8.13 -71.50 16.32
C GLN D 19 7.63 -72.56 15.32
N GLY D 20 7.15 -73.71 15.81
CA GLY D 20 6.67 -74.79 14.96
C GLY D 20 5.48 -74.41 14.10
N HIS D 21 4.80 -73.31 14.43
CA HIS D 21 3.65 -72.90 13.64
C HIS D 21 4.05 -72.55 12.20
N VAL D 22 5.33 -72.26 11.94
CA VAL D 22 5.72 -71.96 10.56
C VAL D 22 5.58 -73.17 9.66
N PHE D 23 5.42 -74.36 10.23
CA PHE D 23 5.19 -75.57 9.46
C PHE D 23 3.71 -75.95 9.38
N ALA D 24 2.83 -75.06 9.83
CA ALA D 24 1.41 -75.42 10.02
C ALA D 24 0.74 -75.86 8.74
N PHE D 25 1.17 -75.32 7.59
CA PHE D 25 0.53 -75.60 6.31
C PHE D 25 1.32 -76.58 5.46
N VAL D 26 2.40 -77.15 6.00
CA VAL D 26 3.28 -77.99 5.20
C VAL D 26 2.49 -79.09 4.50
N ASP D 27 1.48 -79.61 5.20
CA ASP D 27 0.68 -80.74 4.74
C ASP D 27 -0.04 -80.50 3.41
N GLU D 28 -0.20 -79.24 2.99
CA GLU D 28 -0.93 -78.95 1.76
C GLU D 28 -0.07 -78.28 0.69
N LEU D 29 1.23 -78.15 0.91
CA LEU D 29 2.08 -77.45 -0.04
C LEU D 29 2.56 -78.38 -1.15
N GLN D 30 2.65 -77.84 -2.36
CA GLN D 30 3.37 -78.53 -3.42
C GLN D 30 4.83 -78.74 -2.99
N THR D 31 5.49 -79.69 -3.65
CA THR D 31 6.85 -79.99 -3.26
C THR D 31 7.81 -78.87 -3.59
N GLY D 32 7.46 -77.98 -4.53
CA GLY D 32 8.27 -76.81 -4.77
C GLY D 32 8.07 -75.72 -3.74
N GLU D 33 6.84 -75.57 -3.22
CA GLU D 33 6.57 -74.61 -2.16
C GLU D 33 7.22 -75.03 -0.84
N ARG D 34 7.25 -76.35 -0.57
CA ARG D 34 7.93 -76.87 0.61
C ARG D 34 9.43 -76.65 0.53
N SER D 35 10.00 -76.73 -0.68
CA SER D 35 11.43 -76.45 -0.85
C SER D 35 11.74 -74.97 -0.60
N GLN D 36 10.89 -74.08 -1.11
CA GLN D 36 11.00 -72.65 -0.82
C GLN D 36 11.02 -72.38 0.70
N LEU D 37 9.96 -72.80 1.39
CA LEU D 37 9.88 -72.60 2.83
C LEU D 37 11.08 -73.22 3.55
N PHE D 38 11.51 -74.41 3.11
CA PHE D 38 12.67 -75.05 3.73
C PHE D 38 13.92 -74.20 3.56
N HIS D 39 14.18 -73.73 2.35
CA HIS D 39 15.40 -72.94 2.19
C HIS D 39 15.27 -71.58 2.84
N GLN D 40 14.08 -70.97 2.84
CA GLN D 40 13.94 -69.68 3.52
C GLN D 40 14.18 -69.83 5.02
N LEU D 41 13.51 -70.81 5.64
CA LEU D 41 13.63 -71.04 7.07
C LEU D 41 15.04 -71.39 7.50
N SER D 42 15.79 -72.08 6.62
CA SER D 42 17.14 -72.51 6.94
C SER D 42 18.12 -71.35 7.09
N SER D 43 17.78 -70.18 6.55
CA SER D 43 18.67 -69.03 6.67
C SER D 43 18.56 -68.31 8.02
N PHE D 44 17.57 -68.66 8.87
CA PHE D 44 17.43 -68.03 10.18
C PHE D 44 17.73 -69.03 11.29
N ASP D 45 18.29 -68.52 12.37
CA ASP D 45 18.41 -69.25 13.62
C ASP D 45 17.18 -68.91 14.46
N PRO D 46 16.26 -69.84 14.69
CA PRO D 46 15.04 -69.49 15.45
C PRO D 46 15.35 -69.07 16.88
N VAL D 47 16.44 -69.58 17.45
CA VAL D 47 16.84 -69.17 18.80
C VAL D 47 17.33 -67.72 18.80
N ARG D 48 18.15 -67.36 17.82
CA ARG D 48 18.55 -65.96 17.69
C ARG D 48 17.32 -65.07 17.52
N ILE D 49 16.35 -65.51 16.73
CA ILE D 49 15.13 -64.72 16.56
C ILE D 49 14.46 -64.51 17.92
N ASN D 50 14.32 -65.59 18.70
CA ASN D 50 13.66 -65.46 20.00
C ASN D 50 14.43 -64.50 20.91
N GLU D 51 15.75 -64.55 20.86
CA GLU D 51 16.54 -63.64 21.68
C GLU D 51 16.25 -62.20 21.30
N LEU D 52 16.29 -61.88 20.01
CA LEU D 52 16.03 -60.51 19.58
C LEU D 52 14.60 -60.08 19.90
N ALA D 53 13.64 -60.98 19.67
CA ALA D 53 12.25 -60.67 20.01
C ALA D 53 12.09 -60.42 21.51
N ASP D 54 12.74 -61.24 22.33
CA ASP D 54 12.67 -61.06 23.78
C ASP D 54 13.23 -59.70 24.21
N LYS D 55 14.46 -59.39 23.80
CA LYS D 55 15.07 -58.15 24.24
C LYS D 55 14.35 -56.93 23.67
N ALA D 56 13.71 -57.08 22.51
CA ALA D 56 12.94 -55.99 21.90
C ALA D 56 11.60 -55.76 22.57
N LEU D 57 10.96 -56.82 23.07
CA LEU D 57 9.67 -56.71 23.76
C LEU D 57 9.82 -56.52 25.27
N ASN D 58 11.05 -56.57 25.80
CA ASN D 58 11.34 -56.23 27.20
C ASN D 58 12.56 -55.34 27.27
N PRO D 59 12.42 -54.04 26.98
CA PRO D 59 13.54 -53.10 27.09
C PRO D 59 14.05 -52.94 28.52
N ASP D 63 13.30 -44.18 30.15
CA ASP D 63 12.61 -44.79 31.27
C ASP D 63 12.85 -44.02 32.57
N ASP D 64 13.65 -42.94 32.49
CA ASP D 64 14.12 -42.21 33.66
C ASP D 64 13.96 -40.69 33.44
N GLY D 65 12.72 -40.21 33.50
CA GLY D 65 12.46 -38.78 33.51
C GLY D 65 12.68 -38.10 32.17
N PRO D 66 12.69 -36.77 32.19
CA PRO D 66 12.81 -36.00 30.93
C PRO D 66 14.26 -35.85 30.48
N ALA D 67 14.53 -36.14 29.21
CA ALA D 67 15.87 -35.94 28.69
C ALA D 67 16.13 -34.45 28.48
N SER D 68 17.40 -34.06 28.62
CA SER D 68 17.82 -32.68 28.44
C SER D 68 18.36 -32.50 27.02
N LEU D 69 17.71 -31.63 26.24
CA LEU D 69 18.07 -31.39 24.85
C LEU D 69 18.82 -30.08 24.72
N GLU D 70 19.96 -30.11 24.04
CA GLU D 70 20.78 -28.94 23.76
C GLU D 70 21.40 -29.09 22.37
N PRO D 71 21.59 -28.00 21.64
CA PRO D 71 22.23 -28.10 20.33
C PRO D 71 23.64 -28.64 20.45
N LEU D 72 24.14 -29.21 19.35
CA LEU D 72 25.53 -29.58 19.32
C LEU D 72 26.39 -28.34 19.53
N PRO D 73 27.48 -28.44 20.27
CA PRO D 73 28.32 -27.25 20.50
C PRO D 73 29.02 -26.83 19.22
N ASP D 74 29.38 -25.55 19.17
CA ASP D 74 29.83 -24.91 17.94
C ASP D 74 31.08 -25.58 17.38
N ILE D 75 31.91 -26.17 18.23
CA ILE D 75 33.12 -26.85 17.77
C ILE D 75 32.76 -27.99 16.81
N ALA D 76 31.54 -28.53 16.91
CA ALA D 76 31.14 -29.67 16.10
C ALA D 76 30.36 -29.31 14.84
N THR D 77 29.95 -28.05 14.68
CA THR D 77 29.03 -27.72 13.60
C THR D 77 29.66 -26.83 12.54
N ALA D 78 29.15 -26.97 11.32
CA ALA D 78 29.42 -26.05 10.23
C ALA D 78 28.17 -25.96 9.38
N SER D 79 28.18 -25.04 8.43
CA SER D 79 27.01 -24.78 7.61
C SER D 79 27.44 -24.27 6.25
N ILE D 80 26.89 -24.87 5.20
CA ILE D 80 27.03 -24.28 3.87
C ILE D 80 26.46 -22.86 3.87
N LEU D 81 25.40 -22.62 4.65
CA LEU D 81 24.72 -21.32 4.60
C LEU D 81 25.51 -20.24 5.33
N ASP D 82 26.12 -20.56 6.48
CA ASP D 82 26.70 -19.54 7.35
C ASP D 82 28.20 -19.68 7.58
N SER D 83 28.85 -20.74 7.13
CA SER D 83 30.28 -20.82 7.36
C SER D 83 31.02 -19.84 6.46
N ASP D 84 32.22 -19.47 6.90
CA ASP D 84 33.13 -18.64 6.12
C ASP D 84 33.38 -19.33 4.77
N PRO D 85 33.09 -18.68 3.65
CA PRO D 85 33.37 -19.31 2.35
C PRO D 85 34.81 -19.80 2.20
N LYS D 86 35.79 -19.15 2.83
CA LYS D 86 37.16 -19.66 2.74
C LYS D 86 37.25 -21.06 3.34
N ASP D 87 36.59 -21.25 4.48
CA ASP D 87 36.54 -22.57 5.10
C ASP D 87 35.88 -23.60 4.20
N LEU D 88 34.78 -23.22 3.52
CA LEU D 88 34.12 -24.17 2.64
C LEU D 88 35.03 -24.56 1.47
N GLU D 89 35.73 -23.58 0.89
CA GLU D 89 36.61 -23.87 -0.24
C GLU D 89 37.76 -24.77 0.17
N GLN D 90 38.35 -24.52 1.35
CA GLN D 90 39.43 -25.37 1.80
C GLN D 90 38.94 -26.80 2.05
N TRP D 91 37.76 -26.96 2.68
CA TRP D 91 37.24 -28.30 2.91
C TRP D 91 36.98 -29.03 1.61
N TYR D 92 36.40 -28.33 0.61
CA TYR D 92 36.21 -28.93 -0.71
C TYR D 92 37.53 -29.40 -1.29
N GLU D 93 38.56 -28.55 -1.23
CA GLU D 93 39.85 -28.92 -1.79
C GLU D 93 40.42 -30.14 -1.09
N GLU D 94 40.35 -30.14 0.24
CA GLU D 94 40.93 -31.22 1.02
C GLU D 94 40.16 -32.51 0.79
N GLY D 95 38.83 -32.42 0.70
CA GLY D 95 38.05 -33.61 0.45
C GLY D 95 38.29 -34.19 -0.92
N LEU D 96 38.52 -33.33 -1.91
CA LEU D 96 38.79 -33.80 -3.27
C LEU D 96 40.20 -34.37 -3.37
N LYS D 97 41.12 -33.82 -2.57
CA LYS D 97 42.43 -34.43 -2.44
C LYS D 97 42.32 -35.85 -1.89
N LEU D 98 41.44 -36.07 -0.90
CA LEU D 98 41.25 -37.42 -0.37
C LEU D 98 40.63 -38.34 -1.42
N VAL D 99 39.66 -37.84 -2.18
CA VAL D 99 39.14 -38.61 -3.31
C VAL D 99 40.25 -38.97 -4.28
N ALA D 100 41.13 -37.99 -4.59
CA ALA D 100 42.22 -38.21 -5.52
C ALA D 100 43.20 -39.28 -5.04
N GLY D 101 43.40 -39.39 -3.73
CA GLY D 101 44.30 -40.39 -3.19
C GLY D 101 43.65 -41.75 -3.01
N ASN D 102 42.51 -41.95 -3.67
CA ASN D 102 41.74 -43.18 -3.54
C ASN D 102 41.47 -43.54 -2.08
N LYS D 103 41.16 -42.53 -1.26
CA LYS D 103 40.93 -42.75 0.17
C LYS D 103 39.46 -42.77 0.57
N VAL D 104 38.55 -42.59 -0.39
CA VAL D 104 37.13 -42.37 -0.08
C VAL D 104 36.32 -43.50 -0.68
N ALA D 105 35.37 -44.02 0.11
CA ALA D 105 34.42 -45.02 -0.33
C ALA D 105 33.00 -44.55 0.00
N VAL D 106 32.03 -45.18 -0.65
CA VAL D 106 30.62 -44.87 -0.47
C VAL D 106 29.87 -46.18 -0.17
N VAL D 107 29.04 -46.19 0.88
CA VAL D 107 28.11 -47.30 1.10
C VAL D 107 26.71 -46.81 0.80
N LEU D 108 26.10 -47.38 -0.22
CA LEU D 108 24.75 -47.03 -0.63
C LEU D 108 23.75 -47.92 0.12
N MET D 109 22.91 -47.31 0.94
CA MET D 109 21.79 -48.03 1.56
C MET D 109 20.67 -48.06 0.54
N ALA D 110 20.65 -49.11 -0.28
CA ALA D 110 19.61 -49.22 -1.28
C ALA D 110 18.38 -49.91 -0.72
N GLY D 111 18.55 -50.65 0.37
CA GLY D 111 17.49 -51.20 1.19
C GLY D 111 16.29 -51.82 0.51
N GLY D 112 15.43 -51.00 -0.06
CA GLY D 112 14.07 -51.40 -0.29
C GLY D 112 13.62 -51.60 -1.72
N GLN D 113 12.62 -52.46 -1.88
CA GLN D 113 11.81 -52.54 -3.08
C GLN D 113 11.07 -51.22 -3.30
N GLY D 114 10.69 -50.98 -4.54
CA GLY D 114 10.02 -49.73 -4.89
C GLY D 114 8.52 -49.78 -4.75
N THR D 115 8.05 -50.51 -3.73
CA THR D 115 6.63 -50.84 -3.64
C THR D 115 5.79 -49.63 -3.24
N ARG D 116 6.27 -48.82 -2.30
CA ARG D 116 5.49 -47.64 -1.89
C ARG D 116 5.25 -46.69 -3.05
N LEU D 117 6.04 -46.80 -4.12
CA LEU D 117 5.88 -45.96 -5.31
C LEU D 117 4.98 -46.67 -6.32
N SER D 120 7.56 -53.93 -6.43
CA SER D 120 8.08 -53.76 -7.77
C SER D 120 9.60 -53.94 -7.81
N ALA D 121 10.30 -53.04 -8.49
CA ALA D 121 11.74 -53.15 -8.70
C ALA D 121 12.49 -52.56 -7.51
N PRO D 122 13.83 -52.69 -7.48
CA PRO D 122 14.61 -51.90 -6.53
C PRO D 122 14.34 -50.41 -6.70
N LYS D 123 14.22 -49.70 -5.58
CA LYS D 123 13.89 -48.28 -5.68
C LYS D 123 14.97 -47.51 -6.44
N GLY D 124 16.21 -47.97 -6.38
CA GLY D 124 17.27 -47.37 -7.18
C GLY D 124 16.95 -47.34 -8.67
N CYS D 125 16.13 -48.29 -9.13
CA CYS D 125 15.75 -48.39 -10.54
C CYS D 125 14.68 -47.40 -10.94
N PHE D 126 14.06 -46.69 -9.99
CA PHE D 126 12.92 -45.83 -10.31
C PHE D 126 13.31 -44.66 -11.21
N ASP D 127 12.41 -44.35 -12.16
CA ASP D 127 12.55 -43.27 -13.12
C ASP D 127 11.57 -42.16 -12.72
N ILE D 128 12.07 -41.11 -12.07
CA ILE D 128 11.22 -40.07 -11.53
C ILE D 128 10.65 -39.18 -12.63
N GLY D 129 11.00 -39.49 -13.88
CA GLY D 129 10.41 -38.81 -15.01
C GLY D 129 11.21 -37.67 -15.60
N LEU D 130 12.53 -37.63 -15.39
CA LEU D 130 13.36 -36.61 -16.02
C LEU D 130 13.36 -36.80 -17.54
N PRO D 131 13.69 -35.75 -18.29
CA PRO D 131 13.79 -35.92 -19.75
C PRO D 131 14.69 -37.09 -20.16
N SER D 132 15.80 -37.33 -19.44
CA SER D 132 16.68 -38.45 -19.77
C SER D 132 16.08 -39.79 -19.44
N HIS D 133 15.10 -39.83 -18.52
CA HIS D 133 14.54 -41.05 -17.95
C HIS D 133 15.59 -41.87 -17.19
N LYS D 134 16.67 -41.24 -16.73
CA LYS D 134 17.67 -41.95 -15.94
C LYS D 134 17.11 -42.40 -14.60
N SER D 135 17.56 -43.56 -14.16
CA SER D 135 17.21 -44.06 -12.85
C SER D 135 18.04 -43.36 -11.77
N LEU D 136 17.62 -43.55 -10.53
CA LEU D 136 18.38 -43.03 -9.39
C LEU D 136 19.77 -43.64 -9.34
N PHE D 137 19.87 -44.94 -9.61
CA PHE D 137 21.17 -45.60 -9.70
C PHE D 137 22.11 -44.89 -10.69
N GLN D 138 21.61 -44.61 -11.90
CA GLN D 138 22.47 -44.06 -12.94
C GLN D 138 22.88 -42.63 -12.60
N ILE D 139 21.96 -41.86 -12.03
CA ILE D 139 22.27 -40.50 -11.62
C ILE D 139 23.41 -40.52 -10.61
N GLN D 140 23.32 -41.40 -9.62
CA GLN D 140 24.34 -41.43 -8.58
C GLN D 140 25.67 -41.96 -9.11
N ALA D 141 25.63 -42.96 -9.99
CA ALA D 141 26.87 -43.46 -10.58
C ALA D 141 27.54 -42.39 -11.42
N GLU D 142 26.76 -41.60 -12.16
CA GLU D 142 27.36 -40.55 -12.98
C GLU D 142 27.98 -39.44 -12.12
N ARG D 143 27.37 -39.14 -10.98
CA ARG D 143 28.01 -38.23 -10.03
C ARG D 143 29.33 -38.78 -9.54
N ILE D 144 29.36 -40.08 -9.21
CA ILE D 144 30.60 -40.74 -8.82
C ILE D 144 31.64 -40.59 -9.94
N ALA D 145 31.22 -40.86 -11.18
CA ALA D 145 32.16 -40.81 -12.30
C ALA D 145 32.66 -39.39 -12.54
N LYS D 146 31.77 -38.40 -12.46
CA LYS D 146 32.22 -37.03 -12.62
C LYS D 146 33.17 -36.62 -11.50
N LEU D 147 32.87 -37.03 -10.27
CA LEU D 147 33.72 -36.65 -9.14
C LEU D 147 35.11 -37.23 -9.29
N GLN D 148 35.21 -38.50 -9.71
CA GLN D 148 36.49 -39.09 -10.00
C GLN D 148 37.26 -38.29 -11.05
N LEU D 149 36.58 -37.89 -12.12
CA LEU D 149 37.25 -37.12 -13.17
C LEU D 149 37.72 -35.76 -12.66
N LEU D 150 36.89 -35.09 -11.85
CA LEU D 150 37.30 -33.82 -11.24
C LEU D 150 38.52 -33.99 -10.37
N ALA D 151 38.55 -35.08 -9.60
CA ALA D 151 39.73 -35.35 -8.78
C ALA D 151 40.97 -35.58 -9.65
N GLN D 152 40.79 -36.25 -10.79
CA GLN D 152 41.92 -36.53 -11.66
C GLN D 152 42.41 -35.26 -12.35
N ARG D 153 41.49 -34.35 -12.67
CA ARG D 153 41.82 -33.00 -13.14
C ARG D 153 42.91 -32.36 -12.30
N ILE D 154 42.79 -32.47 -10.98
CA ILE D 154 43.70 -31.77 -10.08
C ILE D 154 44.98 -32.58 -9.86
N SER D 155 44.83 -33.88 -9.57
CA SER D 155 45.93 -34.73 -9.16
C SER D 155 46.82 -35.18 -10.31
N GLY D 156 46.28 -35.27 -11.53
CA GLY D 156 47.01 -35.84 -12.63
C GLY D 156 46.91 -37.36 -12.76
N LYS D 157 46.11 -38.03 -11.93
CA LYS D 157 46.06 -39.50 -11.98
C LYS D 157 44.67 -39.97 -11.61
N GLU D 158 44.32 -41.16 -12.08
CA GLU D 158 42.94 -41.63 -11.94
C GLU D 158 42.55 -41.75 -10.46
N ALA D 159 41.29 -41.47 -10.18
CA ALA D 159 40.77 -41.60 -8.82
C ALA D 159 39.67 -42.67 -8.82
N VAL D 160 39.56 -43.40 -7.71
CA VAL D 160 38.54 -44.46 -7.59
C VAL D 160 37.77 -44.28 -6.30
N ILE D 161 36.45 -44.18 -6.42
CA ILE D 161 35.56 -44.23 -5.26
C ILE D 161 34.76 -45.52 -5.35
N PRO D 162 35.11 -46.54 -4.57
CA PRO D 162 34.31 -47.76 -4.54
C PRO D 162 32.88 -47.49 -4.06
N TRP D 163 31.93 -48.12 -4.73
CA TRP D 163 30.50 -47.97 -4.44
C TRP D 163 30.00 -49.30 -3.87
N TYR D 164 29.85 -49.39 -2.55
CA TYR D 164 29.34 -50.60 -1.90
C TYR D 164 27.82 -50.47 -1.78
N VAL D 165 27.11 -51.22 -2.60
CA VAL D 165 25.67 -51.09 -2.74
C VAL D 165 25.03 -52.13 -1.83
N MET D 166 24.51 -51.68 -0.70
CA MET D 166 23.88 -52.57 0.28
C MET D 166 22.42 -52.76 -0.09
N THR D 167 22.08 -53.98 -0.49
CA THR D 167 20.74 -54.40 -0.85
C THR D 167 20.16 -55.29 0.25
N SER D 168 18.89 -55.61 0.10
CA SER D 168 18.24 -56.61 0.93
C SER D 168 18.25 -57.96 0.22
N GLY D 169 17.77 -58.98 0.92
CA GLY D 169 17.61 -60.31 0.38
C GLY D 169 16.95 -60.32 -0.99
N PRO D 170 15.69 -59.89 -1.05
CA PRO D 170 14.99 -59.89 -2.36
C PRO D 170 15.65 -59.01 -3.42
N THR D 171 16.11 -57.80 -3.05
CA THR D 171 16.54 -56.83 -4.05
C THR D 171 17.88 -57.16 -4.70
N ARG D 172 18.67 -58.07 -4.11
CA ARG D 172 20.05 -58.24 -4.54
C ARG D 172 20.15 -58.65 -5.99
N LYS D 173 19.47 -59.74 -6.36
CA LYS D 173 19.57 -60.23 -7.73
C LYS D 173 19.08 -59.21 -8.76
N PRO D 174 17.89 -58.60 -8.62
CA PRO D 174 17.49 -57.59 -9.62
C PRO D 174 18.42 -56.39 -9.70
N THR D 175 19.10 -56.03 -8.59
CA THR D 175 20.03 -54.90 -8.65
C THR D 175 21.26 -55.27 -9.46
N GLU D 176 21.81 -56.47 -9.26
CA GLU D 176 22.97 -56.89 -10.05
C GLU D 176 22.61 -56.97 -11.53
N GLU D 177 21.42 -57.48 -11.84
CA GLU D 177 20.97 -57.54 -13.22
C GLU D 177 20.74 -56.15 -13.78
N PHE D 178 20.23 -55.22 -12.96
CA PHE D 178 20.06 -53.86 -13.45
C PHE D 178 21.41 -53.23 -13.77
N PHE D 179 22.37 -53.38 -12.86
CA PHE D 179 23.70 -52.83 -13.12
C PHE D 179 24.36 -53.53 -14.30
N GLU D 180 24.20 -54.86 -14.40
CA GLU D 180 24.77 -55.59 -15.53
C GLU D 180 24.17 -55.13 -16.85
N GLN D 181 22.87 -54.83 -16.87
CA GLN D 181 22.22 -54.44 -18.12
C GLN D 181 22.71 -53.07 -18.61
N HIS D 182 23.00 -52.16 -17.69
CA HIS D 182 23.51 -50.85 -18.06
C HIS D 182 25.02 -50.80 -18.08
N LYS D 183 25.67 -51.97 -18.03
CA LYS D 183 27.13 -52.05 -18.12
C LYS D 183 27.81 -51.16 -17.09
N TYR D 184 27.18 -51.03 -15.92
CA TYR D 184 27.76 -50.40 -14.74
C TYR D 184 27.97 -48.89 -14.91
N PHE D 185 27.22 -48.26 -15.82
CA PHE D 185 27.09 -46.80 -15.91
C PHE D 185 28.42 -46.09 -16.08
N GLY D 186 29.44 -46.77 -16.61
CA GLY D 186 30.75 -46.18 -16.80
C GLY D 186 31.68 -46.31 -15.61
N LEU D 187 31.25 -46.96 -14.54
CA LEU D 187 32.17 -47.32 -13.47
C LEU D 187 32.75 -48.70 -13.76
N ASN D 188 33.90 -48.98 -13.17
CA ASN D 188 34.45 -50.33 -13.25
C ASN D 188 33.59 -51.28 -12.44
N LYS D 189 33.30 -52.45 -13.03
CA LYS D 189 32.62 -53.53 -12.30
C LYS D 189 33.34 -53.86 -11.00
N SER D 190 34.68 -53.81 -11.00
CA SER D 190 35.41 -54.02 -9.77
C SER D 190 35.20 -52.92 -8.74
N ASP D 191 34.55 -51.81 -9.10
CA ASP D 191 34.37 -50.73 -8.13
C ASP D 191 32.91 -50.51 -7.74
N VAL D 192 32.03 -51.45 -8.10
CA VAL D 192 30.63 -51.42 -7.70
C VAL D 192 30.37 -52.79 -7.07
N ILE D 193 30.29 -52.84 -5.74
CA ILE D 193 30.24 -54.09 -4.98
C ILE D 193 28.85 -54.19 -4.37
N ILE D 194 28.03 -55.03 -4.96
CA ILE D 194 26.67 -55.22 -4.52
C ILE D 194 26.69 -56.28 -3.43
N PHE D 195 26.22 -55.90 -2.23
CA PHE D 195 26.19 -56.81 -1.10
C PHE D 195 24.85 -56.70 -0.39
N GLU D 196 24.74 -57.46 0.70
CA GLU D 196 23.47 -57.72 1.38
C GLU D 196 23.59 -57.31 2.83
N GLN D 197 22.57 -56.65 3.35
CA GLN D 197 22.44 -56.66 4.79
C GLN D 197 21.57 -57.84 5.21
N GLY D 198 21.69 -58.23 6.48
CA GLY D 198 20.83 -59.26 7.01
C GLY D 198 19.37 -58.87 6.94
N VAL D 199 18.50 -59.88 6.97
CA VAL D 199 17.08 -59.68 7.16
C VAL D 199 16.64 -60.52 8.35
N LEU D 200 15.43 -60.23 8.82
CA LEU D 200 14.82 -60.96 9.93
C LEU D 200 13.37 -61.24 9.60
N PRO D 201 12.81 -62.33 10.13
CA PRO D 201 11.36 -62.53 10.04
C PRO D 201 10.63 -61.42 10.77
N CYS D 202 9.48 -61.04 10.24
CA CYS D 202 8.60 -60.17 11.01
C CYS D 202 7.87 -61.03 12.03
N ILE D 203 7.57 -60.44 13.18
CA ILE D 203 7.03 -61.18 14.30
C ILE D 203 5.75 -60.53 14.78
N SER D 204 4.93 -61.34 15.45
CA SER D 204 3.72 -60.85 16.11
C SER D 204 4.11 -60.13 17.39
N ASN D 205 3.10 -59.53 18.02
CA ASN D 205 3.32 -58.90 19.32
C ASN D 205 3.70 -59.92 20.38
N GLU D 206 3.42 -61.20 20.15
CA GLU D 206 3.85 -62.27 21.05
C GLU D 206 5.19 -62.85 20.65
N GLY D 207 5.85 -62.29 19.63
CA GLY D 207 7.14 -62.80 19.20
C GLY D 207 7.07 -64.08 18.38
N LYS D 208 5.96 -64.30 17.69
CA LYS D 208 5.81 -65.42 16.77
C LYS D 208 6.11 -64.98 15.35
N ILE D 209 6.88 -65.81 14.64
CA ILE D 209 7.22 -65.51 13.26
C ILE D 209 5.94 -65.47 12.43
N LEU D 210 5.84 -64.46 11.58
CA LEU D 210 4.65 -64.25 10.77
C LEU D 210 4.82 -64.91 9.42
N MET D 211 3.74 -65.52 8.94
CA MET D 211 3.73 -66.20 7.66
C MET D 211 3.13 -65.25 6.63
N GLU D 212 3.94 -64.89 5.65
CA GLU D 212 3.46 -64.11 4.52
C GLU D 212 2.51 -64.93 3.66
N SER D 213 2.90 -66.18 3.36
CA SER D 213 1.99 -67.14 2.75
C SER D 213 2.07 -68.46 3.50
N LYS D 214 1.42 -69.50 2.99
CA LYS D 214 1.47 -70.80 3.65
C LYS D 214 2.83 -71.46 3.54
N PHE D 215 3.73 -70.93 2.69
CA PHE D 215 5.10 -71.40 2.53
C PHE D 215 6.13 -70.28 2.51
N LYS D 216 5.80 -69.08 2.95
CA LYS D 216 6.74 -67.96 2.94
C LYS D 216 6.63 -67.19 4.25
N VAL D 217 7.74 -67.14 4.98
CA VAL D 217 7.84 -66.28 6.16
C VAL D 217 7.93 -64.82 5.71
N ALA D 218 7.30 -63.92 6.48
CA ALA D 218 7.40 -62.49 6.21
C ALA D 218 8.68 -61.93 6.81
N VAL D 219 9.48 -61.28 5.97
CA VAL D 219 10.81 -60.78 6.33
C VAL D 219 10.89 -59.28 6.01
N ALA D 220 11.96 -58.66 6.51
CA ALA D 220 12.30 -57.26 6.27
C ALA D 220 13.76 -57.06 6.63
N PRO D 221 14.44 -56.06 6.05
CA PRO D 221 15.81 -55.77 6.47
C PRO D 221 15.86 -55.33 7.93
N ASP D 222 17.00 -55.60 8.57
CA ASP D 222 17.10 -55.38 10.01
C ASP D 222 17.47 -53.93 10.33
N GLY D 223 17.00 -53.00 9.51
CA GLY D 223 17.15 -51.57 9.77
C GLY D 223 18.46 -50.99 9.28
N ASN D 224 18.48 -49.65 9.18
CA ASN D 224 19.67 -48.92 8.76
C ASN D 224 20.88 -49.27 9.60
N GLY D 225 20.68 -49.51 10.90
CA GLY D 225 21.78 -49.87 11.76
C GLY D 225 22.36 -51.24 11.48
N GLY D 226 21.72 -52.01 10.60
CA GLY D 226 22.32 -53.27 10.23
C GLY D 226 23.53 -53.13 9.33
N ILE D 227 23.88 -51.91 8.94
CA ILE D 227 25.03 -51.70 8.06
C ILE D 227 26.31 -52.15 8.74
N TYR D 228 26.45 -51.86 10.03
CA TYR D 228 27.73 -52.08 10.69
C TYR D 228 28.11 -53.57 10.69
N GLN D 229 27.17 -54.43 11.05
CA GLN D 229 27.45 -55.87 11.00
C GLN D 229 27.55 -56.33 9.56
N ALA D 230 26.74 -55.76 8.67
CA ALA D 230 26.80 -56.14 7.27
C ALA D 230 28.18 -55.89 6.68
N LEU D 231 28.85 -54.81 7.09
CA LEU D 231 30.16 -54.51 6.51
C LEU D 231 31.17 -55.60 6.84
N LEU D 232 31.06 -56.20 8.02
CA LEU D 232 32.01 -57.25 8.38
C LEU D 232 31.65 -58.57 7.70
N THR D 233 30.40 -59.03 7.86
CA THR D 233 30.01 -60.33 7.31
C THR D 233 30.17 -60.38 5.79
N SER D 234 29.96 -59.25 5.11
CA SER D 234 30.01 -59.30 3.65
C SER D 234 31.43 -59.31 3.10
N GLY D 235 32.45 -59.08 3.94
CA GLY D 235 33.78 -58.82 3.43
C GLY D 235 34.02 -57.40 2.95
N VAL D 236 33.03 -56.50 3.10
CA VAL D 236 33.19 -55.15 2.57
C VAL D 236 34.24 -54.39 3.37
N ARG D 237 34.20 -54.48 4.70
CA ARG D 237 35.22 -53.80 5.49
C ARG D 237 36.61 -54.27 5.10
N GLU D 238 36.76 -55.57 4.84
CA GLU D 238 38.08 -56.10 4.47
C GLU D 238 38.54 -55.54 3.13
N ASP D 239 37.63 -55.44 2.16
CA ASP D 239 37.94 -54.85 0.87
C ASP D 239 38.39 -53.40 1.03
N MET D 240 37.66 -52.64 1.84
CA MET D 240 38.07 -51.26 2.12
C MET D 240 39.49 -51.21 2.63
N ARG D 241 39.87 -52.19 3.47
CA ARG D 241 41.22 -52.18 4.04
C ARG D 241 42.27 -52.44 2.97
N LYS D 242 41.99 -53.35 2.03
CA LYS D 242 42.95 -53.63 0.97
C LYS D 242 43.17 -52.42 0.08
N ARG D 243 42.15 -51.57 -0.05
CA ARG D 243 42.23 -50.39 -0.90
C ARG D 243 42.81 -49.19 -0.18
N GLY D 244 43.03 -49.26 1.13
CA GLY D 244 43.47 -48.10 1.87
C GLY D 244 42.39 -47.04 2.06
N ILE D 245 41.12 -47.44 2.07
CA ILE D 245 40.05 -46.50 2.37
C ILE D 245 40.26 -45.92 3.76
N GLU D 246 40.12 -44.59 3.88
CA GLU D 246 40.18 -43.93 5.18
C GLU D 246 38.93 -43.13 5.53
N HIS D 247 38.05 -42.86 4.57
CA HIS D 247 36.85 -42.06 4.79
C HIS D 247 35.71 -42.68 4.00
N ILE D 248 34.52 -42.72 4.59
CA ILE D 248 33.39 -43.40 3.98
C ILE D 248 32.17 -42.50 4.07
N HIS D 249 31.49 -42.34 2.94
CA HIS D 249 30.21 -41.64 2.84
C HIS D 249 29.10 -42.67 2.76
N THR D 250 28.05 -42.48 3.55
CA THR D 250 26.91 -43.38 3.49
C THR D 250 25.64 -42.54 3.35
N TYR D 251 24.69 -43.04 2.59
CA TYR D 251 23.43 -42.32 2.40
C TYR D 251 22.40 -43.32 1.88
N CYS D 252 21.17 -42.85 1.72
CA CYS D 252 20.07 -43.67 1.23
CA CYS D 252 20.08 -43.67 1.23
C CYS D 252 19.77 -43.33 -0.21
N VAL D 253 19.51 -44.38 -1.01
CA VAL D 253 19.37 -44.26 -2.45
C VAL D 253 18.22 -43.36 -2.87
N ASP D 254 17.24 -43.13 -2.00
CA ASP D 254 16.08 -42.38 -2.48
C ASP D 254 16.28 -40.87 -2.44
N ASN D 255 17.42 -40.38 -1.94
CA ASN D 255 17.74 -38.96 -2.00
C ASN D 255 18.22 -38.66 -3.41
N CYS D 256 17.29 -38.22 -4.27
CA CYS D 256 17.65 -38.01 -5.66
CA CYS D 256 17.61 -37.97 -5.67
C CYS D 256 18.65 -36.88 -5.88
N LEU D 257 18.79 -35.95 -4.93
CA LEU D 257 19.76 -34.87 -5.09
C LEU D 257 21.11 -35.16 -4.43
N VAL D 258 21.34 -36.41 -3.97
CA VAL D 258 22.51 -36.69 -3.14
C VAL D 258 23.80 -36.32 -3.88
N LYS D 259 24.64 -35.53 -3.20
CA LYS D 259 26.00 -35.26 -3.67
C LYS D 259 26.89 -36.42 -3.20
N VAL D 260 27.10 -37.40 -4.08
CA VAL D 260 27.80 -38.62 -3.69
C VAL D 260 29.25 -38.29 -3.35
N ALA D 261 29.71 -38.73 -2.18
CA ALA D 261 31.10 -38.53 -1.77
C ALA D 261 31.46 -37.04 -1.76
N ASP D 262 30.54 -36.22 -1.29
CA ASP D 262 30.66 -34.76 -1.31
C ASP D 262 31.99 -34.31 -0.71
N PRO D 263 32.86 -33.74 -1.54
CA PRO D 263 34.18 -33.30 -1.05
C PRO D 263 34.14 -32.38 0.17
N VAL D 264 33.17 -31.46 0.22
CA VAL D 264 33.05 -30.53 1.36
C VAL D 264 32.81 -31.31 2.64
N PHE D 265 31.79 -32.19 2.63
CA PHE D 265 31.51 -33.09 3.75
C PHE D 265 32.76 -33.86 4.14
N ILE D 266 33.38 -34.53 3.17
CA ILE D 266 34.55 -35.36 3.47
C ILE D 266 35.65 -34.52 4.09
N GLY D 267 36.05 -33.44 3.40
CA GLY D 267 37.10 -32.58 3.92
C GLY D 267 36.74 -31.96 5.26
N PHE D 268 35.48 -31.57 5.42
CA PHE D 268 35.07 -31.00 6.71
C PHE D 268 35.31 -31.99 7.84
N ALA D 269 34.88 -33.24 7.65
CA ALA D 269 34.98 -34.22 8.73
C ALA D 269 36.43 -34.62 8.97
N ALA D 270 37.18 -34.86 7.89
CA ALA D 270 38.59 -35.24 8.04
C ALA D 270 39.37 -34.15 8.75
N SER D 271 39.07 -32.89 8.43
CA SER D 271 39.79 -31.77 9.05
C SER D 271 39.54 -31.70 10.56
N LYS D 272 38.39 -32.17 11.02
CA LYS D 272 38.14 -32.25 12.46
C LYS D 272 38.47 -33.63 13.03
N GLN D 273 38.93 -34.55 12.19
CA GLN D 273 39.42 -35.86 12.63
C GLN D 273 38.37 -36.57 13.47
N VAL D 274 37.13 -36.51 13.02
CA VAL D 274 36.02 -37.10 13.74
C VAL D 274 35.87 -38.56 13.32
N ASP D 275 35.19 -39.33 14.16
CA ASP D 275 34.92 -40.71 13.79
C ASP D 275 33.57 -40.84 13.12
N ILE D 276 32.63 -39.95 13.43
CA ILE D 276 31.35 -39.87 12.75
C ILE D 276 31.03 -38.41 12.47
N ALA D 277 30.38 -38.16 11.34
CA ALA D 277 29.84 -36.86 11.03
C ALA D 277 28.55 -37.05 10.26
N THR D 278 27.70 -36.03 10.33
CA THR D 278 26.36 -36.08 9.77
C THR D 278 26.11 -34.85 8.90
N LYS D 279 25.24 -35.00 7.90
CA LYS D 279 24.68 -33.87 7.18
C LYS D 279 23.24 -33.66 7.61
N VAL D 280 22.83 -32.39 7.66
CA VAL D 280 21.49 -31.95 8.04
C VAL D 280 21.06 -30.86 7.08
N VAL D 281 19.74 -30.69 6.95
CA VAL D 281 19.18 -29.51 6.32
C VAL D 281 18.51 -28.67 7.40
N ARG D 282 18.19 -27.43 7.05
CA ARG D 282 17.67 -26.51 8.04
C ARG D 282 16.20 -26.81 8.27
N LYS D 283 15.86 -27.11 9.52
CA LYS D 283 14.46 -27.09 9.89
C LYS D 283 14.04 -25.64 10.02
N ARG D 284 13.06 -25.22 9.22
CA ARG D 284 12.74 -23.81 9.13
C ARG D 284 11.47 -23.39 9.86
N ASN D 285 10.61 -24.32 10.24
CA ASN D 285 9.40 -23.98 10.97
C ASN D 285 9.24 -24.99 12.10
N ALA D 286 9.00 -24.49 13.32
CA ALA D 286 9.07 -25.31 14.53
C ALA D 286 8.17 -26.53 14.46
N THR D 287 7.18 -26.52 13.56
CA THR D 287 6.20 -27.58 13.43
C THR D 287 6.61 -28.67 12.45
N GLU D 288 7.74 -28.54 11.76
CA GLU D 288 8.16 -29.59 10.83
C GLU D 288 8.43 -30.88 11.58
N SER D 289 7.98 -31.98 10.99
CA SER D 289 8.08 -33.30 11.62
C SER D 289 9.31 -34.03 11.05
N VAL D 290 10.47 -33.69 11.62
CA VAL D 290 11.76 -34.22 11.20
C VAL D 290 12.52 -34.65 12.45
N GLY D 291 13.31 -35.71 12.35
CA GLY D 291 14.28 -35.99 13.38
C GLY D 291 15.35 -34.90 13.43
N LEU D 292 15.82 -34.61 14.64
CA LEU D 292 16.81 -33.55 14.86
C LEU D 292 18.07 -34.14 15.45
N ILE D 293 19.22 -33.68 14.96
CA ILE D 293 20.52 -34.03 15.53
C ILE D 293 20.85 -33.01 16.61
N LEU D 294 21.29 -33.47 17.76
CA LEU D 294 21.49 -32.57 18.90
C LEU D 294 22.25 -33.30 20.00
N GLN D 295 22.42 -32.62 21.13
CA GLN D 295 22.89 -33.24 22.35
C GLN D 295 21.68 -33.72 23.15
N LYS D 296 21.52 -35.03 23.26
CA LYS D 296 20.53 -35.63 24.15
C LYS D 296 21.30 -36.11 25.38
N ASN D 297 21.11 -35.43 26.51
CA ASN D 297 21.82 -35.74 27.75
C ASN D 297 23.34 -35.57 27.60
N GLY D 298 23.78 -34.62 26.77
CA GLY D 298 25.20 -34.35 26.62
C GLY D 298 25.95 -35.28 25.67
N LYS D 299 25.25 -35.98 24.80
CA LYS D 299 25.84 -36.90 23.84
C LYS D 299 25.22 -36.66 22.48
N PRO D 300 25.97 -36.82 21.40
CA PRO D 300 25.38 -36.68 20.07
C PRO D 300 24.30 -37.74 19.89
N ASP D 301 23.19 -37.34 19.27
CA ASP D 301 22.07 -38.25 19.11
C ASP D 301 21.14 -37.67 18.07
N VAL D 302 20.18 -38.50 17.66
CA VAL D 302 19.08 -38.09 16.80
C VAL D 302 17.81 -38.30 17.60
N VAL D 303 16.97 -37.28 17.68
CA VAL D 303 15.75 -37.34 18.46
C VAL D 303 14.57 -37.09 17.54
N GLU D 304 13.58 -37.97 17.61
CA GLU D 304 12.42 -37.82 16.74
C GLU D 304 11.59 -36.63 17.16
N TYR D 305 10.85 -36.09 16.19
CA TYR D 305 10.04 -34.91 16.44
C TYR D 305 9.07 -35.14 17.59
N SER D 306 8.63 -36.39 17.77
CA SER D 306 7.65 -36.71 18.80
C SER D 306 8.23 -36.64 20.20
N GLU D 307 9.55 -36.53 20.35
CA GLU D 307 10.17 -36.32 21.65
C GLU D 307 10.62 -34.88 21.85
N ILE D 308 10.16 -33.95 21.02
CA ILE D 308 10.48 -32.53 21.16
C ILE D 308 9.20 -31.81 21.60
N ASP D 309 9.24 -31.21 22.78
CA ASP D 309 8.12 -30.43 23.28
C ASP D 309 7.97 -29.12 22.50
N LYS D 310 6.84 -28.45 22.72
CA LYS D 310 6.60 -27.15 22.09
C LYS D 310 7.68 -26.14 22.46
N GLU D 311 8.09 -26.12 23.73
CA GLU D 311 9.07 -25.13 24.18
C GLU D 311 10.37 -25.25 23.40
N THR D 312 10.89 -26.47 23.28
CA THR D 312 12.16 -26.67 22.59
C THR D 312 12.02 -26.59 21.08
N ALA D 313 10.90 -27.07 20.51
CA ALA D 313 10.70 -26.96 19.07
C ALA D 313 10.61 -25.50 18.64
N GLU D 314 9.86 -24.69 19.39
CA GLU D 314 9.65 -23.28 19.06
C GLU D 314 10.81 -22.39 19.44
N ALA D 315 11.73 -22.87 20.28
CA ALA D 315 12.77 -21.99 20.81
C ALA D 315 13.56 -21.38 19.67
N LYS D 316 13.48 -20.06 19.53
CA LYS D 316 14.33 -19.41 18.55
C LYS D 316 15.78 -19.44 19.04
N ASP D 317 16.71 -19.46 18.09
CA ASP D 317 18.12 -19.42 18.43
C ASP D 317 18.39 -18.12 19.18
N PRO D 318 19.06 -18.17 20.31
CA PRO D 318 19.42 -16.91 20.99
C PRO D 318 20.51 -16.15 20.23
N LYS D 319 21.54 -16.85 19.78
CA LYS D 319 22.70 -16.23 19.14
C LYS D 319 22.54 -16.07 17.62
N GLN D 320 21.31 -16.17 17.12
CA GLN D 320 20.96 -16.03 15.70
C GLN D 320 19.45 -16.07 15.58
N PRO D 321 18.76 -15.06 16.11
CA PRO D 321 17.30 -15.19 16.36
C PRO D 321 16.44 -15.29 15.11
N ASP D 322 17.01 -15.30 13.91
CA ASP D 322 16.19 -15.54 12.74
C ASP D 322 16.01 -17.03 12.44
N VAL D 323 16.75 -17.90 13.12
CA VAL D 323 16.63 -19.34 12.93
C VAL D 323 16.22 -20.01 14.25
N LEU D 324 15.74 -21.25 14.13
CA LEU D 324 15.37 -22.05 15.29
C LEU D 324 16.61 -22.49 16.05
N LYS D 325 16.47 -22.54 17.38
CA LYS D 325 17.55 -23.07 18.20
C LYS D 325 17.84 -24.53 17.88
N PHE D 326 16.81 -25.31 17.54
CA PHE D 326 16.94 -26.74 17.22
C PHE D 326 16.49 -26.93 15.78
N ARG D 327 17.47 -26.96 14.86
CA ARG D 327 17.14 -26.88 13.43
C ARG D 327 17.90 -27.86 12.56
N ALA D 328 18.69 -28.76 13.12
CA ALA D 328 19.49 -29.72 12.34
C ALA D 328 18.63 -30.93 11.96
N ALA D 329 17.91 -30.80 10.85
CA ALA D 329 17.04 -31.86 10.36
C ALA D 329 17.87 -33.01 9.78
N ASN D 330 17.70 -34.21 10.34
CA ASN D 330 18.42 -35.39 9.88
C ASN D 330 18.02 -35.75 8.45
N ILE D 331 19.01 -35.92 7.57
CA ILE D 331 18.74 -36.38 6.22
C ILE D 331 19.40 -37.73 5.92
N VAL D 332 19.87 -38.44 6.95
CA VAL D 332 20.39 -39.80 6.87
C VAL D 332 21.57 -39.84 5.89
N ASN D 333 22.63 -39.16 6.25
CA ASN D 333 23.72 -38.88 5.32
C ASN D 333 24.95 -38.72 6.19
N HIS D 334 25.81 -39.73 6.18
CA HIS D 334 26.81 -39.84 7.23
C HIS D 334 28.21 -39.97 6.67
N TYR D 335 29.16 -39.70 7.56
CA TYR D 335 30.57 -39.95 7.34
C TYR D 335 31.10 -40.84 8.45
N TYR D 336 32.03 -41.73 8.08
CA TYR D 336 32.79 -42.50 9.05
C TYR D 336 34.27 -42.49 8.68
N SER D 337 35.11 -42.49 9.70
CA SER D 337 36.52 -42.84 9.49
C SER D 337 36.62 -44.35 9.36
N PHE D 338 37.65 -44.81 8.62
CA PHE D 338 37.83 -46.26 8.57
C PHE D 338 38.24 -46.79 9.94
N LYS D 339 38.90 -45.95 10.76
CA LYS D 339 39.18 -46.36 12.13
C LYS D 339 37.90 -46.69 12.90
N PHE D 340 36.83 -45.92 12.67
CA PHE D 340 35.57 -46.22 13.34
C PHE D 340 35.04 -47.59 12.92
N PHE D 341 35.18 -47.93 11.63
CA PHE D 341 34.77 -49.25 11.16
C PHE D 341 35.65 -50.35 11.74
N GLU D 342 36.91 -50.06 12.03
CA GLU D 342 37.76 -51.09 12.60
C GLU D 342 37.31 -51.50 14.00
N SER D 343 36.52 -50.67 14.68
CA SER D 343 36.08 -50.94 16.05
C SER D 343 34.74 -51.66 16.12
N ILE D 344 34.12 -52.03 15.00
CA ILE D 344 32.73 -52.49 14.99
C ILE D 344 32.53 -53.67 15.93
N GLU D 345 33.49 -54.61 15.97
CA GLU D 345 33.33 -55.78 16.83
C GLU D 345 33.18 -55.39 18.29
N LEU D 346 33.79 -54.28 18.70
CA LEU D 346 33.82 -53.89 20.11
C LEU D 346 32.44 -53.57 20.67
N TRP D 347 31.50 -53.16 19.81
CA TRP D 347 30.21 -52.68 20.27
C TRP D 347 29.04 -53.17 19.43
N ALA D 348 29.27 -53.97 18.37
CA ALA D 348 28.21 -54.26 17.41
C ALA D 348 27.00 -54.87 18.09
N HIS D 349 27.22 -55.75 19.08
CA HIS D 349 26.12 -56.38 19.81
C HIS D 349 25.41 -55.40 20.75
N LYS D 350 26.06 -54.30 21.16
CA LYS D 350 25.42 -53.25 21.94
C LYS D 350 24.38 -52.47 21.15
N LEU D 351 24.24 -52.72 19.86
CA LEU D 351 23.26 -52.02 19.04
C LEU D 351 21.94 -52.77 19.12
N PRO D 352 20.91 -52.20 19.72
CA PRO D 352 19.68 -52.98 19.94
C PRO D 352 18.80 -53.03 18.71
N HIS D 353 17.99 -54.08 18.65
CA HIS D 353 16.93 -54.21 17.65
C HIS D 353 15.65 -53.67 18.26
N HIS D 354 15.18 -52.54 17.76
CA HIS D 354 13.97 -51.90 18.23
C HIS D 354 12.75 -52.44 17.47
N VAL D 355 11.58 -52.31 18.08
CA VAL D 355 10.35 -52.75 17.43
C VAL D 355 9.77 -51.59 16.64
N ALA D 356 9.38 -51.87 15.40
CA ALA D 356 8.66 -50.94 14.56
C ALA D 356 7.36 -51.63 14.18
N ARG D 357 6.28 -51.20 14.81
CA ARG D 357 4.96 -51.70 14.45
C ARG D 357 4.63 -51.27 13.03
N LYS D 358 4.37 -52.24 12.18
CA LYS D 358 4.00 -52.00 10.79
C LYS D 358 2.78 -52.84 10.47
N LYS D 359 1.92 -52.31 9.60
CA LYS D 359 0.86 -53.12 9.03
C LYS D 359 1.48 -54.08 8.03
N ILE D 360 1.56 -55.36 8.39
CA ILE D 360 2.24 -56.33 7.52
C ILE D 360 1.30 -57.48 7.18
N PRO D 361 0.89 -57.61 5.92
CA PRO D 361 -0.15 -58.58 5.57
C PRO D 361 0.39 -60.00 5.63
N CYS D 362 -0.46 -60.91 6.10
CA CYS D 362 -0.03 -62.26 6.43
C CYS D 362 -1.26 -63.17 6.56
N ILE D 363 -1.01 -64.47 6.72
CA ILE D 363 -2.07 -65.45 6.94
C ILE D 363 -2.80 -65.15 8.25
N PRO D 376 -1.61 -51.68 11.34
CA PRO D 376 -0.62 -52.19 12.30
C PRO D 376 -1.05 -53.52 12.90
N ASN D 377 -0.14 -54.51 12.95
CA ASN D 377 -0.48 -55.83 13.49
C ASN D 377 0.78 -56.61 13.86
N GLY D 378 1.91 -56.28 13.25
CA GLY D 378 3.15 -56.97 13.55
C GLY D 378 4.35 -56.05 13.72
N ILE D 379 5.53 -56.66 13.76
CA ILE D 379 6.74 -55.99 14.22
C ILE D 379 7.89 -56.28 13.27
N LYS D 380 8.60 -55.24 12.84
CA LYS D 380 9.93 -55.37 12.25
C LYS D 380 10.96 -55.06 13.32
N LEU D 381 11.96 -55.93 13.46
CA LEU D 381 13.10 -55.68 14.34
C LEU D 381 14.15 -54.87 13.57
N GLU D 382 14.44 -53.64 14.01
CA GLU D 382 15.33 -52.74 13.28
C GLU D 382 16.40 -52.15 14.19
N GLN D 383 17.65 -52.18 13.73
CA GLN D 383 18.71 -51.43 14.39
C GLN D 383 18.82 -50.05 13.75
N PHE D 384 19.11 -49.03 14.56
CA PHE D 384 19.14 -47.65 14.08
C PHE D 384 20.58 -47.22 13.82
N VAL D 385 20.81 -46.66 12.63
CA VAL D 385 22.19 -46.29 12.29
C VAL D 385 22.74 -45.26 13.26
N PHE D 386 21.89 -44.46 13.88
CA PHE D 386 22.32 -43.36 14.73
C PHE D 386 22.49 -43.77 16.18
N ASP D 387 22.16 -45.01 16.54
CA ASP D 387 22.28 -45.47 17.91
C ASP D 387 23.73 -45.51 18.38
N VAL D 388 24.67 -45.51 17.44
CA VAL D 388 26.07 -45.40 17.83
C VAL D 388 26.48 -43.96 18.12
N PHE D 389 25.68 -42.97 17.72
CA PHE D 389 26.05 -41.58 17.99
C PHE D 389 26.28 -41.31 19.47
N PRO D 390 25.36 -41.63 20.40
CA PRO D 390 25.64 -41.33 21.82
C PRO D 390 26.90 -41.99 22.33
N MET D 391 27.33 -43.10 21.73
CA MET D 391 28.58 -43.78 22.10
C MET D 391 29.81 -43.01 21.64
N THR D 392 29.65 -41.97 20.82
CA THR D 392 30.77 -41.23 20.27
C THR D 392 31.08 -40.02 21.14
N PRO D 393 32.34 -39.81 21.51
CA PRO D 393 32.71 -38.55 22.17
C PRO D 393 32.33 -37.35 21.31
N LEU D 394 31.92 -36.27 21.99
CA LEU D 394 31.53 -35.04 21.31
C LEU D 394 32.64 -34.53 20.41
N GLU D 395 33.88 -34.59 20.88
CA GLU D 395 35.02 -34.21 20.05
C GLU D 395 35.28 -35.19 18.91
N LYS D 396 34.54 -36.30 18.81
CA LYS D 396 34.69 -37.21 17.68
C LYS D 396 33.46 -37.21 16.79
N PHE D 397 32.61 -36.21 16.94
CA PHE D 397 31.37 -36.08 16.19
C PHE D 397 31.30 -34.70 15.56
N ALA D 398 30.73 -34.62 14.35
CA ALA D 398 30.56 -33.34 13.70
C ALA D 398 29.31 -33.37 12.82
N CYS D 399 28.88 -32.19 12.41
CA CYS D 399 27.59 -32.02 11.74
C CYS D 399 27.67 -30.79 10.86
N ILE D 400 27.28 -30.93 9.59
CA ILE D 400 27.31 -29.83 8.65
C ILE D 400 25.91 -29.65 8.08
N GLU D 401 25.42 -28.43 8.11
CA GLU D 401 24.15 -28.07 7.53
C GLU D 401 24.39 -27.66 6.08
N VAL D 402 23.51 -28.12 5.20
CA VAL D 402 23.69 -27.98 3.75
C VAL D 402 22.39 -27.45 3.20
N ARG D 403 22.42 -27.04 1.94
CA ARG D 403 21.25 -26.44 1.29
C ARG D 403 20.34 -27.55 0.79
N ARG D 404 19.14 -27.65 1.38
CA ARG D 404 18.20 -28.70 0.99
C ARG D 404 17.98 -28.70 -0.51
N GLU D 405 17.81 -27.53 -1.12
CA GLU D 405 17.44 -27.48 -2.53
C GLU D 405 18.57 -27.96 -3.43
N ASP D 406 19.79 -28.05 -2.91
CA ASP D 406 20.93 -28.61 -3.65
C ASP D 406 21.27 -30.05 -3.23
N GLU D 407 20.71 -30.57 -2.14
CA GLU D 407 21.30 -31.75 -1.49
C GLU D 407 20.32 -32.81 -1.03
N PHE D 408 19.03 -32.53 -0.88
CA PHE D 408 18.11 -33.48 -0.27
C PHE D 408 16.76 -33.42 -0.96
N SER D 409 16.42 -34.47 -1.69
CA SER D 409 15.13 -34.57 -2.37
C SER D 409 14.70 -36.02 -2.29
N PRO D 410 14.01 -36.40 -1.23
CA PRO D 410 13.72 -37.83 -1.00
C PRO D 410 12.53 -38.30 -1.81
N LEU D 411 12.68 -39.48 -2.41
CA LEU D 411 11.59 -40.14 -3.11
C LEU D 411 10.98 -41.13 -2.12
N LYS D 412 9.91 -40.71 -1.45
CA LYS D 412 9.24 -41.54 -0.45
C LYS D 412 7.89 -42.07 -0.89
N ASN D 413 7.10 -41.28 -1.60
CA ASN D 413 5.70 -41.57 -1.85
C ASN D 413 5.43 -41.71 -3.34
N ALA D 414 4.37 -42.45 -3.65
CA ALA D 414 3.99 -42.69 -5.03
C ALA D 414 3.49 -41.40 -5.68
N ARG D 415 3.56 -41.37 -7.01
CA ARG D 415 3.23 -40.17 -7.76
C ARG D 415 1.84 -39.66 -7.41
N GLY D 416 1.65 -38.35 -7.52
CA GLY D 416 0.41 -37.74 -7.10
C GLY D 416 0.21 -37.80 -5.60
N THR D 417 1.24 -37.42 -4.85
CA THR D 417 1.16 -37.22 -3.40
C THR D 417 1.32 -35.76 -3.00
N GLY D 418 2.09 -34.99 -3.78
CA GLY D 418 2.36 -33.60 -3.48
C GLY D 418 3.55 -33.38 -2.58
N GLU D 419 4.15 -34.44 -2.05
CA GLU D 419 5.25 -34.32 -1.10
C GLU D 419 6.13 -35.55 -1.21
N ASP D 420 7.42 -35.34 -1.47
CA ASP D 420 8.41 -36.42 -1.49
C ASP D 420 7.98 -37.54 -2.46
N ASP D 421 7.58 -37.15 -3.65
CA ASP D 421 7.11 -38.03 -4.70
C ASP D 421 7.91 -37.77 -5.97
N PRO D 422 7.74 -38.58 -7.02
CA PRO D 422 8.54 -38.37 -8.24
C PRO D 422 8.47 -36.95 -8.80
N ASP D 423 7.37 -36.23 -8.60
CA ASP D 423 7.26 -34.89 -9.18
C ASP D 423 8.04 -33.87 -8.37
N THR D 424 8.04 -33.99 -7.04
CA THR D 424 8.86 -33.08 -6.25
C THR D 424 10.34 -33.32 -6.53
N SER D 425 10.74 -34.58 -6.63
CA SER D 425 12.11 -34.93 -6.97
C SER D 425 12.51 -34.39 -8.34
N LYS D 426 11.65 -34.59 -9.35
CA LYS D 426 11.98 -34.12 -10.70
C LYS D 426 12.12 -32.61 -10.74
N ARG D 427 11.23 -31.90 -10.05
CA ARG D 427 11.30 -30.44 -10.07
C ARG D 427 12.53 -29.95 -9.33
N ASP D 428 12.91 -30.61 -8.23
CA ASP D 428 14.12 -30.22 -7.51
C ASP D 428 15.34 -30.32 -8.41
N ILE D 429 15.49 -31.43 -9.11
CA ILE D 429 16.66 -31.60 -9.99
C ILE D 429 16.62 -30.56 -11.10
N MET D 430 15.46 -30.40 -11.74
CA MET D 430 15.42 -29.51 -12.89
C MET D 430 15.45 -28.04 -12.47
N SER D 431 14.87 -27.70 -11.31
CA SER D 431 15.11 -26.37 -10.75
C SER D 431 16.60 -26.13 -10.54
N GLN D 432 17.29 -27.13 -9.99
CA GLN D 432 18.71 -27.00 -9.71
C GLN D 432 19.50 -26.78 -11.00
N GLY D 433 19.16 -27.51 -12.06
CA GLY D 433 19.85 -27.33 -13.32
C GLY D 433 19.71 -25.91 -13.84
N GLN D 434 18.51 -25.34 -13.74
CA GLN D 434 18.30 -23.97 -14.21
C GLN D 434 19.12 -22.98 -13.40
N ARG D 435 19.07 -23.08 -12.06
CA ARG D 435 19.89 -22.21 -11.22
C ARG D 435 21.35 -22.27 -11.64
N TRP D 436 21.87 -23.50 -11.80
CA TRP D 436 23.26 -23.66 -12.21
C TRP D 436 23.53 -22.95 -13.53
N ILE D 437 22.63 -23.13 -14.49
CA ILE D 437 22.85 -22.56 -15.82
C ILE D 437 22.79 -21.04 -15.75
N GLU D 438 21.72 -20.52 -15.12
CA GLU D 438 21.57 -19.07 -14.98
C GLU D 438 22.79 -18.45 -14.30
N LYS D 439 23.23 -19.03 -13.18
CA LYS D 439 24.40 -18.47 -12.49
C LYS D 439 25.67 -18.52 -13.35
N ALA D 440 25.74 -19.42 -14.33
CA ALA D 440 26.91 -19.46 -15.21
C ALA D 440 26.80 -18.49 -16.40
N GLY D 441 25.70 -17.76 -16.53
CA GLY D 441 25.48 -16.84 -17.63
C GLY D 441 24.41 -17.25 -18.61
N GLY D 442 23.86 -18.46 -18.49
CA GLY D 442 22.91 -18.95 -19.47
C GLY D 442 21.51 -18.38 -19.29
N ILE D 443 20.70 -18.51 -20.34
CA ILE D 443 19.40 -17.86 -20.44
C ILE D 443 18.37 -18.96 -20.65
N VAL D 444 17.63 -19.30 -19.61
CA VAL D 444 16.59 -20.31 -19.67
C VAL D 444 15.26 -19.63 -19.88
N ILE D 445 14.53 -20.07 -20.89
CA ILE D 445 13.22 -19.52 -21.22
C ILE D 445 12.19 -20.63 -21.00
N THR D 446 11.19 -20.34 -20.17
CA THR D 446 10.14 -21.30 -19.86
C THR D 446 8.85 -20.85 -20.52
N GLU D 447 8.15 -21.80 -21.17
CA GLU D 447 6.86 -21.54 -21.82
C GLU D 447 6.06 -22.84 -21.73
N GLY D 448 5.49 -23.09 -20.55
CA GLY D 448 4.72 -24.30 -20.31
C GLY D 448 4.93 -24.87 -18.93
N VAL D 451 9.26 -27.02 -17.08
CA VAL D 451 9.98 -26.07 -16.24
C VAL D 451 11.35 -26.62 -15.78
N GLY D 452 12.38 -25.76 -15.84
CA GLY D 452 13.72 -26.14 -15.42
C GLY D 452 14.47 -26.93 -16.48
N VAL D 453 15.71 -27.29 -16.17
CA VAL D 453 16.60 -27.99 -17.10
C VAL D 453 17.30 -29.12 -16.37
N GLU D 454 17.31 -30.31 -16.97
CA GLU D 454 18.10 -31.42 -16.45
C GLU D 454 19.54 -31.30 -16.95
N VAL D 455 20.48 -31.20 -16.02
CA VAL D 455 21.91 -31.14 -16.35
C VAL D 455 22.54 -32.46 -15.93
N SER D 456 23.01 -33.23 -16.91
CA SER D 456 23.60 -34.53 -16.62
C SER D 456 24.75 -34.36 -15.63
N PRO D 457 24.92 -35.27 -14.66
CA PRO D 457 26.09 -35.17 -13.78
C PRO D 457 27.39 -35.25 -14.54
N LEU D 458 27.40 -35.87 -15.73
CA LEU D 458 28.64 -35.96 -16.48
C LEU D 458 29.06 -34.58 -16.99
N ILE D 459 28.13 -33.63 -17.09
CA ILE D 459 28.45 -32.25 -17.44
C ILE D 459 28.88 -31.44 -16.21
N SER D 460 28.15 -31.60 -15.10
CA SER D 460 28.42 -30.83 -13.88
C SER D 460 28.07 -31.65 -12.66
N TYR D 461 29.04 -31.80 -11.74
CA TYR D 461 28.80 -32.46 -10.45
C TYR D 461 27.97 -31.57 -9.53
N GLY D 462 28.33 -30.29 -9.43
CA GLY D 462 27.74 -29.38 -8.45
C GLY D 462 27.64 -27.93 -8.88
N GLY D 463 27.58 -27.68 -10.19
CA GLY D 463 27.45 -26.34 -10.73
C GLY D 463 28.67 -25.86 -11.49
N GLU D 464 29.78 -26.61 -11.44
CA GLU D 464 30.98 -26.24 -12.17
C GLU D 464 30.87 -26.64 -13.64
N GLY D 465 31.73 -26.02 -14.47
CA GLY D 465 31.87 -26.45 -15.84
C GLY D 465 30.76 -26.07 -16.79
N LEU D 466 29.91 -25.10 -16.43
CA LEU D 466 28.84 -24.65 -17.30
C LEU D 466 29.18 -23.34 -18.00
N GLU D 467 30.43 -22.88 -17.90
CA GLU D 467 30.87 -21.66 -18.58
C GLU D 467 30.54 -21.67 -20.08
N PHE D 468 30.54 -22.85 -20.70
CA PHE D 468 30.29 -22.94 -22.12
C PHE D 468 28.88 -22.53 -22.49
N LEU D 469 27.98 -22.45 -21.51
CA LEU D 469 26.61 -22.06 -21.76
C LEU D 469 26.38 -20.56 -21.65
N LYS D 470 27.34 -19.82 -21.09
CA LYS D 470 27.22 -18.38 -20.89
C LYS D 470 26.79 -17.69 -22.18
N GLY D 471 25.67 -16.95 -22.10
CA GLY D 471 25.17 -16.20 -23.24
C GLY D 471 24.21 -16.94 -24.14
N ARG D 472 24.08 -18.25 -23.99
CA ARG D 472 23.22 -19.05 -24.85
C ARG D 472 21.81 -19.14 -24.28
N GLU D 473 20.84 -19.30 -25.18
CA GLU D 473 19.45 -19.45 -24.81
C GLU D 473 19.07 -20.93 -24.77
N ILE D 474 18.25 -21.31 -23.79
CA ILE D 474 17.84 -22.68 -23.54
C ILE D 474 16.33 -22.69 -23.28
N LYS D 475 15.58 -23.40 -24.12
CA LYS D 475 14.12 -23.45 -23.97
C LYS D 475 13.75 -24.61 -23.05
N ALA D 476 13.33 -24.30 -21.83
CA ALA D 476 12.91 -25.34 -20.92
C ALA D 476 11.56 -25.92 -21.37
N PRO D 477 11.35 -27.24 -21.19
CA PRO D 477 12.30 -28.17 -20.57
C PRO D 477 13.47 -28.54 -21.49
N ALA D 478 14.63 -28.85 -20.92
CA ALA D 478 15.79 -29.22 -21.70
C ALA D 478 16.61 -30.26 -20.94
N PHE D 479 17.53 -30.89 -21.67
CA PHE D 479 18.44 -31.89 -21.12
C PHE D 479 19.82 -31.63 -21.72
N ILE D 480 20.82 -31.44 -20.87
CA ILE D 480 22.18 -31.12 -21.26
C ILE D 480 23.05 -32.32 -20.88
N GLU D 481 23.57 -33.01 -21.89
CA GLU D 481 24.33 -34.26 -21.76
C GLU D 481 25.63 -34.11 -22.54
N LYS D 482 26.50 -35.12 -22.45
CA LYS D 482 27.64 -35.20 -23.36
C LYS D 482 27.18 -35.61 -24.77
#